data_7TA1
#
_entry.id   7TA1
#
_cell.length_a   114.607
_cell.length_b   114.607
_cell.length_c   349.326
_cell.angle_alpha   90.000
_cell.angle_beta   90.000
_cell.angle_gamma   120.000
#
_symmetry.space_group_name_H-M   'P 31 2 1'
#
loop_
_entity.id
_entity.type
_entity.pdbx_description
1 polymer 'Ornithine aminotransferase, mitochondrial'
2 non-polymer '4-[({3-HYDROXY-2-METHYL-5-[(PHOSPHONOOXY)METHYL]PYRIDIN-4-YL}METHYL)AMINO]BUTANOIC ACID'
3 non-polymer "PYRIDOXAL-5'-PHOSPHATE"
4 water water
#
_entity_poly.entity_id   1
_entity_poly.type   'polypeptide(L)'
_entity_poly.pdbx_seq_one_letter_code
;MFSKLAHLQRFAVLSRGVHSSVASATSVATKKTVQGPPTSDDIFEREYKYGAHNYHPLPVALERGKGIYLWDVEGRKYFD
FLSSYSAVNQGHCHPKIVNALKSQVDKLTLTSRAFYNNVLGEYEEYITKLFNYHKVLPMNTGVEAGETACKLARKWGYTV
KGIQKYKAKIVFAAGNFWGRTLSAISSSTDPTSYDGFGPFMPGFDIIPYNDLPALERALQDPNVAAFMVEPIQGEAGVVV
PDPGYLMGVRELCTRHQVLFIADEIQTGLARTGRWLAVDYENVRPDIVLLGKALSGGLYPVSAVLCDDDIMLTIKPGEHG
STYGGNPLGCRVAIAALEVLEEENLAENADKLGIILRNELMKLPSDVVTAVRGKGLLNAIVIKETKDWDAWKVCLRLRDN
GLLAKPTHGDIIRFAPPLVIKEDELRESIEIINKTILSF
;
_entity_poly.pdbx_strand_id   A,B,C,D,E,F
#
# COMPACT_ATOMS: atom_id res chain seq x y z
N GLY A 36 15.38 -10.91 -46.13
CA GLY A 36 14.69 -10.29 -45.02
C GLY A 36 13.47 -11.07 -44.57
N PRO A 37 13.15 -10.99 -43.28
CA PRO A 37 11.99 -11.72 -42.77
C PRO A 37 10.71 -11.24 -43.44
N PRO A 38 9.73 -12.13 -43.57
CA PRO A 38 8.48 -11.74 -44.25
C PRO A 38 7.70 -10.69 -43.47
N THR A 39 7.16 -9.72 -44.22
CA THR A 39 6.26 -8.74 -43.63
C THR A 39 4.89 -9.37 -43.38
N SER A 40 4.03 -8.62 -42.69
CA SER A 40 2.67 -9.07 -42.43
C SER A 40 1.94 -9.36 -43.74
N ASP A 41 2.00 -8.43 -44.70
CA ASP A 41 1.39 -8.68 -46.01
C ASP A 41 1.98 -9.91 -46.67
N ASP A 42 3.28 -10.11 -46.55
CA ASP A 42 3.91 -11.32 -47.10
C ASP A 42 3.30 -12.57 -46.47
N ILE A 43 3.15 -12.58 -45.15
CA ILE A 43 2.52 -13.71 -44.45
C ILE A 43 1.12 -13.96 -45.02
N PHE A 44 0.33 -12.89 -45.15
CA PHE A 44 -1.04 -13.03 -45.65
C PHE A 44 -1.04 -13.66 -47.04
N GLU A 45 -0.26 -13.10 -47.97
CA GLU A 45 -0.24 -13.62 -49.34
C GLU A 45 0.25 -15.07 -49.36
N ARG A 46 1.23 -15.42 -48.52
CA ARG A 46 1.74 -16.78 -48.57
C ARG A 46 0.68 -17.79 -48.12
N GLU A 47 0.03 -17.53 -46.98
CA GLU A 47 -1.07 -18.40 -46.58
C GLU A 47 -2.17 -18.45 -47.63
N TYR A 48 -2.49 -17.31 -48.25
CA TYR A 48 -3.52 -17.33 -49.29
C TYR A 48 -3.11 -18.18 -50.48
N LYS A 49 -1.82 -18.21 -50.79
CA LYS A 49 -1.37 -18.93 -51.97
C LYS A 49 -1.33 -20.44 -51.72
N TYR A 50 -0.76 -20.87 -50.59
CA TYR A 50 -0.49 -22.30 -50.39
C TYR A 50 -1.34 -22.94 -49.31
N GLY A 51 -2.22 -22.20 -48.65
CA GLY A 51 -3.07 -22.74 -47.60
C GLY A 51 -4.54 -22.69 -47.97
N ALA A 52 -5.31 -23.62 -47.40
CA ALA A 52 -6.76 -23.63 -47.60
C ALA A 52 -7.39 -22.32 -47.10
N HIS A 53 -8.46 -21.91 -47.78
CA HIS A 53 -9.20 -20.71 -47.41
C HIS A 53 -10.33 -21.00 -46.45
N ASN A 54 -10.10 -21.82 -45.43
CA ASN A 54 -11.14 -22.18 -44.47
C ASN A 54 -11.28 -21.15 -43.37
N TYR A 55 -10.45 -20.10 -43.38
CA TYR A 55 -10.53 -19.01 -42.43
C TYR A 55 -10.38 -17.69 -43.17
N HIS A 56 -10.89 -16.62 -42.56
CA HIS A 56 -10.58 -15.25 -42.96
C HIS A 56 -10.25 -14.51 -41.67
N PRO A 57 -9.00 -14.62 -41.21
CA PRO A 57 -8.64 -14.09 -39.90
C PRO A 57 -8.45 -12.57 -39.92
N LEU A 58 -8.42 -12.00 -38.73
CA LEU A 58 -8.15 -10.58 -38.56
C LEU A 58 -6.75 -10.28 -39.08
N PRO A 59 -6.60 -9.35 -40.03
CA PRO A 59 -5.28 -9.12 -40.62
C PRO A 59 -4.25 -8.63 -39.63
N VAL A 60 -3.61 -9.57 -38.94
CA VAL A 60 -2.51 -9.29 -38.02
C VAL A 60 -1.64 -10.54 -37.97
N ALA A 61 -0.32 -10.35 -38.09
CA ALA A 61 0.62 -11.46 -38.30
C ALA A 61 1.58 -11.52 -37.13
N LEU A 62 1.20 -12.28 -36.11
CA LEU A 62 1.98 -12.39 -34.88
C LEU A 62 3.15 -13.35 -35.04
N GLU A 63 4.23 -13.04 -34.33
CA GLU A 63 5.39 -13.91 -34.26
C GLU A 63 5.85 -14.22 -32.84
N ARG A 64 5.30 -13.54 -31.83
CA ARG A 64 5.71 -13.83 -30.46
C ARG A 64 4.50 -13.65 -29.55
N GLY A 65 4.51 -14.38 -28.43
CA GLY A 65 3.47 -14.19 -27.44
C GLY A 65 3.94 -14.55 -26.04
N LYS A 66 3.50 -13.77 -25.05
CA LYS A 66 3.91 -14.00 -23.67
C LYS A 66 2.88 -13.41 -22.71
N GLY A 67 2.40 -14.24 -21.79
CA GLY A 67 1.43 -13.78 -20.82
C GLY A 67 0.19 -13.30 -21.53
N ILE A 68 -0.17 -12.04 -21.30
CA ILE A 68 -1.36 -11.46 -21.90
C ILE A 68 -1.09 -10.79 -23.24
N TYR A 69 0.14 -10.84 -23.73
CA TYR A 69 0.56 -9.99 -24.83
C TYR A 69 0.96 -10.80 -26.05
N LEU A 70 0.78 -10.17 -27.21
CA LEU A 70 1.22 -10.72 -28.48
C LEU A 70 2.00 -9.67 -29.25
N TRP A 71 2.91 -10.13 -30.12
CA TRP A 71 3.76 -9.28 -30.93
C TRP A 71 3.78 -9.79 -32.36
N ASP A 72 3.62 -8.88 -33.31
CA ASP A 72 3.66 -9.19 -34.73
C ASP A 72 5.08 -9.06 -35.27
N VAL A 73 5.22 -9.34 -36.57
CA VAL A 73 6.54 -9.29 -37.21
C VAL A 73 7.09 -7.86 -37.21
N GLU A 74 6.22 -6.85 -37.23
CA GLU A 74 6.67 -5.47 -37.17
C GLU A 74 7.10 -5.03 -35.77
N GLY A 75 6.94 -5.90 -34.76
CA GLY A 75 7.30 -5.55 -33.41
C GLY A 75 6.19 -4.92 -32.60
N ARG A 76 5.01 -4.73 -33.19
CA ARG A 76 3.93 -4.04 -32.49
C ARG A 76 3.36 -4.89 -31.36
N LYS A 77 2.92 -4.24 -30.30
CA LYS A 77 2.44 -4.88 -29.09
C LYS A 77 0.92 -4.87 -29.05
N TYR A 78 0.31 -6.00 -28.64
CA TYR A 78 -1.13 -6.12 -28.61
C TYR A 78 -1.59 -6.83 -27.34
N PHE A 79 -2.71 -6.37 -26.80
CA PHE A 79 -3.47 -7.14 -25.82
C PHE A 79 -4.17 -8.28 -26.54
N ASP A 80 -4.07 -9.49 -26.00
CA ASP A 80 -4.84 -10.63 -26.51
C ASP A 80 -6.14 -10.72 -25.72
N PHE A 81 -7.26 -10.44 -26.38
CA PHE A 81 -8.56 -10.57 -25.74
C PHE A 81 -9.39 -11.72 -26.31
N LEU A 82 -8.74 -12.69 -26.94
CA LEU A 82 -9.42 -13.90 -27.36
C LEU A 82 -8.91 -15.13 -26.61
N SER A 83 -7.61 -15.14 -26.25
CA SER A 83 -6.99 -16.21 -25.47
C SER A 83 -7.11 -17.59 -26.14
N SER A 84 -7.03 -17.61 -27.47
CA SER A 84 -7.16 -18.83 -28.25
C SER A 84 -8.35 -19.67 -27.78
N TYR A 85 -9.49 -18.99 -27.65
CA TYR A 85 -10.76 -19.61 -27.26
C TYR A 85 -10.67 -20.29 -25.90
N SER A 86 -9.88 -19.70 -25.00
CA SER A 86 -9.61 -20.10 -23.61
C SER A 86 -8.43 -21.07 -23.54
N ALA A 87 -7.81 -21.42 -24.67
CA ALA A 87 -6.70 -22.37 -24.62
C ALA A 87 -5.49 -21.81 -23.87
N VAL A 88 -5.29 -20.50 -23.90
CA VAL A 88 -4.17 -19.91 -23.17
C VAL A 88 -4.69 -19.12 -21.98
N ASN A 89 -5.59 -19.73 -21.21
CA ASN A 89 -6.02 -19.17 -19.93
C ASN A 89 -4.83 -18.78 -19.07
N GLN A 90 -3.75 -19.57 -19.14
CA GLN A 90 -2.54 -19.33 -18.38
C GLN A 90 -1.62 -18.30 -19.04
N GLY A 91 -2.07 -17.66 -20.10
CA GLY A 91 -1.20 -16.77 -20.85
C GLY A 91 -0.33 -17.53 -21.83
N HIS A 92 0.09 -16.83 -22.88
CA HIS A 92 0.99 -17.42 -23.86
C HIS A 92 2.31 -17.84 -23.22
N CYS A 93 2.71 -19.09 -23.47
CA CYS A 93 4.05 -19.58 -23.15
C CYS A 93 4.36 -19.48 -21.66
N HIS A 94 3.42 -19.94 -20.83
CA HIS A 94 3.62 -19.88 -19.39
C HIS A 94 4.83 -20.72 -19.00
N PRO A 95 5.78 -20.17 -18.23
CA PRO A 95 7.08 -20.87 -18.02
C PRO A 95 6.97 -22.28 -17.48
N LYS A 96 6.07 -22.55 -16.52
CA LYS A 96 6.03 -23.87 -15.91
C LYS A 96 5.64 -24.93 -16.94
N ILE A 97 4.65 -24.62 -17.79
CA ILE A 97 4.20 -25.59 -18.79
C ILE A 97 5.25 -25.77 -19.87
N VAL A 98 5.95 -24.69 -20.22
CA VAL A 98 7.06 -24.78 -21.16
C VAL A 98 8.16 -25.68 -20.59
N ASN A 99 8.44 -25.55 -19.29
CA ASN A 99 9.46 -26.39 -18.67
C ASN A 99 9.05 -27.86 -18.68
N ALA A 100 7.77 -28.14 -18.40
CA ALA A 100 7.31 -29.52 -18.43
C ALA A 100 7.47 -30.12 -19.84
N LEU A 101 7.00 -29.38 -20.84
CA LEU A 101 7.17 -29.82 -22.23
C LEU A 101 8.63 -30.10 -22.54
N LYS A 102 9.52 -29.14 -22.24
CA LYS A 102 10.94 -29.28 -22.57
C LYS A 102 11.57 -30.47 -21.85
N SER A 103 11.23 -30.67 -20.58
CA SER A 103 11.81 -31.78 -19.82
C SER A 103 11.35 -33.12 -20.38
N GLN A 104 10.09 -33.21 -20.80
CA GLN A 104 9.58 -34.49 -21.28
C GLN A 104 10.04 -34.80 -22.71
N VAL A 105 10.13 -33.77 -23.55
CA VAL A 105 10.45 -33.97 -24.97
C VAL A 105 11.77 -34.69 -25.18
N ASP A 106 12.72 -34.56 -24.25
CA ASP A 106 14.00 -35.26 -24.39
C ASP A 106 13.91 -36.72 -23.96
N LYS A 107 12.90 -37.07 -23.15
CA LYS A 107 12.77 -38.41 -22.60
C LYS A 107 11.96 -39.33 -23.50
N LEU A 108 10.71 -38.97 -23.76
CA LEU A 108 9.76 -39.85 -24.42
C LEU A 108 8.50 -39.06 -24.80
N THR A 109 8.06 -39.17 -26.05
CA THR A 109 6.93 -38.39 -26.53
C THR A 109 5.73 -39.23 -26.96
N LEU A 110 5.94 -40.41 -27.51
CA LEU A 110 4.82 -41.18 -28.06
C LEU A 110 5.18 -42.65 -28.10
N THR A 111 4.54 -43.45 -27.26
CA THR A 111 4.64 -44.90 -27.34
C THR A 111 3.49 -45.53 -28.10
N SER A 112 2.43 -44.77 -28.39
CA SER A 112 1.10 -45.27 -28.76
C SER A 112 0.49 -46.04 -27.60
N ARG A 113 -0.77 -46.47 -27.74
CA ARG A 113 -1.44 -47.16 -26.66
C ARG A 113 -1.31 -48.67 -26.72
N ALA A 114 -0.63 -49.22 -27.73
CA ALA A 114 -0.27 -50.63 -27.72
C ALA A 114 0.56 -50.99 -26.49
N PHE A 115 1.31 -50.04 -25.94
CA PHE A 115 2.08 -50.25 -24.73
C PHE A 115 1.76 -49.16 -23.72
N TYR A 116 2.15 -49.39 -22.47
CA TYR A 116 2.04 -48.38 -21.43
C TYR A 116 3.21 -47.41 -21.47
N ASN A 117 2.94 -46.15 -21.11
CA ASN A 117 3.98 -45.22 -20.72
C ASN A 117 3.82 -44.88 -19.24
N ASN A 118 4.84 -44.23 -18.68
CA ASN A 118 4.89 -44.02 -17.24
C ASN A 118 4.11 -42.80 -16.77
N VAL A 119 3.80 -41.87 -17.66
CA VAL A 119 3.18 -40.61 -17.26
C VAL A 119 1.65 -40.72 -17.19
N LEU A 120 1.05 -41.51 -18.07
CA LEU A 120 -0.40 -41.42 -18.28
C LEU A 120 -1.17 -41.73 -17.00
N GLY A 121 -0.78 -42.77 -16.27
CA GLY A 121 -1.47 -43.09 -15.03
C GLY A 121 -1.38 -41.97 -14.01
N GLU A 122 -0.22 -41.31 -13.96
CA GLU A 122 -0.03 -40.16 -13.07
C GLU A 122 -1.02 -39.05 -13.38
N TYR A 123 -1.07 -38.64 -14.65
CA TYR A 123 -2.01 -37.63 -15.10
C TYR A 123 -3.45 -38.02 -14.79
N GLU A 124 -3.81 -39.27 -15.10
CA GLU A 124 -5.19 -39.73 -14.90
C GLU A 124 -5.58 -39.64 -13.43
N GLU A 125 -4.70 -40.12 -12.55
CA GLU A 125 -5.01 -40.07 -11.12
C GLU A 125 -5.17 -38.62 -10.66
N TYR A 126 -4.27 -37.75 -11.10
CA TYR A 126 -4.34 -36.35 -10.70
C TYR A 126 -5.65 -35.71 -11.14
N ILE A 127 -5.99 -35.84 -12.43
CA ILE A 127 -7.14 -35.12 -12.96
C ILE A 127 -8.45 -35.71 -12.44
N THR A 128 -8.53 -37.03 -12.29
CA THR A 128 -9.77 -37.64 -11.81
C THR A 128 -9.99 -37.36 -10.33
N LYS A 129 -8.92 -37.16 -9.55
CA LYS A 129 -9.14 -36.72 -8.18
C LYS A 129 -9.37 -35.22 -8.08
N LEU A 130 -8.89 -34.45 -9.05
CA LEU A 130 -9.17 -33.02 -9.05
C LEU A 130 -10.65 -32.76 -9.30
N PHE A 131 -11.24 -33.45 -10.27
CA PHE A 131 -12.65 -33.24 -10.58
C PHE A 131 -13.58 -34.26 -9.94
N ASN A 132 -13.04 -35.28 -9.27
CA ASN A 132 -13.81 -36.22 -8.45
C ASN A 132 -14.70 -37.13 -9.31
N TYR A 133 -14.19 -37.58 -10.44
CA TYR A 133 -14.82 -38.65 -11.19
C TYR A 133 -13.99 -39.91 -11.08
N HIS A 134 -14.63 -41.05 -11.36
CA HIS A 134 -13.93 -42.32 -11.30
C HIS A 134 -12.81 -42.37 -12.33
N LYS A 135 -13.08 -41.92 -13.56
CA LYS A 135 -12.15 -42.21 -14.64
C LYS A 135 -12.17 -41.10 -15.70
N VAL A 136 -11.09 -41.10 -16.47
CA VAL A 136 -10.87 -40.16 -17.57
C VAL A 136 -10.47 -40.97 -18.79
N LEU A 137 -10.96 -40.55 -19.96
CA LEU A 137 -10.51 -41.05 -21.24
C LEU A 137 -9.81 -39.92 -21.95
N PRO A 138 -8.52 -40.06 -22.22
CA PRO A 138 -7.76 -38.97 -22.83
C PRO A 138 -7.88 -38.95 -24.35
N MET A 139 -8.11 -37.77 -24.92
CA MET A 139 -8.11 -37.55 -26.35
C MET A 139 -7.24 -36.34 -26.64
N ASN A 140 -7.19 -35.91 -27.90
CA ASN A 140 -6.35 -34.79 -28.30
C ASN A 140 -7.14 -33.49 -28.43
N THR A 141 -8.09 -33.43 -29.37
CA THR A 141 -8.83 -32.21 -29.63
C THR A 141 -10.21 -32.26 -28.97
N GLY A 142 -10.80 -31.08 -28.81
CA GLY A 142 -12.11 -30.99 -28.16
C GLY A 142 -13.19 -31.79 -28.87
N VAL A 143 -13.20 -31.74 -30.21
CA VAL A 143 -14.18 -32.49 -30.97
C VAL A 143 -14.04 -33.98 -30.70
N GLU A 144 -12.81 -34.47 -30.50
CA GLU A 144 -12.62 -35.87 -30.16
C GLU A 144 -13.21 -36.19 -28.80
N ALA A 145 -13.07 -35.27 -27.83
CA ALA A 145 -13.73 -35.47 -26.54
C ALA A 145 -15.24 -35.54 -26.72
N GLY A 146 -15.79 -34.71 -27.61
CA GLY A 146 -17.23 -34.77 -27.87
C GLY A 146 -17.66 -36.08 -28.51
N GLU A 147 -16.94 -36.50 -29.55
CA GLU A 147 -17.19 -37.81 -30.19
C GLU A 147 -17.14 -38.94 -29.18
N THR A 148 -16.09 -38.93 -28.33
CA THR A 148 -15.97 -39.92 -27.27
C THR A 148 -17.19 -39.90 -26.36
N ALA A 149 -17.64 -38.70 -25.98
CA ALA A 149 -18.83 -38.59 -25.14
C ALA A 149 -20.06 -39.18 -25.83
N CYS A 150 -20.20 -38.93 -27.13
CA CYS A 150 -21.35 -39.47 -27.85
C CYS A 150 -21.31 -41.00 -27.91
N LYS A 151 -20.13 -41.55 -28.19
CA LYS A 151 -19.98 -43.00 -28.21
C LYS A 151 -20.27 -43.60 -26.83
N LEU A 152 -19.76 -42.98 -25.77
CA LEU A 152 -20.06 -43.39 -24.41
C LEU A 152 -21.57 -43.37 -24.16
N ALA A 153 -22.23 -42.28 -24.53
CA ALA A 153 -23.67 -42.15 -24.34
C ALA A 153 -24.41 -43.29 -25.03
N ARG A 154 -24.08 -43.56 -26.29
CA ARG A 154 -24.78 -44.60 -27.05
C ARG A 154 -24.52 -45.99 -26.48
N LYS A 155 -23.25 -46.30 -26.18
CA LYS A 155 -22.93 -47.59 -25.57
C LYS A 155 -23.65 -47.79 -24.26
N TRP A 156 -23.65 -46.77 -23.40
CA TRP A 156 -24.37 -46.86 -22.13
C TRP A 156 -25.87 -47.04 -22.35
N GLY A 157 -26.44 -46.32 -23.31
CA GLY A 157 -27.86 -46.48 -23.59
C GLY A 157 -28.21 -47.90 -24.01
N TYR A 158 -27.45 -48.45 -24.96
CA TYR A 158 -27.72 -49.80 -25.44
C TYR A 158 -27.47 -50.85 -24.37
N THR A 159 -26.39 -50.71 -23.59
CA THR A 159 -25.94 -51.78 -22.70
C THR A 159 -26.37 -51.62 -21.26
N VAL A 160 -26.72 -50.42 -20.80
CA VAL A 160 -27.18 -50.20 -19.43
C VAL A 160 -28.66 -49.84 -19.39
N LYS A 161 -29.09 -48.93 -20.26
CA LYS A 161 -30.48 -48.49 -20.27
C LYS A 161 -31.38 -49.44 -21.05
N GLY A 162 -30.82 -50.29 -21.89
CA GLY A 162 -31.61 -51.25 -22.63
C GLY A 162 -32.21 -50.73 -23.91
N ILE A 163 -31.74 -49.60 -24.41
CA ILE A 163 -32.25 -49.08 -25.68
C ILE A 163 -31.90 -50.05 -26.78
N GLN A 164 -32.86 -50.32 -27.67
CA GLN A 164 -32.61 -51.27 -28.75
C GLN A 164 -31.64 -50.68 -29.75
N LYS A 165 -30.75 -51.53 -30.26
CA LYS A 165 -29.83 -51.11 -31.30
C LYS A 165 -30.61 -51.06 -32.62
N TYR A 166 -30.56 -49.92 -33.30
CA TYR A 166 -29.80 -48.73 -32.91
C TYR A 166 -30.69 -47.51 -32.81
N LYS A 167 -31.45 -47.37 -31.72
CA LYS A 167 -32.43 -46.31 -31.59
C LYS A 167 -32.03 -45.22 -30.61
N ALA A 168 -30.77 -45.18 -30.19
CA ALA A 168 -30.35 -44.23 -29.17
C ALA A 168 -30.30 -42.81 -29.74
N LYS A 169 -30.88 -41.86 -29.00
CA LYS A 169 -30.88 -40.45 -29.37
C LYS A 169 -30.07 -39.64 -28.36
N ILE A 170 -29.36 -38.63 -28.86
CA ILE A 170 -28.72 -37.61 -28.05
C ILE A 170 -29.32 -36.27 -28.40
N VAL A 171 -29.70 -35.49 -27.38
CA VAL A 171 -30.27 -34.17 -27.58
C VAL A 171 -29.20 -33.12 -27.35
N PHE A 172 -29.21 -32.09 -28.19
CA PHE A 172 -28.33 -30.93 -28.10
C PHE A 172 -29.17 -29.66 -28.03
N ALA A 173 -28.51 -28.56 -27.69
CA ALA A 173 -29.13 -27.25 -27.67
C ALA A 173 -28.76 -26.47 -28.92
N ALA A 174 -29.74 -25.77 -29.49
CA ALA A 174 -29.48 -24.90 -30.64
C ALA A 174 -28.43 -23.86 -30.30
N GLY A 175 -27.58 -23.55 -31.26
CA GLY A 175 -26.43 -22.69 -31.05
C GLY A 175 -25.21 -23.37 -30.48
N ASN A 176 -25.29 -24.67 -30.19
CA ASN A 176 -24.14 -25.42 -29.73
C ASN A 176 -23.02 -25.40 -30.77
N PHE A 177 -21.78 -25.46 -30.28
CA PHE A 177 -20.63 -25.74 -31.13
C PHE A 177 -19.69 -26.66 -30.38
N TRP A 178 -19.38 -27.82 -30.97
CA TRP A 178 -18.39 -28.70 -30.35
C TRP A 178 -17.43 -29.33 -31.35
N GLY A 179 -17.30 -28.79 -32.56
CA GLY A 179 -16.24 -29.22 -33.44
C GLY A 179 -16.64 -29.09 -34.89
N ARG A 180 -15.81 -29.69 -35.75
CA ARG A 180 -15.98 -29.62 -37.20
C ARG A 180 -16.07 -31.00 -37.85
N THR A 181 -16.19 -32.06 -37.07
CA THR A 181 -16.46 -33.36 -37.66
C THR A 181 -17.89 -33.39 -38.20
N LEU A 182 -18.19 -34.42 -38.99
CA LEU A 182 -19.54 -34.56 -39.54
C LEU A 182 -20.57 -34.71 -38.42
N SER A 183 -20.23 -35.48 -37.39
CA SER A 183 -21.12 -35.62 -36.24
C SER A 183 -21.39 -34.26 -35.58
N ALA A 184 -20.32 -33.51 -35.29
CA ALA A 184 -20.46 -32.24 -34.60
C ALA A 184 -21.37 -31.28 -35.35
N ILE A 185 -21.13 -31.12 -36.66
CA ILE A 185 -21.96 -30.23 -37.46
C ILE A 185 -23.38 -30.78 -37.62
N SER A 186 -23.56 -32.10 -37.48
CA SER A 186 -24.92 -32.66 -37.55
C SER A 186 -25.80 -32.23 -36.39
N SER A 187 -25.22 -31.76 -35.28
CA SER A 187 -25.99 -31.19 -34.18
C SER A 187 -26.16 -29.69 -34.28
N SER A 188 -25.52 -29.05 -35.24
CA SER A 188 -25.44 -27.59 -35.28
C SER A 188 -26.66 -26.97 -35.95
N THR A 189 -27.01 -25.77 -35.48
CA THR A 189 -28.00 -24.92 -36.11
C THR A 189 -27.37 -23.73 -36.83
N ASP A 190 -26.05 -23.75 -37.00
CA ASP A 190 -25.34 -22.69 -37.69
C ASP A 190 -25.10 -23.13 -39.13
N PRO A 191 -25.78 -22.53 -40.11
CA PRO A 191 -25.62 -22.99 -41.50
C PRO A 191 -24.17 -23.10 -41.96
N THR A 192 -23.28 -22.24 -41.48
CA THR A 192 -21.90 -22.30 -41.92
C THR A 192 -21.20 -23.57 -41.45
N SER A 193 -21.68 -24.18 -40.37
CA SER A 193 -21.12 -25.44 -39.92
C SER A 193 -21.56 -26.61 -40.80
N TYR A 194 -22.86 -26.69 -41.11
CA TYR A 194 -23.41 -27.89 -41.72
C TYR A 194 -23.70 -27.77 -43.21
N ASP A 195 -23.94 -26.57 -43.73
CA ASP A 195 -24.38 -26.43 -45.12
C ASP A 195 -23.35 -26.99 -46.08
N GLY A 196 -23.79 -27.93 -46.92
CA GLY A 196 -22.92 -28.55 -47.90
C GLY A 196 -22.09 -29.69 -47.39
N PHE A 197 -22.37 -30.19 -46.19
CA PHE A 197 -21.58 -31.26 -45.62
C PHE A 197 -22.42 -32.48 -45.25
N GLY A 198 -23.70 -32.49 -45.60
CA GLY A 198 -24.56 -33.63 -45.34
C GLY A 198 -24.35 -34.73 -46.35
N PRO A 199 -25.01 -35.88 -46.12
CA PRO A 199 -26.05 -36.15 -45.11
C PRO A 199 -25.53 -36.18 -43.69
N PHE A 200 -26.43 -36.17 -42.72
CA PHE A 200 -26.10 -35.84 -41.35
C PHE A 200 -26.34 -37.02 -40.44
N MET A 201 -25.66 -37.01 -39.31
CA MET A 201 -25.73 -38.10 -38.34
C MET A 201 -27.16 -38.26 -37.82
N PRO A 202 -27.73 -39.45 -37.88
CA PRO A 202 -29.03 -39.68 -37.26
C PRO A 202 -28.89 -39.85 -35.75
N GLY A 203 -30.02 -39.71 -35.08
CA GLY A 203 -30.06 -39.81 -33.63
C GLY A 203 -29.70 -38.55 -32.87
N PHE A 204 -29.49 -37.43 -33.56
CA PHE A 204 -29.19 -36.15 -32.91
C PHE A 204 -30.45 -35.29 -32.95
N ASP A 205 -31.09 -35.12 -31.81
CA ASP A 205 -32.23 -34.22 -31.68
C ASP A 205 -31.75 -32.85 -31.21
N ILE A 206 -32.43 -31.80 -31.66
CA ILE A 206 -32.06 -30.44 -31.32
C ILE A 206 -33.23 -29.75 -30.63
N ILE A 207 -32.95 -29.09 -29.52
CA ILE A 207 -33.95 -28.28 -28.81
C ILE A 207 -33.35 -26.90 -28.56
N PRO A 208 -34.18 -25.90 -28.32
CA PRO A 208 -33.64 -24.57 -28.01
C PRO A 208 -32.81 -24.57 -26.74
N TYR A 209 -31.83 -23.66 -26.70
CA TYR A 209 -31.03 -23.44 -25.52
C TYR A 209 -31.87 -22.75 -24.45
N ASN A 210 -31.45 -22.90 -23.20
CA ASN A 210 -32.06 -22.20 -22.07
C ASN A 210 -33.58 -22.40 -22.06
N ASP A 211 -34.00 -23.65 -22.24
CA ASP A 211 -35.42 -24.00 -22.36
C ASP A 211 -35.65 -25.34 -21.66
N LEU A 212 -35.99 -25.28 -20.37
CA LEU A 212 -36.29 -26.49 -19.61
C LEU A 212 -37.55 -27.20 -20.09
N PRO A 213 -38.65 -26.50 -20.42
CA PRO A 213 -39.83 -27.23 -20.93
C PRO A 213 -39.55 -28.01 -22.21
N ALA A 214 -38.76 -27.44 -23.13
CA ALA A 214 -38.40 -28.18 -24.33
C ALA A 214 -37.58 -29.41 -23.99
N LEU A 215 -36.69 -29.29 -23.01
CA LEU A 215 -35.86 -30.42 -22.59
C LEU A 215 -36.73 -31.54 -22.00
N GLU A 216 -37.66 -31.18 -21.11
CA GLU A 216 -38.62 -32.15 -20.57
C GLU A 216 -39.37 -32.88 -21.68
N ARG A 217 -39.99 -32.12 -22.59
CA ARG A 217 -40.69 -32.73 -23.71
C ARG A 217 -39.78 -33.67 -24.48
N ALA A 218 -38.54 -33.24 -24.74
CA ALA A 218 -37.62 -34.08 -25.49
C ALA A 218 -37.26 -35.34 -24.70
N LEU A 219 -37.18 -35.24 -23.37
CA LEU A 219 -36.78 -36.36 -22.55
C LEU A 219 -37.93 -37.29 -22.25
N GLN A 220 -39.10 -37.04 -22.86
CA GLN A 220 -40.15 -38.04 -22.78
C GLN A 220 -39.83 -39.30 -23.59
N ASP A 221 -39.03 -39.19 -24.63
CA ASP A 221 -38.62 -40.35 -25.43
C ASP A 221 -37.69 -41.27 -24.64
N PRO A 222 -38.08 -42.52 -24.36
CA PRO A 222 -37.19 -43.41 -23.60
C PRO A 222 -35.91 -43.78 -24.33
N ASN A 223 -35.84 -43.59 -25.64
CA ASN A 223 -34.63 -43.89 -26.42
C ASN A 223 -33.58 -42.79 -26.33
N VAL A 224 -33.84 -41.71 -25.61
CA VAL A 224 -32.82 -40.68 -25.41
C VAL A 224 -31.76 -41.21 -24.43
N ALA A 225 -30.51 -41.19 -24.86
CA ALA A 225 -29.41 -41.60 -24.01
C ALA A 225 -28.75 -40.44 -23.26
N ALA A 226 -28.66 -39.26 -23.89
CA ALA A 226 -27.91 -38.18 -23.28
C ALA A 226 -28.40 -36.83 -23.79
N PHE A 227 -28.21 -35.82 -22.94
CA PHE A 227 -28.32 -34.42 -23.29
C PHE A 227 -26.96 -33.78 -23.13
N MET A 228 -26.44 -33.21 -24.21
CA MET A 228 -25.16 -32.54 -24.21
C MET A 228 -25.37 -31.03 -24.34
N VAL A 229 -24.70 -30.26 -23.50
CA VAL A 229 -24.95 -28.83 -23.41
C VAL A 229 -23.70 -28.12 -22.90
N GLU A 230 -23.49 -26.89 -23.38
CA GLU A 230 -22.48 -25.95 -22.90
C GLU A 230 -23.06 -25.13 -21.75
N PRO A 231 -22.37 -25.03 -20.61
CA PRO A 231 -22.87 -24.18 -19.54
C PRO A 231 -23.04 -22.73 -19.97
N ILE A 232 -22.15 -22.24 -20.84
CA ILE A 232 -22.33 -21.00 -21.56
C ILE A 232 -21.94 -21.28 -23.01
N GLN A 233 -22.75 -20.81 -23.96
CA GLN A 233 -22.49 -21.09 -25.36
C GLN A 233 -21.45 -20.09 -25.86
N GLY A 234 -20.22 -20.58 -26.05
CA GLY A 234 -19.12 -19.74 -26.48
C GLY A 234 -19.28 -19.19 -27.89
N GLU A 235 -19.05 -20.05 -28.88
CA GLU A 235 -19.03 -19.59 -30.27
C GLU A 235 -20.37 -19.00 -30.71
N ALA A 236 -21.46 -19.32 -30.02
CA ALA A 236 -22.74 -18.68 -30.32
C ALA A 236 -22.74 -17.20 -30.00
N GLY A 237 -21.77 -16.73 -29.22
CA GLY A 237 -21.71 -15.32 -28.85
C GLY A 237 -21.80 -15.08 -27.37
N VAL A 238 -21.20 -15.99 -26.58
CA VAL A 238 -21.23 -15.93 -25.12
C VAL A 238 -22.68 -15.82 -24.65
N VAL A 239 -23.45 -16.87 -24.90
CA VAL A 239 -24.86 -16.91 -24.49
C VAL A 239 -24.92 -17.52 -23.09
N VAL A 240 -25.26 -16.71 -22.10
CA VAL A 240 -25.35 -17.15 -20.71
C VAL A 240 -26.80 -17.49 -20.42
N PRO A 241 -27.13 -18.74 -20.12
CA PRO A 241 -28.53 -19.10 -19.86
C PRO A 241 -29.02 -18.51 -18.55
N ASP A 242 -30.28 -18.74 -18.22
CA ASP A 242 -30.84 -18.09 -17.07
C ASP A 242 -30.49 -18.85 -15.79
N PRO A 243 -30.39 -18.16 -14.66
CA PRO A 243 -30.16 -18.85 -13.38
C PRO A 243 -31.14 -20.00 -13.18
N GLY A 244 -30.61 -21.14 -12.76
CA GLY A 244 -31.40 -22.33 -12.55
C GLY A 244 -31.49 -23.24 -13.75
N TYR A 245 -31.02 -22.80 -14.93
CA TYR A 245 -31.06 -23.65 -16.11
C TYR A 245 -30.24 -24.92 -15.89
N LEU A 246 -29.02 -24.76 -15.39
CA LEU A 246 -28.11 -25.90 -15.24
C LEU A 246 -28.67 -26.90 -14.22
N MET A 247 -29.15 -26.40 -13.08
CA MET A 247 -29.80 -27.26 -12.10
C MET A 247 -31.04 -27.92 -12.67
N GLY A 248 -31.85 -27.16 -13.42
CA GLY A 248 -32.95 -27.78 -14.12
C GLY A 248 -32.48 -28.97 -14.94
N VAL A 249 -31.45 -28.74 -15.79
CA VAL A 249 -30.95 -29.76 -16.72
C VAL A 249 -30.52 -31.00 -15.93
N ARG A 250 -29.75 -30.80 -14.87
CA ARG A 250 -29.38 -31.91 -14.00
C ARG A 250 -30.62 -32.69 -13.53
N GLU A 251 -31.64 -31.99 -13.02
CA GLU A 251 -32.85 -32.66 -12.53
C GLU A 251 -33.58 -33.40 -13.64
N LEU A 252 -33.73 -32.73 -14.80
CA LEU A 252 -34.44 -33.34 -15.93
C LEU A 252 -33.69 -34.56 -16.45
N CYS A 253 -32.36 -34.54 -16.52
CA CYS A 253 -31.59 -35.71 -16.90
C CYS A 253 -31.70 -36.85 -15.87
N THR A 254 -31.61 -36.50 -14.58
CA THR A 254 -31.71 -37.52 -13.54
C THR A 254 -33.07 -38.21 -13.54
N ARG A 255 -34.15 -37.44 -13.71
CA ARG A 255 -35.49 -38.00 -13.59
C ARG A 255 -35.82 -38.96 -14.74
N HIS A 256 -35.26 -38.73 -15.92
CA HIS A 256 -35.57 -39.54 -17.10
C HIS A 256 -34.48 -40.56 -17.43
N GLN A 257 -33.51 -40.75 -16.54
CA GLN A 257 -32.39 -41.67 -16.77
C GLN A 257 -31.63 -41.29 -18.05
N VAL A 258 -31.24 -40.02 -18.12
CA VAL A 258 -30.54 -39.47 -19.27
C VAL A 258 -29.21 -38.91 -18.79
N LEU A 259 -28.15 -39.16 -19.57
CA LEU A 259 -26.82 -38.69 -19.18
C LEU A 259 -26.65 -37.20 -19.48
N PHE A 260 -26.22 -36.45 -18.48
CA PHE A 260 -25.92 -35.03 -18.62
C PHE A 260 -24.46 -34.88 -19.03
N ILE A 261 -24.22 -34.47 -20.27
CA ILE A 261 -22.88 -34.16 -20.77
C ILE A 261 -22.72 -32.64 -20.74
N ALA A 262 -21.74 -32.18 -19.97
CA ALA A 262 -21.38 -30.77 -19.92
C ALA A 262 -20.10 -30.57 -20.71
N ASP A 263 -20.19 -29.80 -21.79
CA ASP A 263 -19.03 -29.43 -22.57
C ASP A 263 -18.44 -28.17 -21.94
N GLU A 264 -17.40 -28.35 -21.13
CA GLU A 264 -16.69 -27.25 -20.50
C GLU A 264 -15.36 -26.99 -21.17
N ILE A 265 -15.23 -27.39 -22.44
CA ILE A 265 -13.97 -27.23 -23.17
C ILE A 265 -13.58 -25.75 -23.22
N GLN A 266 -14.56 -24.88 -23.45
CA GLN A 266 -14.28 -23.45 -23.39
C GLN A 266 -14.55 -22.84 -22.03
N THR A 267 -15.58 -23.31 -21.33
CA THR A 267 -15.99 -22.70 -20.07
C THR A 267 -15.25 -23.24 -18.86
N GLY A 268 -14.66 -24.43 -18.95
CA GLY A 268 -13.96 -25.00 -17.82
C GLY A 268 -12.59 -24.40 -17.61
N LEU A 269 -11.95 -24.82 -16.51
CA LEU A 269 -10.56 -24.48 -16.21
C LEU A 269 -10.38 -22.98 -15.99
N ALA A 270 -11.14 -22.47 -15.03
CA ALA A 270 -10.96 -21.15 -14.44
C ALA A 270 -11.51 -19.99 -15.28
N ARG A 271 -11.80 -20.22 -16.56
CA ARG A 271 -12.18 -19.11 -17.45
C ARG A 271 -13.37 -18.30 -16.94
N THR A 272 -14.42 -18.97 -16.44
CA THR A 272 -15.64 -18.28 -16.03
C THR A 272 -15.69 -17.89 -14.54
N GLY A 273 -14.63 -18.07 -13.78
CA GLY A 273 -14.61 -17.74 -12.37
C GLY A 273 -14.85 -18.92 -11.42
N ARG A 274 -14.91 -20.14 -11.95
CA ARG A 274 -14.90 -21.38 -11.17
C ARG A 274 -14.06 -22.40 -11.92
N TRP A 275 -13.75 -23.54 -11.27
CA TRP A 275 -13.02 -24.58 -12.00
C TRP A 275 -13.89 -25.16 -13.11
N LEU A 276 -15.18 -25.31 -12.86
CA LEU A 276 -16.16 -25.62 -13.89
C LEU A 276 -17.29 -24.60 -13.80
N ALA A 277 -17.79 -24.16 -14.97
CA ALA A 277 -18.93 -23.26 -14.97
C ALA A 277 -20.13 -23.84 -14.23
N VAL A 278 -20.33 -25.16 -14.32
CA VAL A 278 -21.44 -25.81 -13.63
C VAL A 278 -21.35 -25.68 -12.12
N ASP A 279 -20.16 -25.36 -11.60
CA ASP A 279 -19.98 -25.15 -10.17
C ASP A 279 -20.82 -24.00 -9.64
N TYR A 280 -21.12 -23.02 -10.49
CA TYR A 280 -21.94 -21.88 -10.06
C TYR A 280 -23.28 -22.34 -9.52
N GLU A 281 -23.81 -23.46 -10.00
CA GLU A 281 -25.07 -24.00 -9.53
C GLU A 281 -24.88 -25.34 -8.80
N ASN A 282 -23.63 -25.71 -8.47
CA ASN A 282 -23.33 -26.95 -7.75
C ASN A 282 -23.90 -28.17 -8.45
N VAL A 283 -23.71 -28.23 -9.76
CA VAL A 283 -24.27 -29.30 -10.58
C VAL A 283 -23.15 -30.27 -10.91
N ARG A 284 -23.40 -31.57 -10.74
CA ARG A 284 -22.46 -32.63 -11.11
C ARG A 284 -22.96 -33.30 -12.37
N PRO A 285 -22.43 -32.95 -13.54
CA PRO A 285 -22.82 -33.64 -14.77
C PRO A 285 -22.41 -35.10 -14.75
N ASP A 286 -23.03 -35.88 -15.64
CA ASP A 286 -22.66 -37.28 -15.77
C ASP A 286 -21.36 -37.44 -16.55
N ILE A 287 -21.15 -36.59 -17.57
CA ILE A 287 -19.92 -36.59 -18.34
C ILE A 287 -19.42 -35.15 -18.44
N VAL A 288 -18.12 -34.97 -18.26
CA VAL A 288 -17.47 -33.67 -18.29
C VAL A 288 -16.44 -33.66 -19.42
N LEU A 289 -16.52 -32.65 -20.30
CA LEU A 289 -15.61 -32.52 -21.42
C LEU A 289 -14.58 -31.45 -21.11
N LEU A 290 -13.30 -31.75 -21.29
CA LEU A 290 -12.26 -30.77 -21.04
C LEU A 290 -11.36 -30.64 -22.26
N GLY A 291 -10.88 -29.43 -22.51
CA GLY A 291 -9.82 -29.22 -23.47
C GLY A 291 -9.18 -27.86 -23.30
N LYS A 292 -8.58 -27.36 -24.38
CA LYS A 292 -8.06 -26.00 -24.49
C LYS A 292 -7.06 -25.67 -23.40
N ALA A 293 -7.54 -24.97 -22.36
CA ALA A 293 -6.65 -24.54 -21.27
C ALA A 293 -6.04 -25.73 -20.55
N LEU A 294 -6.48 -26.95 -20.88
CA LEU A 294 -5.92 -28.16 -20.31
C LEU A 294 -4.45 -28.29 -20.65
N SER A 295 -3.98 -27.59 -21.71
CA SER A 295 -2.57 -27.59 -22.05
C SER A 295 -1.91 -26.21 -21.97
N GLY A 296 -2.68 -25.15 -21.74
CA GLY A 296 -2.11 -23.82 -21.86
C GLY A 296 -1.71 -23.45 -23.27
N GLY A 297 -2.25 -24.16 -24.27
CA GLY A 297 -1.93 -23.90 -25.66
C GLY A 297 -0.72 -24.63 -26.18
N LEU A 298 -0.07 -25.44 -25.35
CA LEU A 298 1.20 -26.05 -25.72
C LEU A 298 1.05 -27.38 -26.44
N TYR A 299 -0.12 -28.01 -26.38
CA TYR A 299 -0.33 -29.35 -26.92
C TYR A 299 -1.81 -29.67 -26.98
N PRO A 300 -2.32 -30.20 -28.09
CA PRO A 300 -3.74 -30.57 -28.13
C PRO A 300 -4.05 -31.71 -27.17
N VAL A 301 -4.62 -31.40 -26.01
CA VAL A 301 -5.04 -32.40 -25.03
C VAL A 301 -6.49 -32.13 -24.65
N SER A 302 -7.32 -33.15 -24.78
CA SER A 302 -8.69 -33.11 -24.27
C SER A 302 -8.93 -34.32 -23.37
N ALA A 303 -9.95 -34.21 -22.53
CA ALA A 303 -10.28 -35.23 -21.55
C ALA A 303 -11.77 -35.45 -21.50
N VAL A 304 -12.18 -36.70 -21.26
CA VAL A 304 -13.56 -37.03 -20.97
C VAL A 304 -13.60 -37.64 -19.57
N LEU A 305 -14.42 -37.08 -18.69
CA LEU A 305 -14.46 -37.53 -17.30
C LEU A 305 -15.84 -38.09 -16.99
N CYS A 306 -15.87 -39.28 -16.37
CA CYS A 306 -17.13 -39.83 -15.87
C CYS A 306 -16.81 -40.99 -14.94
N ASP A 307 -17.86 -41.46 -14.24
CA ASP A 307 -17.74 -42.59 -13.34
C ASP A 307 -17.72 -43.92 -14.08
N ASP A 308 -17.52 -44.98 -13.30
CA ASP A 308 -17.26 -46.30 -13.86
C ASP A 308 -18.45 -46.84 -14.64
N ASP A 309 -19.67 -46.62 -14.14
CA ASP A 309 -20.84 -47.20 -14.79
C ASP A 309 -21.04 -46.68 -16.21
N ILE A 310 -20.48 -45.52 -16.54
CA ILE A 310 -20.51 -45.01 -17.91
C ILE A 310 -19.24 -45.37 -18.66
N MET A 311 -18.08 -45.11 -18.04
CA MET A 311 -16.80 -45.32 -18.70
C MET A 311 -16.58 -46.79 -19.09
N LEU A 312 -16.98 -47.71 -18.22
CA LEU A 312 -16.72 -49.13 -18.41
C LEU A 312 -17.63 -49.80 -19.42
N THR A 313 -18.55 -49.06 -20.04
CA THR A 313 -19.30 -49.61 -21.16
C THR A 313 -18.43 -49.80 -22.40
N ILE A 314 -17.28 -49.12 -22.49
CA ILE A 314 -16.37 -49.26 -23.60
C ILE A 314 -15.25 -50.21 -23.21
N LYS A 315 -15.14 -51.32 -23.93
CA LYS A 315 -14.21 -52.42 -23.71
C LYS A 315 -12.94 -52.23 -24.52
N PRO A 316 -11.88 -52.97 -24.19
CA PRO A 316 -10.63 -52.83 -24.94
C PRO A 316 -10.82 -53.08 -26.42
N GLY A 317 -10.17 -52.24 -27.24
CA GLY A 317 -10.24 -52.33 -28.68
C GLY A 317 -11.38 -51.57 -29.33
N GLU A 318 -12.27 -50.94 -28.54
CA GLU A 318 -13.45 -50.29 -29.09
C GLU A 318 -13.33 -48.78 -29.21
N HIS A 319 -12.28 -48.15 -28.69
CA HIS A 319 -12.14 -46.71 -28.83
C HIS A 319 -10.72 -46.30 -28.46
N GLY A 320 -10.25 -45.24 -29.10
CA GLY A 320 -8.93 -44.73 -28.78
C GLY A 320 -8.49 -43.65 -29.74
N SER A 321 -7.18 -43.47 -29.79
CA SER A 321 -6.53 -42.42 -30.57
C SER A 321 -5.03 -42.66 -30.50
N THR A 322 -4.35 -42.45 -31.63
CA THR A 322 -2.90 -42.62 -31.68
C THR A 322 -2.21 -41.80 -30.60
N TYR A 323 -2.46 -40.50 -30.59
CA TYR A 323 -1.76 -39.59 -29.70
C TYR A 323 -2.47 -39.41 -28.36
N GLY A 324 -3.67 -39.95 -28.21
CA GLY A 324 -4.43 -39.77 -26.99
C GLY A 324 -3.72 -40.36 -25.79
N GLY A 325 -3.36 -39.52 -24.83
CA GLY A 325 -2.72 -40.00 -23.63
C GLY A 325 -1.22 -40.19 -23.74
N ASN A 326 -0.60 -39.65 -24.79
CA ASN A 326 0.84 -39.73 -24.93
C ASN A 326 1.52 -39.02 -23.75
N PRO A 327 2.75 -39.40 -23.41
CA PRO A 327 3.35 -38.87 -22.17
C PRO A 327 3.65 -37.38 -22.22
N LEU A 328 3.97 -36.84 -23.40
CA LEU A 328 4.31 -35.43 -23.50
C LEU A 328 3.11 -34.55 -23.18
N GLY A 329 1.98 -34.84 -23.83
CA GLY A 329 0.75 -34.13 -23.53
C GLY A 329 0.34 -34.27 -22.08
N CYS A 330 0.57 -35.44 -21.49
CA CYS A 330 0.21 -35.64 -20.09
C CYS A 330 1.03 -34.76 -19.17
N ARG A 331 2.34 -34.67 -19.42
CA ARG A 331 3.18 -33.77 -18.63
C ARG A 331 2.70 -32.34 -18.75
N VAL A 332 2.46 -31.89 -19.98
CA VAL A 332 1.94 -30.55 -20.22
C VAL A 332 0.65 -30.31 -19.47
N ALA A 333 -0.27 -31.28 -19.50
CA ALA A 333 -1.55 -31.12 -18.84
C ALA A 333 -1.41 -31.02 -17.33
N ILE A 334 -0.60 -31.91 -16.72
CA ILE A 334 -0.36 -31.80 -15.28
C ILE A 334 0.14 -30.40 -14.94
N ALA A 335 1.07 -29.88 -15.74
CA ALA A 335 1.61 -28.55 -15.45
C ALA A 335 0.55 -27.47 -15.59
N ALA A 336 -0.24 -27.50 -16.67
CA ALA A 336 -1.27 -26.49 -16.89
C ALA A 336 -2.28 -26.46 -15.75
N LEU A 337 -2.77 -27.63 -15.34
CA LEU A 337 -3.73 -27.68 -14.23
C LEU A 337 -3.09 -27.15 -12.95
N GLU A 338 -1.83 -27.54 -12.69
CA GLU A 338 -1.14 -26.97 -11.53
C GLU A 338 -1.08 -25.45 -11.59
N VAL A 339 -0.78 -24.88 -12.76
CA VAL A 339 -0.73 -23.43 -12.89
C VAL A 339 -2.07 -22.82 -12.53
N LEU A 340 -3.16 -23.36 -13.10
CA LEU A 340 -4.48 -22.80 -12.81
C LEU A 340 -4.81 -22.85 -11.32
N GLU A 341 -4.39 -23.91 -10.64
CA GLU A 341 -4.66 -24.00 -9.20
C GLU A 341 -3.78 -23.05 -8.39
N GLU A 342 -2.48 -23.04 -8.68
CA GLU A 342 -1.53 -22.39 -7.78
C GLU A 342 -1.64 -20.87 -7.87
N GLU A 343 -1.88 -20.33 -9.06
CA GLU A 343 -2.04 -18.88 -9.21
C GLU A 343 -3.47 -18.42 -9.00
N ASN A 344 -4.35 -19.31 -8.53
CA ASN A 344 -5.75 -18.99 -8.23
C ASN A 344 -6.39 -18.17 -9.34
N LEU A 345 -6.28 -18.68 -10.57
CA LEU A 345 -6.77 -17.93 -11.72
C LEU A 345 -8.29 -17.85 -11.76
N ALA A 346 -9.00 -18.77 -11.10
CA ALA A 346 -10.45 -18.71 -11.08
C ALA A 346 -10.95 -17.47 -10.34
N GLU A 347 -10.42 -17.22 -9.14
CA GLU A 347 -10.82 -16.05 -8.39
C GLU A 347 -10.45 -14.76 -9.13
N ASN A 348 -9.26 -14.74 -9.72
CA ASN A 348 -8.86 -13.60 -10.55
C ASN A 348 -9.86 -13.36 -11.66
N ALA A 349 -10.23 -14.42 -12.39
CA ALA A 349 -11.19 -14.28 -13.49
C ALA A 349 -12.51 -13.73 -12.98
N ASP A 350 -12.97 -14.21 -11.83
CA ASP A 350 -14.26 -13.75 -11.31
C ASP A 350 -14.22 -12.25 -11.01
N LYS A 351 -13.22 -11.82 -10.23
CA LYS A 351 -13.15 -10.41 -9.83
C LYS A 351 -12.98 -9.51 -11.05
N LEU A 352 -12.03 -9.86 -11.93
CA LEU A 352 -11.74 -9.00 -13.07
C LEU A 352 -12.88 -9.00 -14.07
N GLY A 353 -13.63 -10.09 -14.18
CA GLY A 353 -14.79 -10.09 -15.04
C GLY A 353 -15.89 -9.17 -14.51
N ILE A 354 -16.10 -9.18 -13.19
CA ILE A 354 -16.97 -8.18 -12.59
C ILE A 354 -16.58 -6.78 -13.04
N ILE A 355 -15.30 -6.44 -12.87
CA ILE A 355 -14.83 -5.10 -13.23
C ILE A 355 -15.04 -4.82 -14.72
N LEU A 356 -14.68 -5.79 -15.56
CA LEU A 356 -14.75 -5.60 -17.00
C LEU A 356 -16.18 -5.36 -17.47
N ARG A 357 -17.10 -6.20 -17.01
CA ARG A 357 -18.50 -6.01 -17.40
C ARG A 357 -19.04 -4.69 -16.88
N ASN A 358 -18.65 -4.30 -15.67
CA ASN A 358 -19.09 -3.02 -15.14
C ASN A 358 -18.66 -1.87 -16.05
N GLU A 359 -17.38 -1.84 -16.40
CA GLU A 359 -16.89 -0.77 -17.28
C GLU A 359 -17.54 -0.82 -18.64
N LEU A 360 -17.83 -2.03 -19.15
CA LEU A 360 -18.43 -2.15 -20.47
C LEU A 360 -19.89 -1.68 -20.46
N MET A 361 -20.58 -1.82 -19.33
CA MET A 361 -21.95 -1.32 -19.23
C MET A 361 -22.04 0.19 -19.34
N LYS A 362 -20.96 0.91 -18.99
CA LYS A 362 -20.96 2.36 -19.05
C LYS A 362 -20.89 2.88 -20.48
N LEU A 363 -20.64 2.02 -21.45
CA LEU A 363 -20.69 2.42 -22.85
C LEU A 363 -22.12 2.83 -23.21
N PRO A 364 -22.31 3.70 -24.20
CA PRO A 364 -23.66 4.22 -24.47
C PRO A 364 -24.56 3.16 -25.08
N SER A 365 -25.75 2.99 -24.48
CA SER A 365 -26.70 1.98 -24.92
C SER A 365 -27.12 2.13 -26.37
N ASP A 366 -26.93 3.30 -26.97
CA ASP A 366 -27.27 3.53 -28.36
C ASP A 366 -26.23 2.98 -29.33
N VAL A 367 -25.08 2.51 -28.84
CA VAL A 367 -24.03 1.96 -29.67
C VAL A 367 -23.66 0.54 -29.27
N VAL A 368 -23.61 0.27 -27.96
CA VAL A 368 -23.44 -1.06 -27.41
C VAL A 368 -24.78 -1.48 -26.82
N THR A 369 -25.45 -2.44 -27.46
CA THR A 369 -26.78 -2.82 -27.03
C THR A 369 -26.77 -3.82 -25.88
N ALA A 370 -25.67 -4.54 -25.67
CA ALA A 370 -25.68 -5.49 -24.56
C ALA A 370 -24.26 -5.88 -24.16
N VAL A 371 -24.09 -6.22 -22.89
CA VAL A 371 -22.86 -6.81 -22.39
C VAL A 371 -23.22 -8.00 -21.52
N ARG A 372 -22.59 -9.14 -21.77
CA ARG A 372 -22.95 -10.37 -21.07
C ARG A 372 -21.70 -11.22 -20.84
N GLY A 373 -21.75 -12.04 -19.80
CA GLY A 373 -20.74 -13.08 -19.65
C GLY A 373 -20.57 -13.47 -18.20
N LYS A 374 -19.56 -14.30 -17.97
CA LYS A 374 -19.15 -14.69 -16.63
C LYS A 374 -17.64 -14.80 -16.59
N GLY A 375 -17.06 -14.43 -15.45
CA GLY A 375 -15.61 -14.43 -15.31
C GLY A 375 -14.97 -13.64 -16.43
N LEU A 376 -13.93 -14.20 -17.05
CA LEU A 376 -13.26 -13.58 -18.18
C LEU A 376 -13.72 -14.13 -19.52
N LEU A 377 -14.95 -14.62 -19.57
CA LEU A 377 -15.63 -14.92 -20.83
C LEU A 377 -16.78 -13.92 -20.98
N ASN A 378 -16.61 -12.91 -21.82
CA ASN A 378 -17.62 -11.86 -21.95
C ASN A 378 -17.76 -11.51 -23.42
N ALA A 379 -18.90 -10.88 -23.75
CA ALA A 379 -19.07 -10.30 -25.07
C ALA A 379 -19.93 -9.04 -24.97
N ILE A 380 -19.81 -8.21 -26.01
CA ILE A 380 -20.70 -7.07 -26.22
C ILE A 380 -21.43 -7.24 -27.54
N VAL A 381 -22.67 -6.76 -27.55
CA VAL A 381 -23.50 -6.65 -28.75
C VAL A 381 -23.63 -5.17 -29.09
N ILE A 382 -23.27 -4.82 -30.33
CA ILE A 382 -23.30 -3.46 -30.86
C ILE A 382 -24.52 -3.30 -31.76
N LYS A 383 -24.98 -2.05 -31.89
CA LYS A 383 -26.08 -1.72 -32.79
C LYS A 383 -25.52 -1.67 -34.21
N GLU A 384 -25.39 -2.85 -34.81
CA GLU A 384 -24.83 -2.97 -36.15
C GLU A 384 -25.61 -2.14 -37.15
N THR A 385 -24.91 -1.55 -38.11
CA THR A 385 -25.50 -0.81 -39.21
C THR A 385 -24.93 -1.35 -40.51
N LYS A 386 -25.42 -0.81 -41.63
CA LYS A 386 -24.95 -1.27 -42.93
C LYS A 386 -23.46 -0.99 -43.10
N ASP A 387 -22.99 0.13 -42.55
CA ASP A 387 -21.64 0.60 -42.73
C ASP A 387 -20.75 0.36 -41.51
N TRP A 388 -21.33 0.05 -40.35
CA TRP A 388 -20.58 -0.09 -39.10
C TRP A 388 -20.92 -1.43 -38.47
N ASP A 389 -19.92 -2.31 -38.35
CA ASP A 389 -20.12 -3.67 -37.86
C ASP A 389 -19.02 -4.03 -36.87
N ALA A 390 -19.12 -5.23 -36.30
CA ALA A 390 -18.15 -5.69 -35.31
C ALA A 390 -16.78 -5.94 -35.92
N TRP A 391 -16.73 -6.31 -37.20
CA TRP A 391 -15.44 -6.49 -37.87
C TRP A 391 -14.66 -5.18 -37.89
N LYS A 392 -15.30 -4.10 -38.35
CA LYS A 392 -14.64 -2.79 -38.39
C LYS A 392 -14.17 -2.37 -37.00
N VAL A 393 -14.98 -2.63 -35.97
CA VAL A 393 -14.59 -2.33 -34.60
C VAL A 393 -13.32 -3.09 -34.23
N CYS A 394 -13.28 -4.38 -34.56
CA CYS A 394 -12.08 -5.17 -34.25
C CYS A 394 -10.85 -4.67 -35.01
N LEU A 395 -11.04 -4.23 -36.25
CA LEU A 395 -9.93 -3.62 -36.99
C LEU A 395 -9.37 -2.40 -36.26
N ARG A 396 -10.26 -1.54 -35.76
CA ARG A 396 -9.76 -0.35 -35.08
C ARG A 396 -9.18 -0.69 -33.71
N LEU A 397 -9.77 -1.68 -33.02
CA LEU A 397 -9.18 -2.18 -31.78
C LEU A 397 -7.76 -2.67 -32.01
N ARG A 398 -7.56 -3.44 -33.09
CA ARG A 398 -6.22 -3.84 -33.49
C ARG A 398 -5.32 -2.63 -33.70
N ASP A 399 -5.82 -1.65 -34.47
CA ASP A 399 -5.07 -0.41 -34.69
C ASP A 399 -4.65 0.25 -33.38
N ASN A 400 -5.44 0.10 -32.32
CA ASN A 400 -5.11 0.65 -31.01
C ASN A 400 -4.54 -0.40 -30.08
N GLY A 401 -3.95 -1.46 -30.61
CA GLY A 401 -3.21 -2.42 -29.81
C GLY A 401 -4.03 -3.37 -28.95
N LEU A 402 -5.20 -3.78 -29.42
CA LEU A 402 -6.02 -4.77 -28.73
C LEU A 402 -6.65 -5.71 -29.74
N LEU A 403 -6.44 -7.01 -29.54
CA LEU A 403 -6.91 -8.02 -30.49
C LEU A 403 -8.14 -8.72 -29.92
N ALA A 404 -9.23 -8.71 -30.70
CA ALA A 404 -10.47 -9.36 -30.32
C ALA A 404 -11.08 -10.02 -31.56
N LYS A 405 -12.08 -10.88 -31.31
CA LYS A 405 -12.72 -11.66 -32.35
C LYS A 405 -14.17 -11.26 -32.49
N PRO A 406 -14.63 -10.92 -33.70
CA PRO A 406 -16.07 -10.70 -33.90
C PRO A 406 -16.82 -11.98 -34.25
N THR A 407 -17.96 -12.22 -33.61
CA THR A 407 -18.90 -13.23 -34.07
C THR A 407 -20.01 -12.54 -34.85
N HIS A 408 -20.26 -13.03 -36.07
CA HIS A 408 -21.20 -12.41 -37.00
C HIS A 408 -20.86 -10.93 -37.13
N GLY A 409 -21.86 -10.08 -37.37
CA GLY A 409 -21.65 -8.66 -37.52
C GLY A 409 -21.87 -7.81 -36.31
N ASP A 410 -22.29 -8.38 -35.18
CA ASP A 410 -22.76 -7.59 -34.05
C ASP A 410 -22.20 -8.02 -32.69
N ILE A 411 -21.43 -9.09 -32.61
CA ILE A 411 -20.93 -9.61 -31.33
C ILE A 411 -19.41 -9.54 -31.33
N ILE A 412 -18.86 -8.96 -30.27
CA ILE A 412 -17.41 -8.94 -30.04
C ILE A 412 -17.12 -9.62 -28.71
N ARG A 413 -16.28 -10.65 -28.75
CA ARG A 413 -15.87 -11.35 -27.54
C ARG A 413 -14.74 -10.59 -26.87
N PHE A 414 -14.77 -10.56 -25.54
CA PHE A 414 -13.69 -10.04 -24.71
C PHE A 414 -13.32 -11.14 -23.74
N ALA A 415 -12.14 -11.73 -23.94
CA ALA A 415 -11.67 -12.86 -23.15
C ALA A 415 -10.15 -12.83 -23.09
N PRO A 416 -9.59 -12.02 -22.19
CA PRO A 416 -8.13 -11.99 -22.04
C PRO A 416 -7.65 -13.13 -21.16
N PRO A 417 -6.36 -13.49 -21.24
CA PRO A 417 -5.82 -14.53 -20.36
C PRO A 417 -6.07 -14.20 -18.89
N LEU A 418 -6.26 -15.26 -18.10
CA LEU A 418 -6.64 -15.10 -16.69
C LEU A 418 -5.49 -14.59 -15.82
N VAL A 419 -4.29 -14.47 -16.38
CA VAL A 419 -3.14 -13.92 -15.67
C VAL A 419 -3.09 -12.41 -15.74
N ILE A 420 -3.96 -11.78 -16.53
CA ILE A 420 -4.02 -10.33 -16.62
C ILE A 420 -4.20 -9.71 -15.25
N LYS A 421 -3.54 -8.57 -15.03
CA LYS A 421 -3.69 -7.81 -13.81
C LYS A 421 -4.76 -6.75 -13.97
N GLU A 422 -5.24 -6.23 -12.83
CA GLU A 422 -6.25 -5.17 -12.88
C GLU A 422 -5.74 -3.94 -13.61
N ASP A 423 -4.48 -3.55 -13.35
CA ASP A 423 -3.92 -2.38 -14.02
C ASP A 423 -3.87 -2.55 -15.53
N GLU A 424 -3.61 -3.78 -16.00
CA GLU A 424 -3.63 -4.09 -17.43
C GLU A 424 -5.05 -4.18 -17.98
N LEU A 425 -5.96 -4.77 -17.21
CA LEU A 425 -7.35 -4.89 -17.61
C LEU A 425 -7.96 -3.51 -17.83
N ARG A 426 -7.81 -2.64 -16.84
CA ARG A 426 -7.93 -1.22 -17.09
C ARG A 426 -6.75 -0.89 -17.99
N GLU A 427 -6.93 0.02 -18.93
CA GLU A 427 -5.99 0.36 -20.01
C GLU A 427 -6.46 -0.43 -21.23
N SER A 428 -6.68 -1.74 -21.10
CA SER A 428 -7.34 -2.40 -22.21
C SER A 428 -8.78 -1.95 -22.32
N ILE A 429 -9.44 -1.76 -21.17
CA ILE A 429 -10.77 -1.17 -21.14
C ILE A 429 -10.73 0.25 -21.71
N GLU A 430 -9.65 0.98 -21.44
CA GLU A 430 -9.49 2.32 -22.00
C GLU A 430 -9.30 2.29 -23.51
N ILE A 431 -8.76 1.19 -24.03
CA ILE A 431 -8.64 1.01 -25.48
C ILE A 431 -10.01 0.68 -26.08
N ILE A 432 -10.79 -0.14 -25.38
CA ILE A 432 -12.12 -0.51 -25.85
C ILE A 432 -13.00 0.73 -25.90
N ASN A 433 -13.14 1.43 -24.77
CA ASN A 433 -13.50 2.83 -24.83
C ASN A 433 -12.44 3.53 -25.67
N LYS A 434 -12.75 4.72 -26.16
CA LYS A 434 -11.94 5.36 -27.21
C LYS A 434 -12.20 4.68 -28.55
N THR A 435 -11.98 3.35 -28.67
CA THR A 435 -12.28 2.72 -29.96
C THR A 435 -13.77 2.77 -30.28
N ILE A 436 -14.62 2.34 -29.34
CA ILE A 436 -16.06 2.30 -29.59
C ILE A 436 -16.60 3.71 -29.82
N LEU A 437 -16.25 4.65 -28.95
CA LEU A 437 -16.73 6.04 -29.07
C LEU A 437 -15.99 6.85 -30.12
N SER A 438 -15.07 6.23 -30.87
CA SER A 438 -14.45 6.92 -31.99
C SER A 438 -15.38 6.93 -33.21
N PHE A 439 -16.07 5.82 -33.47
CA PHE A 439 -17.08 5.72 -34.52
C PHE A 439 -18.22 6.75 -34.44
N GLY B 36 3.84 16.73 -62.49
CA GLY B 36 2.90 16.15 -61.55
C GLY B 36 2.36 17.16 -60.55
N PRO B 37 2.04 16.70 -59.34
CA PRO B 37 1.52 17.60 -58.33
C PRO B 37 2.52 18.69 -58.02
N PRO B 38 2.05 19.86 -57.60
CA PRO B 38 2.98 20.97 -57.32
C PRO B 38 3.89 20.69 -56.14
N THR B 39 5.16 21.05 -56.30
CA THR B 39 6.11 21.02 -55.21
C THR B 39 5.85 22.18 -54.24
N SER B 40 6.52 22.11 -53.09
CA SER B 40 6.48 23.21 -52.14
C SER B 40 6.95 24.50 -52.79
N ASP B 41 8.07 24.42 -53.53
CA ASP B 41 8.58 25.58 -54.25
C ASP B 41 7.56 26.11 -55.25
N ASP B 42 6.88 25.21 -55.96
CA ASP B 42 5.83 25.65 -56.89
C ASP B 42 4.75 26.43 -56.15
N ILE B 43 4.30 25.90 -55.02
CA ILE B 43 3.31 26.60 -54.19
C ILE B 43 3.79 28.00 -53.83
N PHE B 44 5.04 28.10 -53.37
CA PHE B 44 5.59 29.40 -52.99
C PHE B 44 5.57 30.37 -54.18
N GLU B 45 6.10 29.94 -55.33
CA GLU B 45 6.15 30.81 -56.50
C GLU B 45 4.76 31.25 -56.94
N ARG B 46 3.80 30.33 -56.89
CA ARG B 46 2.47 30.66 -57.37
C ARG B 46 1.81 31.70 -56.48
N GLU B 47 1.84 31.49 -55.16
CA GLU B 47 1.31 32.51 -54.26
C GLU B 47 2.03 33.84 -54.45
N TYR B 48 3.36 33.81 -54.63
CA TYR B 48 4.09 35.06 -54.85
C TYR B 48 3.63 35.77 -56.13
N LYS B 49 3.26 35.00 -57.15
CA LYS B 49 2.83 35.61 -58.41
C LYS B 49 1.43 36.21 -58.30
N TYR B 50 0.47 35.46 -57.77
CA TYR B 50 -0.93 35.86 -57.90
C TYR B 50 -1.57 36.26 -56.58
N GLY B 51 -0.84 36.21 -55.47
CA GLY B 51 -1.37 36.58 -54.17
C GLY B 51 -0.68 37.81 -53.61
N ALA B 52 -1.41 38.56 -52.79
CA ALA B 52 -0.84 39.72 -52.14
C ALA B 52 0.34 39.32 -51.26
N HIS B 53 1.31 40.22 -51.13
CA HIS B 53 2.48 39.99 -50.28
C HIS B 53 2.27 40.49 -48.87
N ASN B 54 1.09 40.24 -48.29
CA ASN B 54 0.78 40.69 -46.94
C ASN B 54 1.26 39.71 -45.88
N TYR B 55 1.87 38.60 -46.28
CA TYR B 55 2.44 37.64 -45.35
C TYR B 55 3.82 37.23 -45.86
N HIS B 56 4.65 36.77 -44.93
CA HIS B 56 5.91 36.08 -45.24
C HIS B 56 5.93 34.83 -44.37
N PRO B 57 5.28 33.76 -44.81
CA PRO B 57 5.14 32.59 -43.96
C PRO B 57 6.41 31.75 -43.90
N LEU B 58 6.43 30.86 -42.90
CA LEU B 58 7.49 29.89 -42.78
C LEU B 58 7.47 28.98 -44.00
N PRO B 59 8.57 28.87 -44.75
CA PRO B 59 8.53 28.09 -46.00
C PRO B 59 8.20 26.62 -45.78
N VAL B 60 6.90 26.32 -45.71
CA VAL B 60 6.42 24.95 -45.61
C VAL B 60 5.02 24.92 -46.21
N ALA B 61 4.77 23.93 -47.06
CA ALA B 61 3.57 23.88 -47.91
C ALA B 61 2.71 22.69 -47.51
N LEU B 62 1.79 22.93 -46.59
CA LEU B 62 0.95 21.86 -46.04
C LEU B 62 -0.17 21.50 -47.00
N GLU B 63 -0.52 20.21 -47.02
CA GLU B 63 -1.68 19.72 -47.75
C GLU B 63 -2.62 18.87 -46.92
N ARG B 64 -2.22 18.44 -45.72
CA ARG B 64 -3.09 17.57 -44.94
C ARG B 64 -2.90 17.88 -43.46
N GLY B 65 -3.95 17.65 -42.68
CA GLY B 65 -3.85 17.82 -41.24
C GLY B 65 -4.83 16.96 -40.48
N LYS B 66 -4.40 16.43 -39.34
CA LYS B 66 -5.25 15.56 -38.53
C LYS B 66 -4.76 15.61 -37.08
N GLY B 67 -5.67 15.92 -36.18
CA GLY B 67 -5.32 15.96 -34.76
C GLY B 67 -4.21 16.96 -34.53
N ILE B 68 -3.10 16.47 -33.97
CA ILE B 68 -1.96 17.32 -33.65
C ILE B 68 -0.97 17.43 -34.80
N TYR B 69 -1.25 16.82 -35.95
CA TYR B 69 -0.24 16.63 -36.98
C TYR B 69 -0.61 17.34 -38.27
N LEU B 70 0.43 17.75 -39.01
CA LEU B 70 0.29 18.34 -40.33
C LEU B 70 1.23 17.64 -41.30
N TRP B 71 0.87 17.66 -42.59
CA TRP B 71 1.64 17.02 -43.64
C TRP B 71 1.75 17.95 -44.84
N ASP B 72 2.95 18.06 -45.39
CA ASP B 72 3.20 18.87 -46.56
C ASP B 72 3.01 18.03 -47.84
N VAL B 73 3.17 18.69 -48.98
CA VAL B 73 2.98 18.01 -50.27
C VAL B 73 4.02 16.91 -50.47
N GLU B 74 5.20 17.05 -49.87
CA GLU B 74 6.22 16.01 -49.97
C GLU B 74 5.94 14.81 -49.07
N GLY B 75 4.89 14.87 -48.24
CA GLY B 75 4.58 13.79 -47.34
C GLY B 75 5.23 13.88 -45.97
N ARG B 76 6.06 14.89 -45.72
CA ARG B 76 6.71 15.04 -44.42
C ARG B 76 5.68 15.34 -43.34
N LYS B 77 5.93 14.84 -42.14
CA LYS B 77 5.01 14.98 -41.02
C LYS B 77 5.58 15.97 -40.01
N TYR B 78 4.70 16.81 -39.45
CA TYR B 78 5.11 17.88 -38.55
C TYR B 78 4.17 17.95 -37.35
N PHE B 79 4.76 18.23 -36.19
CA PHE B 79 3.99 18.68 -35.04
C PHE B 79 3.52 20.11 -35.27
N ASP B 80 2.24 20.37 -35.02
CA ASP B 80 1.69 21.73 -35.07
C ASP B 80 1.76 22.33 -33.67
N PHE B 81 2.63 23.32 -33.50
CA PHE B 81 2.75 24.03 -32.23
C PHE B 81 2.26 25.47 -32.31
N LEU B 82 1.43 25.79 -33.30
CA LEU B 82 0.73 27.06 -33.37
C LEU B 82 -0.78 26.90 -33.18
N SER B 83 -1.34 25.78 -33.64
CA SER B 83 -2.77 25.50 -33.52
C SER B 83 -3.62 26.57 -34.18
N SER B 84 -3.11 27.14 -35.28
CA SER B 84 -3.77 28.21 -36.01
C SER B 84 -4.30 29.28 -35.06
N TYR B 85 -3.42 29.75 -34.18
CA TYR B 85 -3.73 30.79 -33.19
C TYR B 85 -4.88 30.39 -32.27
N SER B 86 -4.93 29.10 -31.93
CA SER B 86 -5.90 28.44 -31.04
C SER B 86 -7.14 28.00 -31.79
N ALA B 87 -7.24 28.23 -33.09
CA ALA B 87 -8.45 27.86 -33.82
C ALA B 87 -8.65 26.35 -33.86
N VAL B 88 -7.57 25.57 -33.83
CA VAL B 88 -7.71 24.12 -33.84
C VAL B 88 -7.32 23.55 -32.48
N ASN B 89 -7.84 24.15 -31.40
CA ASN B 89 -7.68 23.57 -30.07
C ASN B 89 -8.12 22.10 -30.06
N GLN B 90 -9.13 21.77 -30.86
CA GLN B 90 -9.64 20.42 -30.99
C GLN B 90 -8.83 19.57 -31.95
N GLY B 91 -7.70 20.07 -32.46
CA GLY B 91 -6.94 19.37 -33.47
C GLY B 91 -7.51 19.57 -34.86
N HIS B 92 -6.67 19.44 -35.88
CA HIS B 92 -7.12 19.55 -37.25
C HIS B 92 -8.16 18.49 -37.58
N CYS B 93 -9.28 18.93 -38.17
CA CYS B 93 -10.25 18.03 -38.79
C CYS B 93 -10.82 17.04 -37.77
N HIS B 94 -11.22 17.55 -36.62
CA HIS B 94 -11.77 16.68 -35.58
C HIS B 94 -13.04 16.02 -36.08
N PRO B 95 -13.16 14.69 -35.97
CA PRO B 95 -14.29 13.99 -36.63
C PRO B 95 -15.68 14.50 -36.27
N LYS B 96 -15.93 14.83 -35.00
CA LYS B 96 -17.27 15.27 -34.60
C LYS B 96 -17.67 16.57 -35.29
N ILE B 97 -16.76 17.54 -35.35
CA ILE B 97 -17.10 18.82 -35.95
C ILE B 97 -17.25 18.67 -37.46
N VAL B 98 -16.42 17.80 -38.06
CA VAL B 98 -16.55 17.48 -39.47
C VAL B 98 -17.90 16.87 -39.76
N ASN B 99 -18.36 15.97 -38.87
CA ASN B 99 -19.67 15.34 -39.06
C ASN B 99 -20.80 16.35 -38.94
N ALA B 100 -20.69 17.29 -38.00
CA ALA B 100 -21.72 18.32 -37.87
C ALA B 100 -21.80 19.15 -39.14
N LEU B 101 -20.64 19.62 -39.62
CA LEU B 101 -20.58 20.33 -40.90
C LEU B 101 -21.22 19.53 -42.03
N LYS B 102 -20.79 18.27 -42.20
CA LYS B 102 -21.30 17.46 -43.31
C LYS B 102 -22.81 17.27 -43.22
N SER B 103 -23.34 17.03 -42.02
CA SER B 103 -24.78 16.83 -41.87
C SER B 103 -25.55 18.11 -42.18
N GLN B 104 -25.02 19.27 -41.79
CA GLN B 104 -25.76 20.51 -41.99
C GLN B 104 -25.66 21.00 -43.43
N VAL B 105 -24.50 20.83 -44.07
CA VAL B 105 -24.26 21.36 -45.41
C VAL B 105 -25.28 20.88 -46.43
N ASP B 106 -25.87 19.70 -46.23
CA ASP B 106 -26.89 19.22 -47.16
C ASP B 106 -28.25 19.86 -46.91
N LYS B 107 -28.50 20.37 -45.70
CA LYS B 107 -29.80 20.92 -45.33
C LYS B 107 -29.92 22.40 -45.66
N LEU B 108 -29.11 23.23 -45.01
CA LEU B 108 -29.24 24.68 -45.09
C LEU B 108 -27.99 25.36 -44.54
N THR B 109 -27.42 26.29 -45.29
CA THR B 109 -26.17 26.93 -44.90
C THR B 109 -26.26 28.43 -44.70
N LEU B 110 -27.11 29.14 -45.44
CA LEU B 110 -27.12 30.60 -45.34
C LEU B 110 -28.50 31.10 -45.78
N THR B 111 -29.30 31.54 -44.81
CA THR B 111 -30.57 32.20 -45.04
C THR B 111 -30.46 33.71 -45.00
N SER B 112 -29.34 34.24 -44.51
CA SER B 112 -29.21 35.62 -44.04
C SER B 112 -30.14 35.87 -42.86
N ARG B 113 -30.01 37.04 -42.24
CA ARG B 113 -30.77 37.37 -41.05
C ARG B 113 -32.09 38.07 -41.36
N ALA B 114 -32.37 38.34 -42.63
CA ALA B 114 -33.71 38.77 -43.02
C ALA B 114 -34.77 37.78 -42.59
N PHE B 115 -34.41 36.49 -42.50
CA PHE B 115 -35.30 35.44 -42.04
C PHE B 115 -34.64 34.69 -40.90
N TYR B 116 -35.46 33.91 -40.19
CA TYR B 116 -34.96 32.99 -39.17
C TYR B 116 -34.50 31.68 -39.79
N ASN B 117 -33.47 31.09 -39.19
CA ASN B 117 -33.15 29.67 -39.35
C ASN B 117 -33.38 28.96 -38.02
N ASN B 118 -33.38 27.63 -38.08
CA ASN B 118 -33.75 26.83 -36.93
C ASN B 118 -32.59 26.58 -35.97
N VAL B 119 -31.35 26.76 -36.40
CA VAL B 119 -30.20 26.37 -35.58
C VAL B 119 -29.78 27.48 -34.63
N LEU B 120 -29.89 28.74 -35.06
CA LEU B 120 -29.20 29.83 -34.37
C LEU B 120 -29.64 29.93 -32.92
N GLY B 121 -30.94 29.87 -32.66
CA GLY B 121 -31.42 29.94 -31.28
C GLY B 121 -30.89 28.80 -30.42
N GLU B 122 -30.78 27.60 -31.00
CA GLU B 122 -30.26 26.45 -30.27
C GLU B 122 -28.82 26.73 -29.81
N TYR B 123 -27.97 27.15 -30.75
CA TYR B 123 -26.60 27.55 -30.44
C TYR B 123 -26.56 28.66 -29.38
N GLU B 124 -27.40 29.69 -29.55
CA GLU B 124 -27.39 30.82 -28.62
C GLU B 124 -27.71 30.38 -27.21
N GLU B 125 -28.76 29.56 -27.05
CA GLU B 125 -29.13 29.09 -25.72
C GLU B 125 -28.00 28.27 -25.12
N TYR B 126 -27.40 27.39 -25.93
CA TYR B 126 -26.31 26.55 -25.44
C TYR B 126 -25.14 27.38 -24.95
N ILE B 127 -24.66 28.32 -25.78
CA ILE B 127 -23.44 29.04 -25.45
C ILE B 127 -23.67 30.04 -24.32
N THR B 128 -24.86 30.68 -24.28
CA THR B 128 -25.11 31.64 -23.21
C THR B 128 -25.32 30.95 -21.87
N LYS B 129 -25.86 29.73 -21.86
CA LYS B 129 -25.90 29.00 -20.60
C LYS B 129 -24.54 28.44 -20.22
N LEU B 130 -23.72 28.11 -21.22
CA LEU B 130 -22.38 27.60 -20.95
C LEU B 130 -21.50 28.65 -20.28
N PHE B 131 -21.55 29.89 -20.76
CA PHE B 131 -20.74 30.94 -20.15
C PHE B 131 -21.50 31.81 -19.17
N ASN B 132 -22.82 31.60 -19.02
CA ASN B 132 -23.63 32.25 -17.98
C ASN B 132 -23.82 33.74 -18.23
N TYR B 133 -23.99 34.11 -19.49
CA TYR B 133 -24.44 35.46 -19.83
C TYR B 133 -25.87 35.40 -20.36
N HIS B 134 -26.53 36.57 -20.31
CA HIS B 134 -27.90 36.64 -20.83
C HIS B 134 -27.93 36.37 -22.33
N LYS B 135 -27.00 36.95 -23.08
CA LYS B 135 -27.16 36.97 -24.52
C LYS B 135 -25.83 36.92 -25.23
N VAL B 136 -25.91 36.51 -26.51
CA VAL B 136 -24.79 36.40 -27.41
C VAL B 136 -25.15 37.10 -28.72
N LEU B 137 -24.18 37.78 -29.31
CA LEU B 137 -24.29 38.32 -30.65
C LEU B 137 -23.30 37.59 -31.52
N PRO B 138 -23.75 36.85 -32.52
CA PRO B 138 -22.84 36.06 -33.36
C PRO B 138 -22.25 36.89 -34.48
N MET B 139 -20.95 36.77 -34.67
CA MET B 139 -20.23 37.36 -35.78
C MET B 139 -19.38 36.26 -36.41
N ASN B 140 -18.57 36.62 -37.40
CA ASN B 140 -17.75 35.65 -38.11
C ASN B 140 -16.30 35.64 -37.60
N THR B 141 -15.59 36.74 -37.77
CA THR B 141 -14.18 36.81 -37.42
C THR B 141 -13.99 37.50 -36.07
N GLY B 142 -12.82 37.27 -35.48
CA GLY B 142 -12.52 37.86 -34.18
C GLY B 142 -12.56 39.38 -34.20
N VAL B 143 -12.03 39.99 -35.27
CA VAL B 143 -12.05 41.44 -35.38
C VAL B 143 -13.50 41.96 -35.36
N GLU B 144 -14.42 41.20 -35.97
CA GLU B 144 -15.82 41.59 -35.94
C GLU B 144 -16.38 41.54 -34.52
N ALA B 145 -15.99 40.52 -33.74
CA ALA B 145 -16.39 40.48 -32.34
C ALA B 145 -15.86 41.71 -31.60
N GLY B 146 -14.64 42.14 -31.91
CA GLY B 146 -14.10 43.33 -31.28
C GLY B 146 -14.86 44.59 -31.68
N GLU B 147 -15.08 44.78 -32.98
CA GLU B 147 -15.87 45.90 -33.47
C GLU B 147 -17.25 45.93 -32.82
N THR B 148 -17.89 44.77 -32.75
CA THR B 148 -19.17 44.65 -32.06
C THR B 148 -19.06 45.11 -30.62
N ALA B 149 -18.02 44.67 -29.92
CA ALA B 149 -17.82 45.09 -28.54
C ALA B 149 -17.66 46.60 -28.42
N CYS B 150 -16.93 47.21 -29.36
CA CYS B 150 -16.73 48.65 -29.33
C CYS B 150 -18.05 49.38 -29.56
N LYS B 151 -18.84 48.89 -30.51
CA LYS B 151 -20.15 49.46 -30.79
C LYS B 151 -21.08 49.34 -29.58
N LEU B 152 -21.10 48.17 -28.93
CA LEU B 152 -21.83 48.01 -27.67
C LEU B 152 -21.34 49.01 -26.63
N ALA B 153 -20.01 49.13 -26.48
CA ALA B 153 -19.43 50.03 -25.51
C ALA B 153 -19.91 51.47 -25.72
N ARG B 154 -19.87 51.92 -26.96
CA ARG B 154 -20.30 53.29 -27.23
C ARG B 154 -21.81 53.43 -27.00
N LYS B 155 -22.60 52.45 -27.44
CA LYS B 155 -24.04 52.50 -27.29
C LYS B 155 -24.46 52.60 -25.83
N TRP B 156 -23.89 51.72 -25.00
CA TRP B 156 -24.16 51.76 -23.56
C TRP B 156 -23.65 53.04 -22.94
N GLY B 157 -22.47 53.52 -23.36
CA GLY B 157 -21.93 54.75 -22.80
C GLY B 157 -22.84 55.94 -22.99
N TYR B 158 -23.33 56.13 -24.22
CA TYR B 158 -24.24 57.24 -24.49
C TYR B 158 -25.57 57.09 -23.75
N THR B 159 -26.08 55.86 -23.65
CA THR B 159 -27.43 55.64 -23.15
C THR B 159 -27.50 55.24 -21.68
N VAL B 160 -26.44 54.68 -21.10
CA VAL B 160 -26.43 54.30 -19.70
C VAL B 160 -25.52 55.20 -18.87
N LYS B 161 -24.32 55.49 -19.37
CA LYS B 161 -23.44 56.36 -18.60
C LYS B 161 -23.75 57.83 -18.83
N GLY B 162 -24.51 58.14 -19.88
CA GLY B 162 -24.90 59.50 -20.14
C GLY B 162 -23.89 60.33 -20.87
N ILE B 163 -22.89 59.68 -21.49
CA ILE B 163 -21.88 60.42 -22.22
C ILE B 163 -22.53 61.14 -23.39
N GLN B 164 -22.13 62.39 -23.60
CA GLN B 164 -22.67 63.16 -24.71
C GLN B 164 -22.17 62.58 -26.02
N LYS B 165 -23.03 62.57 -27.02
CA LYS B 165 -22.64 62.13 -28.35
C LYS B 165 -21.82 63.23 -29.00
N TYR B 166 -20.62 62.90 -29.48
CA TYR B 166 -20.02 61.57 -29.44
C TYR B 166 -18.65 61.63 -28.78
N LYS B 167 -18.60 61.64 -27.44
CA LYS B 167 -17.33 61.78 -26.73
C LYS B 167 -16.86 60.49 -26.08
N ALA B 168 -17.46 59.36 -26.44
CA ALA B 168 -17.15 58.10 -25.76
C ALA B 168 -15.73 57.65 -26.07
N LYS B 169 -15.00 57.25 -25.02
CA LYS B 169 -13.63 56.75 -25.13
C LYS B 169 -13.59 55.28 -24.74
N ILE B 170 -12.75 54.51 -25.43
CA ILE B 170 -12.42 53.14 -25.04
C ILE B 170 -10.92 53.06 -24.80
N VAL B 171 -10.53 52.44 -23.69
CA VAL B 171 -9.13 52.28 -23.32
C VAL B 171 -8.66 50.88 -23.68
N PHE B 172 -7.44 50.78 -24.20
CA PHE B 172 -6.81 49.50 -24.50
C PHE B 172 -5.45 49.45 -23.82
N ALA B 173 -4.86 48.26 -23.82
CA ALA B 173 -3.52 48.04 -23.29
C ALA B 173 -2.52 47.96 -24.43
N ALA B 174 -1.36 48.57 -24.24
CA ALA B 174 -0.29 48.47 -25.21
C ALA B 174 0.09 47.01 -25.43
N GLY B 175 0.41 46.66 -26.68
CA GLY B 175 0.64 45.29 -27.07
C GLY B 175 -0.62 44.52 -27.44
N ASN B 176 -1.80 45.12 -27.32
CA ASN B 176 -3.04 44.47 -27.73
C ASN B 176 -3.00 44.12 -29.21
N PHE B 177 -3.70 43.04 -29.57
CA PHE B 177 -4.02 42.74 -30.95
C PHE B 177 -5.43 42.19 -31.01
N TRP B 178 -6.30 42.84 -31.80
CA TRP B 178 -7.64 42.29 -31.98
C TRP B 178 -8.14 42.39 -33.42
N GLY B 179 -7.27 42.58 -34.40
CA GLY B 179 -7.68 42.43 -35.79
C GLY B 179 -6.85 43.30 -36.71
N ARG B 180 -7.40 43.51 -37.91
CA ARG B 180 -6.71 44.22 -38.99
C ARG B 180 -7.57 45.30 -39.62
N THR B 181 -8.75 45.59 -39.06
CA THR B 181 -9.53 46.73 -39.49
C THR B 181 -8.86 48.03 -39.04
N LEU B 182 -9.36 49.15 -39.56
CA LEU B 182 -8.78 50.45 -39.23
C LEU B 182 -8.88 50.74 -37.73
N SER B 183 -10.02 50.41 -37.12
CA SER B 183 -10.17 50.58 -35.67
C SER B 183 -9.15 49.75 -34.90
N ALA B 184 -9.07 48.46 -35.24
CA ALA B 184 -8.19 47.54 -34.52
C ALA B 184 -6.75 48.05 -34.54
N ILE B 185 -6.25 48.43 -35.71
CA ILE B 185 -4.91 48.98 -35.79
C ILE B 185 -4.83 50.35 -35.13
N SER B 186 -5.94 51.08 -35.07
CA SER B 186 -5.93 52.36 -34.37
C SER B 186 -5.70 52.19 -32.89
N SER B 187 -5.95 51.01 -32.33
CA SER B 187 -5.55 50.79 -30.95
C SER B 187 -4.17 50.16 -30.79
N SER B 188 -3.50 49.83 -31.90
CA SER B 188 -2.29 49.03 -31.81
C SER B 188 -1.08 49.91 -31.50
N THR B 189 -0.12 49.34 -30.78
CA THR B 189 1.18 49.96 -30.56
C THR B 189 2.26 49.29 -31.38
N ASP B 190 1.88 48.43 -32.32
CA ASP B 190 2.81 47.74 -33.19
C ASP B 190 2.88 48.48 -34.51
N PRO B 191 3.99 49.15 -34.83
CA PRO B 191 4.06 49.94 -36.07
C PRO B 191 3.65 49.18 -37.32
N THR B 192 3.91 47.87 -37.38
CA THR B 192 3.54 47.12 -38.58
C THR B 192 2.04 47.02 -38.76
N SER B 193 1.26 47.14 -37.68
CA SER B 193 -0.20 47.15 -37.81
C SER B 193 -0.69 48.49 -38.36
N TYR B 194 -0.19 49.60 -37.81
CA TYR B 194 -0.78 50.90 -38.11
C TYR B 194 -0.01 51.76 -39.10
N ASP B 195 1.31 51.58 -39.24
CA ASP B 195 2.11 52.52 -40.00
C ASP B 195 1.62 52.61 -41.45
N GLY B 196 1.26 53.82 -41.87
CA GLY B 196 0.80 54.05 -43.23
C GLY B 196 -0.65 53.73 -43.50
N PHE B 197 -1.46 53.48 -42.47
CA PHE B 197 -2.86 53.11 -42.59
C PHE B 197 -3.79 54.17 -42.01
N GLY B 198 -3.24 55.29 -41.54
CA GLY B 198 -4.05 56.35 -40.98
C GLY B 198 -4.69 57.21 -42.05
N PRO B 199 -5.56 58.13 -41.61
CA PRO B 199 -5.84 58.51 -40.22
C PRO B 199 -6.58 57.45 -39.39
N PHE B 200 -6.62 57.65 -38.09
CA PHE B 200 -6.96 56.61 -37.14
C PHE B 200 -8.22 56.98 -36.36
N MET B 201 -8.87 55.96 -35.83
CA MET B 201 -10.11 56.16 -35.08
C MET B 201 -9.85 56.99 -33.84
N PRO B 202 -10.59 58.08 -33.63
CA PRO B 202 -10.50 58.81 -32.37
C PRO B 202 -11.28 58.10 -31.27
N GLY B 203 -11.02 58.51 -30.03
CA GLY B 203 -11.68 57.88 -28.91
C GLY B 203 -11.04 56.60 -28.42
N PHE B 204 -9.88 56.21 -28.96
CA PHE B 204 -9.15 55.03 -28.52
C PHE B 204 -7.93 55.49 -27.72
N ASP B 205 -7.98 55.29 -26.41
CA ASP B 205 -6.87 55.56 -25.51
C ASP B 205 -6.01 54.32 -25.32
N ILE B 206 -4.72 54.52 -25.11
CA ILE B 206 -3.76 53.44 -24.90
C ILE B 206 -3.09 53.63 -23.55
N ILE B 207 -3.05 52.57 -22.75
CA ILE B 207 -2.29 52.57 -21.50
C ILE B 207 -1.44 51.31 -21.48
N PRO B 208 -0.38 51.29 -20.66
CA PRO B 208 0.44 50.07 -20.57
C PRO B 208 -0.37 48.89 -20.05
N TYR B 209 0.03 47.70 -20.49
CA TYR B 209 -0.52 46.45 -20.00
C TYR B 209 -0.05 46.21 -18.57
N ASN B 210 -0.80 45.39 -17.83
CA ASN B 210 -0.42 44.95 -16.49
C ASN B 210 -0.06 46.15 -15.61
N ASP B 211 -0.91 47.17 -15.66
CA ASP B 211 -0.67 48.44 -14.97
C ASP B 211 -2.00 48.96 -14.42
N LEU B 212 -2.31 48.59 -13.18
CA LEU B 212 -3.52 49.05 -12.52
C LEU B 212 -3.52 50.55 -12.23
N PRO B 213 -2.41 51.15 -11.77
CA PRO B 213 -2.43 52.61 -11.57
C PRO B 213 -2.69 53.40 -12.84
N ALA B 214 -2.12 52.96 -13.98
CA ALA B 214 -2.38 53.64 -15.24
C ALA B 214 -3.86 53.52 -15.61
N LEU B 215 -4.46 52.37 -15.37
CA LEU B 215 -5.87 52.18 -15.68
C LEU B 215 -6.74 53.07 -14.81
N GLU B 216 -6.46 53.13 -13.51
CA GLU B 216 -7.17 54.05 -12.61
C GLU B 216 -7.11 55.49 -13.13
N ARG B 217 -5.90 55.96 -13.40
CA ARG B 217 -5.70 57.30 -13.95
C ARG B 217 -6.53 57.49 -15.22
N ALA B 218 -6.51 56.51 -16.11
CA ALA B 218 -7.28 56.61 -17.35
C ALA B 218 -8.78 56.64 -17.08
N LEU B 219 -9.22 55.92 -16.06
CA LEU B 219 -10.65 55.82 -15.78
C LEU B 219 -11.16 56.98 -14.97
N GLN B 220 -10.32 57.98 -14.74
CA GLN B 220 -10.83 59.22 -14.16
C GLN B 220 -11.71 59.98 -15.15
N ASP B 221 -11.48 59.85 -16.44
CA ASP B 221 -12.31 60.53 -17.45
C ASP B 221 -13.73 59.96 -17.49
N PRO B 222 -14.76 60.75 -17.20
CA PRO B 222 -16.13 60.21 -17.24
C PRO B 222 -16.58 59.81 -18.64
N ASN B 223 -15.89 60.25 -19.69
CA ASN B 223 -16.25 59.88 -21.05
C ASN B 223 -15.74 58.50 -21.44
N VAL B 224 -15.01 57.81 -20.56
CA VAL B 224 -14.59 56.44 -20.82
C VAL B 224 -15.79 55.52 -20.71
N ALA B 225 -16.06 54.76 -21.77
CA ALA B 225 -17.13 53.77 -21.76
C ALA B 225 -16.64 52.36 -21.44
N ALA B 226 -15.43 51.99 -21.86
CA ALA B 226 -14.99 50.62 -21.68
C ALA B 226 -13.47 50.55 -21.66
N PHE B 227 -12.97 49.52 -20.98
CA PHE B 227 -11.58 49.07 -21.05
C PHE B 227 -11.59 47.68 -21.65
N MET B 228 -10.89 47.51 -22.77
CA MET B 228 -10.80 46.22 -23.45
C MET B 228 -9.39 45.68 -23.32
N VAL B 229 -9.27 44.40 -22.95
CA VAL B 229 -7.98 43.83 -22.60
C VAL B 229 -8.00 42.32 -22.84
N GLU B 230 -6.83 41.76 -23.21
CA GLU B 230 -6.62 40.33 -23.34
C GLU B 230 -6.15 39.77 -21.99
N PRO B 231 -6.74 38.70 -21.47
CA PRO B 231 -6.24 38.12 -20.22
C PRO B 231 -4.79 37.69 -20.29
N ILE B 232 -4.34 37.21 -21.46
CA ILE B 232 -2.94 37.05 -21.79
C ILE B 232 -2.77 37.62 -23.20
N GLN B 233 -1.73 38.41 -23.41
CA GLN B 233 -1.53 39.04 -24.70
C GLN B 233 -0.84 38.05 -25.64
N GLY B 234 -1.60 37.53 -26.60
CA GLY B 234 -1.07 36.55 -27.53
C GLY B 234 -0.01 37.08 -28.45
N GLU B 235 -0.41 37.83 -29.49
CA GLU B 235 0.53 38.27 -30.51
C GLU B 235 1.64 39.15 -29.93
N ALA B 236 1.43 39.74 -28.75
CA ALA B 236 2.49 40.49 -28.11
C ALA B 236 3.64 39.59 -27.69
N GLY B 237 3.43 38.28 -27.63
CA GLY B 237 4.48 37.36 -27.25
C GLY B 237 4.13 36.56 -26.01
N VAL B 238 2.85 36.20 -25.87
CA VAL B 238 2.33 35.47 -24.72
C VAL B 238 2.74 36.19 -23.46
N VAL B 239 2.24 37.41 -23.28
CA VAL B 239 2.55 38.23 -22.11
C VAL B 239 1.50 37.91 -21.04
N VAL B 240 1.93 37.27 -19.97
CA VAL B 240 1.06 36.90 -18.86
C VAL B 240 1.16 38.00 -17.80
N PRO B 241 0.08 38.71 -17.49
CA PRO B 241 0.19 39.78 -16.49
C PRO B 241 0.38 39.24 -15.08
N ASP B 242 0.53 40.14 -14.11
CA ASP B 242 0.88 39.63 -12.80
C ASP B 242 -0.37 39.20 -12.04
N PRO B 243 -0.24 38.22 -11.14
CA PRO B 243 -1.39 37.78 -10.34
C PRO B 243 -2.14 38.95 -9.73
N GLY B 244 -3.47 38.91 -9.84
CA GLY B 244 -4.31 39.97 -9.34
C GLY B 244 -4.63 41.06 -10.33
N TYR B 245 -3.99 41.06 -11.51
CA TYR B 245 -4.25 42.11 -12.50
C TYR B 245 -5.70 42.12 -12.93
N LEU B 246 -6.24 40.96 -13.34
CA LEU B 246 -7.63 40.93 -13.80
C LEU B 246 -8.63 41.24 -12.68
N MET B 247 -8.37 40.77 -11.46
CA MET B 247 -9.22 41.15 -10.34
C MET B 247 -9.24 42.66 -10.16
N GLY B 248 -8.06 43.29 -10.21
CA GLY B 248 -7.99 44.73 -10.08
C GLY B 248 -8.68 45.46 -11.23
N VAL B 249 -8.55 44.92 -12.45
CA VAL B 249 -9.22 45.51 -13.60
C VAL B 249 -10.73 45.47 -13.40
N ARG B 250 -11.26 44.30 -13.01
CA ARG B 250 -12.66 44.17 -12.68
C ARG B 250 -13.09 45.21 -11.65
N GLU B 251 -12.31 45.36 -10.58
CA GLU B 251 -12.69 46.25 -9.50
C GLU B 251 -12.71 47.71 -9.95
N LEU B 252 -11.67 48.12 -10.69
CA LEU B 252 -11.63 49.50 -11.17
C LEU B 252 -12.71 49.77 -12.21
N CYS B 253 -13.01 48.81 -13.08
CA CYS B 253 -14.11 48.99 -14.03
C CYS B 253 -15.45 49.15 -13.34
N THR B 254 -15.72 48.30 -12.34
CA THR B 254 -16.95 48.43 -11.59
C THR B 254 -17.01 49.77 -10.85
N ARG B 255 -15.88 50.18 -10.25
CA ARG B 255 -15.86 51.35 -9.38
C ARG B 255 -16.13 52.64 -10.17
N HIS B 256 -15.61 52.74 -11.39
CA HIS B 256 -15.73 53.96 -12.18
C HIS B 256 -16.79 53.85 -13.27
N GLN B 257 -17.64 52.82 -13.22
CA GLN B 257 -18.73 52.62 -14.18
C GLN B 257 -18.19 52.54 -15.61
N VAL B 258 -17.29 51.58 -15.81
CA VAL B 258 -16.65 51.33 -17.09
C VAL B 258 -16.81 49.85 -17.43
N LEU B 259 -17.12 49.56 -18.69
CA LEU B 259 -17.32 48.18 -19.10
C LEU B 259 -16.00 47.44 -19.26
N PHE B 260 -15.90 46.26 -18.65
CA PHE B 260 -14.75 45.39 -18.77
C PHE B 260 -14.99 44.46 -19.96
N ILE B 261 -14.23 44.68 -21.03
CA ILE B 261 -14.24 43.80 -22.20
C ILE B 261 -13.02 42.88 -22.11
N ALA B 262 -13.28 41.58 -22.03
CA ALA B 262 -12.23 40.58 -22.05
C ALA B 262 -12.22 39.93 -23.43
N ASP B 263 -11.11 40.11 -24.15
CA ASP B 263 -10.91 39.48 -25.44
C ASP B 263 -10.28 38.12 -25.20
N GLU B 264 -11.10 37.07 -25.29
CA GLU B 264 -10.66 35.69 -25.09
C GLU B 264 -10.58 34.92 -26.40
N ILE B 265 -10.41 35.64 -27.52
CA ILE B 265 -10.38 35.01 -28.84
C ILE B 265 -9.28 33.97 -28.91
N GLN B 266 -8.11 34.31 -28.37
CA GLN B 266 -7.04 33.30 -28.31
C GLN B 266 -6.99 32.57 -26.98
N THR B 267 -7.29 33.26 -25.88
CA THR B 267 -7.13 32.66 -24.56
C THR B 267 -8.31 31.83 -24.11
N GLY B 268 -9.49 32.05 -24.69
CA GLY B 268 -10.66 31.30 -24.28
C GLY B 268 -10.68 29.89 -24.83
N LEU B 269 -11.67 29.13 -24.36
CA LEU B 269 -11.98 27.79 -24.88
C LEU B 269 -10.84 26.80 -24.59
N ALA B 270 -10.51 26.70 -23.31
CA ALA B 270 -9.68 25.63 -22.75
C ALA B 270 -8.19 25.81 -22.99
N ARG B 271 -7.81 26.69 -23.92
CA ARG B 271 -6.40 26.82 -24.32
C ARG B 271 -5.48 27.07 -23.14
N THR B 272 -5.89 27.93 -22.21
CA THR B 272 -5.06 28.26 -21.05
C THR B 272 -5.30 27.35 -19.86
N GLY B 273 -6.12 26.32 -20.00
CA GLY B 273 -6.43 25.42 -18.91
C GLY B 273 -7.69 25.73 -18.15
N ARG B 274 -8.48 26.69 -18.62
CA ARG B 274 -9.83 26.96 -18.11
C ARG B 274 -10.71 27.28 -19.30
N TRP B 275 -12.03 27.26 -19.08
CA TRP B 275 -12.94 27.69 -20.13
C TRP B 275 -12.60 29.11 -20.58
N LEU B 276 -12.40 30.01 -19.64
CA LEU B 276 -11.90 31.35 -19.90
C LEU B 276 -10.68 31.58 -19.03
N ALA B 277 -9.67 32.25 -19.59
CA ALA B 277 -8.49 32.58 -18.79
C ALA B 277 -8.89 33.38 -17.56
N VAL B 278 -9.90 34.24 -17.68
CA VAL B 278 -10.36 35.04 -16.56
C VAL B 278 -10.83 34.16 -15.41
N ASP B 279 -11.23 32.91 -15.70
CA ASP B 279 -11.65 32.01 -14.64
C ASP B 279 -10.55 31.77 -13.62
N TYR B 280 -9.28 31.92 -14.02
CA TYR B 280 -8.19 31.74 -13.07
C TYR B 280 -8.31 32.68 -11.88
N GLU B 281 -8.91 33.86 -12.06
CA GLU B 281 -9.05 34.82 -10.97
C GLU B 281 -10.49 35.05 -10.54
N ASN B 282 -11.44 34.23 -10.97
CA ASN B 282 -12.85 34.37 -10.59
C ASN B 282 -13.40 35.74 -10.94
N VAL B 283 -13.05 36.24 -12.13
CA VAL B 283 -13.48 37.56 -12.58
C VAL B 283 -14.54 37.35 -13.66
N ARG B 284 -15.63 38.11 -13.57
CA ARG B 284 -16.70 38.09 -14.57
C ARG B 284 -16.64 39.39 -15.37
N PRO B 285 -16.06 39.39 -16.57
CA PRO B 285 -16.05 40.60 -17.40
C PRO B 285 -17.45 41.02 -17.80
N ASP B 286 -17.58 42.27 -18.23
CA ASP B 286 -18.87 42.75 -18.71
C ASP B 286 -19.18 42.24 -20.11
N ILE B 287 -18.16 42.15 -20.96
CA ILE B 287 -18.32 41.60 -22.30
C ILE B 287 -17.20 40.60 -22.51
N VAL B 288 -17.54 39.44 -23.08
CA VAL B 288 -16.56 38.41 -23.38
C VAL B 288 -16.60 38.15 -24.87
N LEU B 289 -15.44 38.17 -25.50
CA LEU B 289 -15.34 37.86 -26.92
C LEU B 289 -14.87 36.42 -27.07
N LEU B 290 -15.44 35.70 -28.03
CA LEU B 290 -14.97 34.36 -28.37
C LEU B 290 -14.71 34.26 -29.87
N GLY B 291 -13.74 33.45 -30.24
CA GLY B 291 -13.55 33.07 -31.63
C GLY B 291 -12.65 31.86 -31.74
N LYS B 292 -11.98 31.75 -32.89
CA LYS B 292 -10.93 30.76 -33.12
C LYS B 292 -11.43 29.33 -32.91
N ALA B 293 -11.15 28.77 -31.74
CA ALA B 293 -11.53 27.40 -31.40
C ALA B 293 -13.04 27.21 -31.34
N LEU B 294 -13.81 28.29 -31.44
CA LEU B 294 -15.27 28.20 -31.41
C LEU B 294 -15.81 27.35 -32.53
N SER B 295 -15.02 27.16 -33.60
CA SER B 295 -15.38 26.29 -34.72
C SER B 295 -14.45 25.11 -34.92
N GLY B 296 -13.35 25.02 -34.17
CA GLY B 296 -12.37 24.00 -34.46
C GLY B 296 -11.66 24.17 -35.78
N GLY B 297 -11.68 25.37 -36.35
CA GLY B 297 -11.03 25.63 -37.62
C GLY B 297 -11.86 25.37 -38.84
N LEU B 298 -13.11 24.95 -38.69
CA LEU B 298 -13.94 24.55 -39.82
C LEU B 298 -14.72 25.70 -40.43
N TYR B 299 -14.85 26.83 -39.73
CA TYR B 299 -15.70 27.93 -40.15
C TYR B 299 -15.42 29.16 -39.30
N PRO B 300 -15.21 30.34 -39.89
CA PRO B 300 -15.01 31.54 -39.06
C PRO B 300 -16.26 31.90 -38.27
N VAL B 301 -16.26 31.57 -36.98
CA VAL B 301 -17.35 31.87 -36.06
C VAL B 301 -16.78 32.60 -34.85
N SER B 302 -17.33 33.78 -34.56
CA SER B 302 -17.01 34.52 -33.33
C SER B 302 -18.29 34.87 -32.59
N ALA B 303 -18.14 35.17 -31.31
CA ALA B 303 -19.27 35.45 -30.44
C ALA B 303 -18.95 36.63 -29.52
N VAL B 304 -19.98 37.42 -29.21
CA VAL B 304 -19.89 38.44 -28.17
C VAL B 304 -20.93 38.10 -27.11
N LEU B 305 -20.49 37.99 -25.86
CA LEU B 305 -21.38 37.58 -24.77
C LEU B 305 -21.49 38.71 -23.76
N CYS B 306 -22.74 39.03 -23.37
CA CYS B 306 -22.98 39.99 -22.29
C CYS B 306 -24.43 39.88 -21.85
N ASP B 307 -24.73 40.57 -20.74
CA ASP B 307 -26.07 40.62 -20.15
C ASP B 307 -26.98 41.62 -20.88
N ASP B 308 -28.25 41.62 -20.45
CA ASP B 308 -29.28 42.37 -21.16
C ASP B 308 -29.04 43.88 -21.14
N ASP B 309 -28.58 44.43 -20.02
CA ASP B 309 -28.37 45.88 -19.97
C ASP B 309 -27.31 46.38 -20.95
N ILE B 310 -26.40 45.54 -21.42
CA ILE B 310 -25.39 45.95 -22.40
C ILE B 310 -25.79 45.60 -23.84
N MET B 311 -26.10 44.32 -24.10
CA MET B 311 -26.42 43.88 -25.46
C MET B 311 -27.64 44.61 -26.01
N LEU B 312 -28.65 44.85 -25.17
CA LEU B 312 -29.92 45.36 -25.66
C LEU B 312 -29.91 46.86 -25.91
N THR B 313 -28.77 47.52 -25.73
CA THR B 313 -28.63 48.90 -26.19
C THR B 313 -28.67 49.00 -27.71
N ILE B 314 -28.47 47.89 -28.42
CA ILE B 314 -28.53 47.85 -29.88
C ILE B 314 -29.89 47.32 -30.32
N LYS B 315 -30.61 48.14 -31.08
CA LYS B 315 -31.95 47.83 -31.55
C LYS B 315 -31.91 47.15 -32.92
N PRO B 316 -33.01 46.54 -33.35
CA PRO B 316 -33.03 45.88 -34.65
C PRO B 316 -32.63 46.81 -35.79
N GLY B 317 -31.81 46.29 -36.69
CA GLY B 317 -31.35 47.04 -37.84
C GLY B 317 -30.09 47.86 -37.61
N GLU B 318 -29.55 47.87 -36.40
CA GLU B 318 -28.40 48.72 -36.07
C GLU B 318 -27.07 47.98 -36.07
N HIS B 319 -27.06 46.66 -36.20
CA HIS B 319 -25.81 45.92 -36.26
C HIS B 319 -26.10 44.50 -36.76
N GLY B 320 -25.14 43.96 -37.51
CA GLY B 320 -25.29 42.60 -38.00
C GLY B 320 -24.17 42.26 -38.96
N SER B 321 -24.44 41.24 -39.78
CA SER B 321 -23.46 40.66 -40.68
C SER B 321 -24.17 39.66 -41.57
N THR B 322 -23.77 39.60 -42.86
CA THR B 322 -24.38 38.65 -43.78
C THR B 322 -24.34 37.24 -43.21
N TYR B 323 -23.15 36.76 -42.89
CA TYR B 323 -22.95 35.37 -42.49
C TYR B 323 -23.06 35.17 -40.98
N GLY B 324 -23.20 36.24 -40.21
CA GLY B 324 -23.28 36.12 -38.75
C GLY B 324 -24.48 35.32 -38.31
N GLY B 325 -24.24 34.19 -37.66
CA GLY B 325 -25.32 33.38 -37.14
C GLY B 325 -25.93 32.42 -38.15
N ASN B 326 -25.26 32.19 -39.28
CA ASN B 326 -25.76 31.24 -40.26
C ASN B 326 -25.83 29.83 -39.65
N PRO B 327 -26.71 28.97 -40.17
CA PRO B 327 -26.93 27.67 -39.51
C PRO B 327 -25.74 26.73 -39.58
N LEU B 328 -24.96 26.79 -40.67
CA LEU B 328 -23.81 25.89 -40.80
C LEU B 328 -22.74 26.20 -39.75
N GLY B 329 -22.36 27.47 -39.65
CA GLY B 329 -21.42 27.86 -38.62
C GLY B 329 -21.93 27.54 -37.23
N CYS B 330 -23.25 27.66 -37.02
CA CYS B 330 -23.81 27.37 -35.71
C CYS B 330 -23.68 25.90 -35.36
N ARG B 331 -24.00 25.01 -36.30
CA ARG B 331 -23.83 23.58 -36.05
C ARG B 331 -22.38 23.26 -35.73
N VAL B 332 -21.46 23.80 -36.54
CA VAL B 332 -20.03 23.60 -36.29
C VAL B 332 -19.66 24.07 -34.89
N ALA B 333 -20.17 25.23 -34.48
CA ALA B 333 -19.83 25.79 -33.17
C ALA B 333 -20.34 24.92 -32.03
N ILE B 334 -21.59 24.47 -32.13
CA ILE B 334 -22.14 23.56 -31.12
C ILE B 334 -21.24 22.34 -30.98
N ALA B 335 -20.82 21.78 -32.11
CA ALA B 335 -19.97 20.59 -32.08
C ALA B 335 -18.61 20.88 -31.45
N ALA B 336 -17.97 21.99 -31.84
CA ALA B 336 -16.66 22.34 -31.31
C ALA B 336 -16.70 22.53 -29.79
N LEU B 337 -17.68 23.30 -29.30
CA LEU B 337 -17.81 23.50 -27.86
C LEU B 337 -18.06 22.19 -27.14
N GLU B 338 -18.95 21.36 -27.71
CA GLU B 338 -19.20 20.04 -27.16
C GLU B 338 -17.91 19.22 -27.06
N VAL B 339 -17.07 19.27 -28.10
CA VAL B 339 -15.80 18.56 -28.08
C VAL B 339 -14.94 19.06 -26.92
N LEU B 340 -14.79 20.38 -26.80
CA LEU B 340 -13.96 20.92 -25.73
C LEU B 340 -14.45 20.48 -24.35
N GLU B 341 -15.77 20.38 -24.18
CA GLU B 341 -16.28 19.99 -22.87
C GLU B 341 -16.11 18.49 -22.63
N GLU B 342 -16.42 17.67 -23.63
CA GLU B 342 -16.55 16.23 -23.41
C GLU B 342 -15.19 15.55 -23.25
N GLU B 343 -14.19 16.00 -24.02
CA GLU B 343 -12.84 15.45 -23.90
C GLU B 343 -12.03 16.11 -22.81
N ASN B 344 -12.67 16.95 -21.99
CA ASN B 344 -12.01 17.62 -20.87
C ASN B 344 -10.68 18.25 -21.28
N LEU B 345 -10.72 19.02 -22.37
CA LEU B 345 -9.50 19.60 -22.91
C LEU B 345 -8.90 20.69 -22.02
N ALA B 346 -9.70 21.34 -21.17
CA ALA B 346 -9.14 22.36 -20.28
C ALA B 346 -8.17 21.76 -19.27
N GLU B 347 -8.58 20.68 -18.60
CA GLU B 347 -7.70 20.05 -17.62
C GLU B 347 -6.47 19.43 -18.30
N ASN B 348 -6.67 18.88 -19.50
CA ASN B 348 -5.53 18.40 -20.28
C ASN B 348 -4.55 19.52 -20.56
N ALA B 349 -5.05 20.66 -21.03
CA ALA B 349 -4.18 21.81 -21.30
C ALA B 349 -3.45 22.24 -20.04
N ASP B 350 -4.14 22.24 -18.90
CA ASP B 350 -3.53 22.67 -17.65
C ASP B 350 -2.34 21.78 -17.28
N LYS B 351 -2.57 20.46 -17.18
CA LYS B 351 -1.50 19.55 -16.79
C LYS B 351 -0.35 19.56 -17.81
N LEU B 352 -0.69 19.47 -19.10
CA LEU B 352 0.36 19.39 -20.10
C LEU B 352 1.13 20.69 -20.22
N GLY B 353 0.49 21.84 -19.96
CA GLY B 353 1.23 23.10 -19.94
C GLY B 353 2.18 23.18 -18.77
N ILE B 354 1.75 22.70 -17.60
CA ILE B 354 2.69 22.55 -16.48
C ILE B 354 3.92 21.79 -16.94
N ILE B 355 3.70 20.61 -17.55
CA ILE B 355 4.82 19.78 -17.99
C ILE B 355 5.69 20.52 -19.00
N LEU B 356 5.07 21.18 -19.97
CA LEU B 356 5.80 21.83 -21.05
C LEU B 356 6.68 22.96 -20.51
N ARG B 357 6.12 23.82 -19.66
CA ARG B 357 6.92 24.90 -19.08
C ARG B 357 8.03 24.36 -18.21
N ASN B 358 7.76 23.30 -17.44
CA ASN B 358 8.80 22.69 -16.63
C ASN B 358 9.98 22.25 -17.49
N GLU B 359 9.70 21.51 -18.57
CA GLU B 359 10.77 21.06 -19.45
C GLU B 359 11.48 22.22 -20.13
N LEU B 360 10.74 23.27 -20.50
CA LEU B 360 11.35 24.40 -21.19
C LEU B 360 12.25 25.21 -20.27
N MET B 361 11.94 25.24 -18.97
CA MET B 361 12.79 25.93 -18.02
C MET B 361 14.16 25.27 -17.89
N LYS B 362 14.28 24.00 -18.26
CA LYS B 362 15.53 23.28 -18.10
C LYS B 362 16.57 23.67 -19.15
N LEU B 363 16.17 24.34 -20.22
CA LEU B 363 17.14 24.88 -21.16
C LEU B 363 17.99 25.95 -20.49
N PRO B 364 19.21 26.18 -20.96
CA PRO B 364 20.12 27.10 -20.25
C PRO B 364 19.66 28.55 -20.39
N SER B 365 19.57 29.23 -19.25
CA SER B 365 19.12 30.63 -19.22
C SER B 365 19.98 31.54 -20.09
N ASP B 366 21.18 31.12 -20.46
CA ASP B 366 22.03 31.93 -21.33
C ASP B 366 21.61 31.86 -22.79
N VAL B 367 20.67 30.98 -23.14
CA VAL B 367 20.18 30.86 -24.50
C VAL B 367 18.66 31.06 -24.57
N VAL B 368 17.93 30.55 -23.59
CA VAL B 368 16.50 30.84 -23.41
C VAL B 368 16.39 31.77 -22.21
N THR B 369 16.05 33.03 -22.48
CA THR B 369 16.02 34.01 -21.40
C THR B 369 14.71 33.97 -20.62
N ALA B 370 13.65 33.42 -21.20
CA ALA B 370 12.41 33.35 -20.43
C ALA B 370 11.47 32.30 -21.01
N VAL B 371 10.64 31.73 -20.15
CA VAL B 371 9.52 30.90 -20.58
C VAL B 371 8.29 31.36 -19.80
N ARG B 372 7.19 31.57 -20.52
CA ARG B 372 6.00 32.10 -19.88
C ARG B 372 4.77 31.52 -20.55
N GLY B 373 3.69 31.43 -19.79
CA GLY B 373 2.41 31.11 -20.38
C GLY B 373 1.49 30.48 -19.35
N LYS B 374 0.33 30.07 -19.84
CA LYS B 374 -0.63 29.31 -19.04
C LYS B 374 -1.26 28.26 -19.94
N GLY B 375 -1.61 27.13 -19.32
CA GLY B 375 -2.08 25.98 -20.07
C GLY B 375 -1.15 25.69 -21.23
N LEU B 376 -1.72 25.46 -22.41
CA LEU B 376 -0.94 25.21 -23.61
C LEU B 376 -0.78 26.44 -24.48
N LEU B 377 -0.82 27.62 -23.87
CA LEU B 377 -0.40 28.87 -24.52
C LEU B 377 0.90 29.29 -23.85
N ASN B 378 2.04 29.07 -24.52
CA ASN B 378 3.31 29.36 -23.91
C ASN B 378 4.23 29.98 -24.96
N ALA B 379 5.26 30.67 -24.50
CA ALA B 379 6.33 31.11 -25.37
C ALA B 379 7.66 31.06 -24.64
N ILE B 380 8.73 31.04 -25.44
CA ILE B 380 10.08 31.23 -24.93
C ILE B 380 10.68 32.49 -25.56
N VAL B 381 11.50 33.16 -24.77
CA VAL B 381 12.32 34.29 -25.22
C VAL B 381 13.76 33.80 -25.22
N ILE B 382 14.41 33.94 -26.39
CA ILE B 382 15.79 33.52 -26.64
C ILE B 382 16.70 34.75 -26.61
N LYS B 383 17.97 34.52 -26.26
CA LYS B 383 18.98 35.57 -26.30
C LYS B 383 19.43 35.73 -27.76
N GLU B 384 18.64 36.53 -28.50
CA GLU B 384 18.92 36.78 -29.90
C GLU B 384 20.33 37.33 -30.09
N THR B 385 20.98 36.92 -31.18
CA THR B 385 22.31 37.38 -31.53
C THR B 385 22.31 37.87 -32.98
N LYS B 386 23.46 38.40 -33.41
CA LYS B 386 23.62 38.76 -34.82
C LYS B 386 23.44 37.54 -35.72
N ASP B 387 23.76 36.38 -35.20
CA ASP B 387 23.84 35.14 -35.98
C ASP B 387 22.62 34.23 -35.78
N TRP B 388 21.88 34.44 -34.71
CA TRP B 388 20.90 33.49 -34.27
C TRP B 388 19.66 34.23 -33.82
N ASP B 389 18.56 33.99 -34.50
CA ASP B 389 17.29 34.60 -34.15
C ASP B 389 16.22 33.52 -34.17
N ALA B 390 15.02 33.93 -33.76
CA ALA B 390 13.91 32.98 -33.64
C ALA B 390 13.42 32.49 -34.99
N TRP B 391 13.56 33.30 -36.05
CA TRP B 391 13.20 32.83 -37.38
C TRP B 391 14.02 31.61 -37.77
N LYS B 392 15.35 31.71 -37.65
CA LYS B 392 16.22 30.58 -37.94
C LYS B 392 15.89 29.37 -37.07
N VAL B 393 15.57 29.62 -35.80
CA VAL B 393 15.17 28.53 -34.91
C VAL B 393 13.95 27.82 -35.45
N CYS B 394 12.93 28.59 -35.86
CA CYS B 394 11.73 27.98 -36.42
C CYS B 394 12.02 27.24 -37.73
N LEU B 395 12.94 27.75 -38.53
CA LEU B 395 13.37 27.03 -39.73
C LEU B 395 13.91 25.65 -39.36
N ARG B 396 14.76 25.60 -38.34
CA ARG B 396 15.33 24.31 -37.96
C ARG B 396 14.33 23.42 -37.24
N LEU B 397 13.43 24.01 -36.44
CA LEU B 397 12.32 23.26 -35.87
C LEU B 397 11.50 22.59 -36.97
N ARG B 398 11.20 23.34 -38.03
CA ARG B 398 10.58 22.75 -39.21
C ARG B 398 11.41 21.60 -39.75
N ASP B 399 12.72 21.83 -39.92
CA ASP B 399 13.62 20.78 -40.39
C ASP B 399 13.53 19.53 -39.53
N ASN B 400 13.27 19.68 -38.23
CA ASN B 400 13.12 18.55 -37.33
C ASN B 400 11.65 18.20 -37.05
N GLY B 401 10.75 18.56 -37.96
CA GLY B 401 9.38 18.12 -37.88
C GLY B 401 8.52 18.77 -36.82
N LEU B 402 8.75 20.06 -36.54
CA LEU B 402 7.90 20.79 -35.61
C LEU B 402 7.68 22.20 -36.13
N LEU B 403 6.41 22.60 -36.23
CA LEU B 403 6.04 23.90 -36.79
C LEU B 403 5.64 24.85 -35.67
N ALA B 404 6.32 26.00 -35.60
CA ALA B 404 6.02 27.03 -34.61
C ALA B 404 6.15 28.39 -35.28
N LYS B 405 5.67 29.42 -34.61
CA LYS B 405 5.65 30.76 -35.17
C LYS B 405 6.55 31.69 -34.36
N PRO B 406 7.48 32.40 -35.01
CA PRO B 406 8.30 33.39 -34.29
C PRO B 406 7.63 34.76 -34.22
N THR B 407 7.63 35.35 -33.03
CA THR B 407 7.30 36.76 -32.87
C THR B 407 8.58 37.58 -32.72
N HIS B 408 8.68 38.64 -33.51
CA HIS B 408 9.88 39.49 -33.58
C HIS B 408 11.08 38.59 -33.89
N GLY B 409 12.26 38.97 -33.39
CA GLY B 409 13.49 38.22 -33.51
C GLY B 409 13.83 37.34 -32.33
N ASP B 410 13.02 37.37 -31.26
CA ASP B 410 13.41 36.75 -30.01
C ASP B 410 12.34 35.91 -29.31
N ILE B 411 11.13 35.83 -29.85
CA ILE B 411 10.02 35.12 -29.20
C ILE B 411 9.55 33.98 -30.08
N ILE B 412 9.43 32.78 -29.49
CA ILE B 412 8.85 31.64 -30.18
C ILE B 412 7.66 31.14 -29.38
N ARG B 413 6.49 31.07 -30.03
CA ARG B 413 5.29 30.53 -29.43
C ARG B 413 5.28 29.02 -29.50
N PHE B 414 4.82 28.39 -28.42
CA PHE B 414 4.57 26.95 -28.35
C PHE B 414 3.13 26.78 -27.89
N ALA B 415 2.28 26.30 -28.81
CA ALA B 415 0.85 26.13 -28.55
C ALA B 415 0.32 24.96 -29.39
N PRO B 416 0.49 23.73 -28.91
CA PRO B 416 -0.03 22.58 -29.63
C PRO B 416 -1.52 22.38 -29.36
N PRO B 417 -2.22 21.66 -30.23
CA PRO B 417 -3.64 21.37 -29.97
C PRO B 417 -3.83 20.67 -28.63
N LEU B 418 -4.97 20.96 -28.00
CA LEU B 418 -5.22 20.46 -26.65
C LEU B 418 -5.52 18.97 -26.62
N VAL B 419 -5.65 18.33 -27.78
CA VAL B 419 -5.84 16.88 -27.82
C VAL B 419 -4.52 16.13 -27.76
N ILE B 420 -3.39 16.83 -27.82
CA ILE B 420 -2.08 16.21 -27.71
C ILE B 420 -2.00 15.39 -26.43
N LYS B 421 -1.26 14.29 -26.50
CA LYS B 421 -1.02 13.42 -25.35
C LYS B 421 0.36 13.70 -24.76
N GLU B 422 0.56 13.22 -23.53
CA GLU B 422 1.81 13.48 -22.82
C GLU B 422 3.01 12.92 -23.59
N ASP B 423 2.90 11.70 -24.12
CA ASP B 423 4.01 11.12 -24.87
C ASP B 423 4.36 11.95 -26.10
N GLU B 424 3.33 12.42 -26.82
CA GLU B 424 3.57 13.26 -27.99
C GLU B 424 4.17 14.60 -27.56
N LEU B 425 3.70 15.13 -26.44
CA LEU B 425 4.23 16.39 -25.91
C LEU B 425 5.71 16.28 -25.60
N ARG B 426 6.12 15.21 -24.90
CA ARG B 426 7.54 15.04 -24.58
C ARG B 426 8.38 14.80 -25.84
N GLU B 427 7.83 14.08 -26.83
CA GLU B 427 8.59 13.90 -28.07
C GLU B 427 8.84 15.24 -28.75
N SER B 428 7.82 16.10 -28.80
CA SER B 428 7.99 17.42 -29.37
C SER B 428 8.94 18.27 -28.54
N ILE B 429 8.87 18.15 -27.21
CA ILE B 429 9.83 18.84 -26.33
C ILE B 429 11.25 18.44 -26.67
N GLU B 430 11.48 17.16 -26.96
CA GLU B 430 12.83 16.74 -27.34
C GLU B 430 13.24 17.33 -28.68
N ILE B 431 12.30 17.43 -29.62
CA ILE B 431 12.60 18.14 -30.86
C ILE B 431 13.04 19.58 -30.56
N ILE B 432 12.33 20.22 -29.63
CA ILE B 432 12.65 21.61 -29.27
C ILE B 432 14.05 21.70 -28.68
N ASN B 433 14.35 20.85 -27.69
CA ASN B 433 15.68 20.80 -27.09
C ASN B 433 16.76 20.59 -28.14
N LYS B 434 16.59 19.56 -28.98
CA LYS B 434 17.56 19.28 -30.04
C LYS B 434 17.82 20.52 -30.88
N THR B 435 16.75 21.20 -31.30
CA THR B 435 16.90 22.37 -32.15
C THR B 435 17.62 23.51 -31.43
N ILE B 436 17.19 23.83 -30.21
CA ILE B 436 17.77 24.94 -29.48
C ILE B 436 19.26 24.69 -29.25
N LEU B 437 19.60 23.49 -28.79
CA LEU B 437 20.98 23.14 -28.48
C LEU B 437 21.80 22.80 -29.72
N SER B 438 21.20 22.80 -30.91
CA SER B 438 21.96 22.57 -32.13
C SER B 438 22.73 23.80 -32.60
N PHE B 439 22.35 24.99 -32.13
CA PHE B 439 23.05 26.22 -32.50
C PHE B 439 24.23 26.45 -31.56
N GLY C 36 -63.90 20.44 26.90
CA GLY C 36 -63.89 20.77 25.49
C GLY C 36 -62.72 20.17 24.74
N PRO C 37 -62.20 20.89 23.74
CA PRO C 37 -61.02 20.42 23.04
C PRO C 37 -59.86 20.24 24.01
N PRO C 38 -58.99 19.27 23.76
CA PRO C 38 -58.00 18.87 24.78
C PRO C 38 -56.93 19.93 24.98
N THR C 39 -56.61 20.18 26.25
CA THR C 39 -55.44 20.99 26.59
C THR C 39 -54.17 20.14 26.41
N SER C 40 -53.01 20.79 26.53
CA SER C 40 -51.75 20.07 26.45
C SER C 40 -51.67 18.98 27.51
N ASP C 41 -52.00 19.31 28.76
CA ASP C 41 -52.01 18.31 29.82
C ASP C 41 -52.97 17.16 29.51
N ASP C 42 -54.13 17.48 28.96
CA ASP C 42 -55.08 16.45 28.56
C ASP C 42 -54.47 15.50 27.54
N ILE C 43 -53.81 16.06 26.52
CA ILE C 43 -53.13 15.25 25.51
C ILE C 43 -52.12 14.32 26.17
N PHE C 44 -51.30 14.86 27.07
CA PHE C 44 -50.29 14.05 27.74
C PHE C 44 -50.93 12.88 28.49
N GLU C 45 -51.94 13.17 29.33
CA GLU C 45 -52.56 12.10 30.11
C GLU C 45 -53.23 11.07 29.21
N ARG C 46 -53.84 11.51 28.11
CA ARG C 46 -54.53 10.57 27.24
C ARG C 46 -53.54 9.59 26.58
N GLU C 47 -52.46 10.13 25.98
CA GLU C 47 -51.45 9.25 25.43
C GLU C 47 -50.88 8.32 26.49
N TYR C 48 -50.67 8.82 27.71
CA TYR C 48 -50.18 7.97 28.79
C TYR C 48 -51.17 6.85 29.12
N LYS C 49 -52.47 7.13 29.00
CA LYS C 49 -53.49 6.14 29.33
C LYS C 49 -53.58 5.05 28.28
N TYR C 50 -53.67 5.43 27.01
CA TYR C 50 -54.06 4.47 25.99
C TYR C 50 -52.95 4.16 24.99
N GLY C 51 -51.78 4.77 25.12
CA GLY C 51 -50.67 4.51 24.22
C GLY C 51 -49.48 3.88 24.94
N ALA C 52 -48.70 3.12 24.18
CA ALA C 52 -47.48 2.52 24.70
C ALA C 52 -46.52 3.61 25.21
N HIS C 53 -45.77 3.26 26.25
CA HIS C 53 -44.77 4.18 26.82
C HIS C 53 -43.40 4.00 26.20
N ASN C 54 -43.32 3.84 24.88
CA ASN C 54 -42.04 3.66 24.22
C ASN C 54 -41.35 4.98 23.92
N TYR C 55 -41.97 6.10 24.27
CA TYR C 55 -41.38 7.42 24.13
C TYR C 55 -41.64 8.22 25.40
N HIS C 56 -40.77 9.21 25.63
CA HIS C 56 -40.98 10.23 26.65
C HIS C 56 -40.67 11.56 25.98
N PRO C 57 -41.63 12.12 25.25
CA PRO C 57 -41.36 13.33 24.46
C PRO C 57 -41.32 14.59 25.31
N LEU C 58 -40.79 15.64 24.70
CA LEU C 58 -40.77 16.96 25.31
C LEU C 58 -42.19 17.44 25.55
N PRO C 59 -42.56 17.79 26.79
CA PRO C 59 -43.95 18.15 27.07
C PRO C 59 -44.42 19.37 26.29
N VAL C 60 -44.84 19.14 25.06
CA VAL C 60 -45.41 20.18 24.19
C VAL C 60 -46.36 19.48 23.23
N ALA C 61 -47.56 20.04 23.06
CA ALA C 61 -48.65 19.35 22.38
C ALA C 61 -48.99 20.14 21.11
N LEU C 62 -48.33 19.79 20.02
CA LEU C 62 -48.50 20.52 18.78
C LEU C 62 -49.78 20.11 18.08
N GLU C 63 -50.41 21.07 17.41
CA GLU C 63 -51.57 20.82 16.58
C GLU C 63 -51.47 21.39 15.17
N ARG C 64 -50.51 22.29 14.91
CA ARG C 64 -50.36 22.84 13.57
C ARG C 64 -48.88 23.05 13.29
N GLY C 65 -48.51 23.03 12.01
CA GLY C 65 -47.15 23.38 11.66
C GLY C 65 -47.03 23.87 10.23
N LYS C 66 -46.20 24.87 9.99
CA LYS C 66 -46.07 25.47 8.67
C LYS C 66 -44.67 26.03 8.48
N GLY C 67 -44.02 25.59 7.41
CA GLY C 67 -42.68 26.05 7.12
C GLY C 67 -41.76 25.68 8.26
N ILE C 68 -41.18 26.71 8.87
CA ILE C 68 -40.24 26.54 9.97
C ILE C 68 -40.91 26.53 11.34
N TYR C 69 -42.24 26.63 11.40
CA TYR C 69 -42.93 26.94 12.64
C TYR C 69 -43.88 25.83 13.04
N LEU C 70 -44.11 25.71 14.35
CA LEU C 70 -45.09 24.79 14.92
C LEU C 70 -45.96 25.55 15.91
N TRP C 71 -47.18 25.05 16.11
CA TRP C 71 -48.15 25.65 17.01
C TRP C 71 -48.80 24.57 17.85
N ASP C 72 -48.90 24.84 19.15
CA ASP C 72 -49.53 23.93 20.10
C ASP C 72 -51.03 24.26 20.21
N VAL C 73 -51.74 23.47 21.01
CA VAL C 73 -53.18 23.66 21.18
C VAL C 73 -53.49 25.00 21.83
N GLU C 74 -52.58 25.52 22.64
CA GLU C 74 -52.79 26.83 23.27
C GLU C 74 -52.54 27.99 22.30
N GLY C 75 -52.12 27.71 21.07
CA GLY C 75 -51.85 28.76 20.11
C GLY C 75 -50.43 29.28 20.11
N ARG C 76 -49.57 28.79 21.01
CA ARG C 76 -48.21 29.28 21.11
C ARG C 76 -47.39 28.83 19.90
N LYS C 77 -46.49 29.71 19.45
CA LYS C 77 -45.73 29.50 18.24
C LYS C 77 -44.27 29.17 18.60
N TYR C 78 -43.69 28.23 17.86
CA TYR C 78 -42.36 27.70 18.16
C TYR C 78 -41.55 27.57 16.88
N PHE C 79 -40.25 27.85 17.00
CA PHE C 79 -39.29 27.41 15.99
C PHE C 79 -39.09 25.91 16.10
N ASP C 80 -39.14 25.20 14.97
CA ASP C 80 -38.84 23.77 14.96
C ASP C 80 -37.36 23.63 14.61
N PHE C 81 -36.55 23.18 15.58
CA PHE C 81 -35.13 22.92 15.35
C PHE C 81 -34.80 21.43 15.39
N LEU C 82 -35.79 20.57 15.15
CA LEU C 82 -35.59 19.15 14.96
C LEU C 82 -35.85 18.71 13.53
N SER C 83 -36.81 19.34 12.86
CA SER C 83 -37.18 19.03 11.48
C SER C 83 -37.56 17.56 11.31
N SER C 84 -38.17 16.98 12.34
CA SER C 84 -38.54 15.57 12.35
C SER C 84 -37.40 14.68 11.84
N TYR C 85 -36.22 14.89 12.41
CA TYR C 85 -35.02 14.11 12.07
C TYR C 85 -34.66 14.26 10.60
N SER C 86 -34.89 15.45 10.03
CA SER C 86 -34.61 15.87 8.65
C SER C 86 -35.77 15.54 7.73
N ALA C 87 -36.86 14.94 8.22
CA ALA C 87 -37.98 14.59 7.35
C ALA C 87 -38.69 15.80 6.78
N VAL C 88 -38.70 16.93 7.48
CA VAL C 88 -39.34 18.13 6.96
C VAL C 88 -38.28 19.17 6.59
N ASN C 89 -37.23 18.72 5.88
CA ASN C 89 -36.27 19.65 5.31
C ASN C 89 -36.95 20.76 4.52
N GLN C 90 -38.06 20.44 3.87
CA GLN C 90 -38.82 21.40 3.08
C GLN C 90 -39.77 22.23 3.93
N GLY C 91 -39.71 22.11 5.26
CA GLY C 91 -40.67 22.78 6.11
C GLY C 91 -41.95 21.97 6.23
N HIS C 92 -42.69 22.16 7.33
CA HIS C 92 -43.95 21.44 7.49
C HIS C 92 -44.94 21.81 6.38
N CYS C 93 -45.46 20.77 5.73
CA CYS C 93 -46.61 20.85 4.82
C CYS C 93 -46.33 21.85 3.69
N HIS C 94 -45.20 21.67 3.03
CA HIS C 94 -44.83 22.55 1.94
C HIS C 94 -45.89 22.49 0.86
N PRO C 95 -46.38 23.64 0.38
CA PRO C 95 -47.57 23.64 -0.50
C PRO C 95 -47.48 22.74 -1.72
N LYS C 96 -46.34 22.69 -2.40
CA LYS C 96 -46.24 21.88 -3.62
C LYS C 96 -46.43 20.40 -3.31
N ILE C 97 -45.83 19.93 -2.22
CA ILE C 97 -45.95 18.50 -1.88
C ILE C 97 -47.36 18.19 -1.41
N VAL C 98 -47.99 19.14 -0.70
CA VAL C 98 -49.39 18.99 -0.30
C VAL C 98 -50.28 18.89 -1.54
N ASN C 99 -50.01 19.72 -2.55
CA ASN C 99 -50.80 19.69 -3.78
C ASN C 99 -50.63 18.38 -4.51
N ALA C 100 -49.40 17.85 -4.55
CA ALA C 100 -49.18 16.56 -5.19
C ALA C 100 -49.96 15.46 -4.48
N LEU C 101 -49.87 15.42 -3.14
CA LEU C 101 -50.65 14.48 -2.35
C LEU C 101 -52.15 14.58 -2.68
N LYS C 102 -52.70 15.78 -2.58
CA LYS C 102 -54.13 15.96 -2.82
C LYS C 102 -54.53 15.56 -4.24
N SER C 103 -53.71 15.91 -5.23
CA SER C 103 -54.04 15.58 -6.61
C SER C 103 -54.03 14.07 -6.84
N GLN C 104 -53.10 13.36 -6.21
CA GLN C 104 -53.01 11.93 -6.45
C GLN C 104 -54.05 11.14 -5.64
N VAL C 105 -54.34 11.57 -4.41
CA VAL C 105 -55.25 10.82 -3.54
C VAL C 105 -56.61 10.62 -4.19
N ASP C 106 -57.04 11.54 -5.05
CA ASP C 106 -58.32 11.36 -5.74
C ASP C 106 -58.21 10.40 -6.92
N LYS C 107 -57.00 10.09 -7.37
CA LYS C 107 -56.81 9.22 -8.54
C LYS C 107 -56.51 7.78 -8.15
N LEU C 108 -55.46 7.55 -7.37
CA LEU C 108 -55.04 6.19 -7.06
C LEU C 108 -53.97 6.19 -5.98
N THR C 109 -54.14 5.38 -4.95
CA THR C 109 -53.19 5.37 -3.84
C THR C 109 -52.47 4.05 -3.62
N LEU C 110 -53.11 2.91 -3.92
CA LEU C 110 -52.47 1.64 -3.61
C LEU C 110 -53.06 0.52 -4.47
N THR C 111 -52.29 0.07 -5.45
CA THR C 111 -52.62 -1.11 -6.23
C THR C 111 -51.92 -2.37 -5.70
N SER C 112 -50.95 -2.22 -4.82
CA SER C 112 -49.95 -3.23 -4.48
C SER C 112 -49.06 -3.54 -5.69
N ARG C 113 -48.03 -4.34 -5.48
CA ARG C 113 -47.05 -4.63 -6.52
C ARG C 113 -47.41 -5.85 -7.35
N ALA C 114 -48.51 -6.53 -7.01
CA ALA C 114 -49.05 -7.54 -7.92
C ALA C 114 -49.38 -6.97 -9.29
N PHE C 115 -49.70 -5.68 -9.36
CA PHE C 115 -49.96 -5.00 -10.62
C PHE C 115 -49.08 -3.75 -10.72
N TYR C 116 -48.99 -3.20 -11.93
CA TYR C 116 -48.32 -1.92 -12.12
C TYR C 116 -49.25 -0.76 -11.81
N ASN C 117 -48.67 0.32 -11.31
CA ASN C 117 -49.29 1.64 -11.33
C ASN C 117 -48.50 2.53 -12.28
N ASN C 118 -49.09 3.67 -12.62
CA ASN C 118 -48.51 4.53 -13.66
C ASN C 118 -47.43 5.47 -13.13
N VAL C 119 -47.38 5.71 -11.83
CA VAL C 119 -46.49 6.73 -11.28
C VAL C 119 -45.09 6.17 -10.99
N LEU C 120 -45.00 4.91 -10.56
CA LEU C 120 -43.78 4.40 -9.96
C LEU C 120 -42.58 4.52 -10.92
N GLY C 121 -42.76 4.12 -12.18
CA GLY C 121 -41.67 4.23 -13.13
C GLY C 121 -41.18 5.64 -13.34
N GLU C 122 -42.12 6.60 -13.35
CA GLU C 122 -41.76 8.01 -13.47
C GLU C 122 -40.85 8.44 -12.34
N TYR C 123 -41.27 8.17 -11.10
CA TYR C 123 -40.46 8.44 -9.92
C TYR C 123 -39.09 7.76 -10.01
N GLU C 124 -39.08 6.49 -10.39
CA GLU C 124 -37.82 5.73 -10.42
C GLU C 124 -36.84 6.35 -11.40
N GLU C 125 -37.30 6.68 -12.62
CA GLU C 125 -36.40 7.29 -13.59
C GLU C 125 -35.89 8.62 -13.07
N TYR C 126 -36.78 9.43 -12.48
CA TYR C 126 -36.38 10.73 -11.97
C TYR C 126 -35.28 10.59 -10.91
N ILE C 127 -35.51 9.75 -9.90
CA ILE C 127 -34.58 9.68 -8.78
C ILE C 127 -33.27 9.00 -9.18
N THR C 128 -33.33 7.98 -10.04
CA THR C 128 -32.10 7.30 -10.43
C THR C 128 -31.24 8.15 -11.35
N LYS C 129 -31.86 9.01 -12.18
CA LYS C 129 -31.05 9.95 -12.93
C LYS C 129 -30.59 11.11 -12.07
N LEU C 130 -31.34 11.44 -11.02
CA LEU C 130 -30.93 12.51 -10.13
C LEU C 130 -29.67 12.14 -9.36
N PHE C 131 -29.60 10.91 -8.85
CA PHE C 131 -28.42 10.48 -8.12
C PHE C 131 -27.44 9.65 -8.94
N ASN C 132 -27.78 9.31 -10.18
CA ASN C 132 -26.87 8.66 -11.13
C ASN C 132 -26.59 7.22 -10.76
N TYR C 133 -27.61 6.50 -10.30
CA TYR C 133 -27.51 5.06 -10.16
C TYR C 133 -28.41 4.39 -11.20
N HIS C 134 -28.11 3.12 -11.49
CA HIS C 134 -28.92 2.38 -12.44
C HIS C 134 -30.35 2.20 -11.93
N LYS C 135 -30.52 1.87 -10.65
CA LYS C 135 -31.84 1.43 -10.21
C LYS C 135 -32.09 1.82 -8.77
N VAL C 136 -33.38 1.83 -8.44
CA VAL C 136 -33.91 2.14 -7.12
C VAL C 136 -34.88 1.05 -6.71
N LEU C 137 -34.84 0.68 -5.44
CA LEU C 137 -35.82 -0.20 -4.83
C LEU C 137 -36.58 0.62 -3.81
N PRO C 138 -37.88 0.82 -3.99
CA PRO C 138 -38.65 1.65 -3.06
C PRO C 138 -39.12 0.87 -1.84
N MET C 139 -38.98 1.49 -0.67
CA MET C 139 -39.50 0.99 0.58
C MET C 139 -40.25 2.15 1.24
N ASN C 140 -40.75 1.94 2.46
CA ASN C 140 -41.49 2.99 3.16
C ASN C 140 -40.64 3.71 4.20
N THR C 141 -40.15 3.01 5.21
CA THR C 141 -39.39 3.60 6.30
C THR C 141 -37.89 3.36 6.12
N GLY C 142 -37.11 4.18 6.84
CA GLY C 142 -35.67 4.09 6.75
C GLY C 142 -35.12 2.73 7.13
N VAL C 143 -35.66 2.14 8.21
CA VAL C 143 -35.21 0.81 8.62
C VAL C 143 -35.45 -0.21 7.52
N GLU C 144 -36.55 -0.06 6.77
CA GLU C 144 -36.79 -0.97 5.66
C GLU C 144 -35.75 -0.81 4.55
N ALA C 145 -35.34 0.43 4.27
CA ALA C 145 -34.25 0.65 3.33
C ALA C 145 -32.97 -0.02 3.83
N GLY C 146 -32.73 0.04 5.14
CA GLY C 146 -31.55 -0.62 5.68
C GLY C 146 -31.61 -2.12 5.55
N GLU C 147 -32.74 -2.72 5.95
CA GLU C 147 -32.96 -4.16 5.76
C GLU C 147 -32.75 -4.57 4.31
N THR C 148 -33.33 -3.79 3.38
CA THR C 148 -33.13 -4.02 1.96
C THR C 148 -31.65 -4.00 1.59
N ALA C 149 -30.93 -3.01 2.11
CA ALA C 149 -29.49 -2.93 1.84
C ALA C 149 -28.75 -4.16 2.36
N CYS C 150 -29.11 -4.64 3.55
CA CYS C 150 -28.45 -5.82 4.11
C CYS C 150 -28.74 -7.07 3.28
N LYS C 151 -29.99 -7.24 2.86
CA LYS C 151 -30.37 -8.36 2.02
C LYS C 151 -29.64 -8.30 0.68
N LEU C 152 -29.58 -7.12 0.07
CA LEU C 152 -28.79 -6.92 -1.15
C LEU C 152 -27.34 -7.31 -0.94
N ALA C 153 -26.74 -6.84 0.17
CA ALA C 153 -25.35 -7.15 0.47
C ALA C 153 -25.13 -8.65 0.54
N ARG C 154 -25.99 -9.36 1.28
CA ARG C 154 -25.82 -10.80 1.44
C ARG C 154 -26.03 -11.54 0.13
N LYS C 155 -27.08 -11.18 -0.62
CA LYS C 155 -27.34 -11.82 -1.90
C LYS C 155 -26.16 -11.63 -2.85
N TRP C 156 -25.65 -10.40 -2.94
CA TRP C 156 -24.48 -10.12 -3.78
C TRP C 156 -23.25 -10.88 -3.32
N GLY C 157 -23.04 -10.96 -2.00
CA GLY C 157 -21.90 -11.71 -1.51
C GLY C 157 -21.95 -13.18 -1.88
N TYR C 158 -23.11 -13.81 -1.65
CA TYR C 158 -23.24 -15.23 -1.98
C TYR C 158 -23.19 -15.49 -3.48
N THR C 159 -23.83 -14.63 -4.28
CA THR C 159 -24.02 -14.92 -5.69
C THR C 159 -23.00 -14.27 -6.62
N VAL C 160 -22.34 -13.20 -6.19
CA VAL C 160 -21.33 -12.54 -7.00
C VAL C 160 -19.93 -12.73 -6.43
N LYS C 161 -19.77 -12.56 -5.12
CA LYS C 161 -18.46 -12.69 -4.50
C LYS C 161 -18.10 -14.14 -4.20
N GLY C 162 -19.08 -15.03 -4.17
CA GLY C 162 -18.81 -16.42 -3.93
C GLY C 162 -18.72 -16.81 -2.48
N ILE C 163 -19.17 -15.94 -1.57
CA ILE C 163 -19.14 -16.29 -0.15
C ILE C 163 -20.07 -17.48 0.05
N GLN C 164 -19.63 -18.46 0.81
CA GLN C 164 -20.44 -19.66 1.00
C GLN C 164 -21.62 -19.36 1.92
N LYS C 165 -22.75 -19.96 1.59
CA LYS C 165 -23.98 -19.80 2.36
C LYS C 165 -23.88 -20.61 3.64
N TYR C 166 -24.09 -19.97 4.79
CA TYR C 166 -24.41 -18.55 4.91
C TYR C 166 -23.41 -17.83 5.82
N LYS C 167 -22.26 -17.44 5.28
CA LYS C 167 -21.18 -16.89 6.10
C LYS C 167 -20.92 -15.41 5.81
N ALA C 168 -21.85 -14.73 5.14
CA ALA C 168 -21.63 -13.34 4.77
C ALA C 168 -21.66 -12.42 5.98
N LYS C 169 -20.68 -11.52 6.07
CA LYS C 169 -20.59 -10.54 7.15
C LYS C 169 -20.80 -9.14 6.59
N ILE C 170 -21.48 -8.30 7.35
CA ILE C 170 -21.57 -6.86 7.09
C ILE C 170 -20.97 -6.14 8.30
N VAL C 171 -20.15 -5.14 8.03
CA VAL C 171 -19.52 -4.35 9.09
C VAL C 171 -20.29 -3.05 9.28
N PHE C 172 -20.44 -2.64 10.55
CA PHE C 172 -21.04 -1.37 10.91
C PHE C 172 -20.07 -0.59 11.79
N ALA C 173 -20.38 0.70 11.97
CA ALA C 173 -19.61 1.57 12.84
C ALA C 173 -20.32 1.75 14.17
N ALA C 174 -19.56 1.72 15.26
CA ALA C 174 -20.12 1.99 16.58
C ALA C 174 -20.79 3.35 16.62
N GLY C 175 -21.91 3.43 17.33
CA GLY C 175 -22.73 4.62 17.32
C GLY C 175 -23.72 4.71 16.19
N ASN C 176 -23.73 3.75 15.28
CA ASN C 176 -24.69 3.69 14.19
C ASN C 176 -26.13 3.66 14.70
N PHE C 177 -27.03 4.27 13.94
CA PHE C 177 -28.47 4.07 14.12
C PHE C 177 -29.13 3.97 12.75
N TRP C 178 -29.80 2.83 12.48
CA TRP C 178 -30.59 2.72 11.25
C TRP C 178 -31.94 2.03 11.47
N GLY C 179 -32.43 1.96 12.69
CA GLY C 179 -33.79 1.54 12.91
C GLY C 179 -33.93 0.85 14.25
N ARG C 180 -35.08 0.18 14.43
CA ARG C 180 -35.34 -0.54 15.66
C ARG C 180 -36.01 -1.88 15.38
N THR C 181 -35.75 -2.45 14.20
CA THR C 181 -35.97 -3.87 13.99
C THR C 181 -34.90 -4.67 14.73
N LEU C 182 -35.10 -5.98 14.80
CA LEU C 182 -34.14 -6.85 15.49
C LEU C 182 -32.76 -6.77 14.83
N SER C 183 -32.72 -6.76 13.50
CA SER C 183 -31.45 -6.60 12.79
C SER C 183 -30.77 -5.29 13.16
N ALA C 184 -31.50 -4.19 13.03
CA ALA C 184 -30.96 -2.87 13.26
C ALA C 184 -30.35 -2.75 14.66
N ILE C 185 -31.09 -3.19 15.68
CA ILE C 185 -30.56 -3.15 17.03
C ILE C 185 -29.41 -4.15 17.19
N SER C 186 -29.40 -5.21 16.38
CA SER C 186 -28.28 -6.14 16.44
C SER C 186 -26.99 -5.50 15.94
N SER C 187 -27.08 -4.43 15.17
CA SER C 187 -25.85 -3.70 14.82
C SER C 187 -25.50 -2.58 15.82
N SER C 188 -26.36 -2.31 16.79
CA SER C 188 -26.22 -1.12 17.63
C SER C 188 -25.26 -1.33 18.80
N THR C 189 -24.59 -0.25 19.18
CA THR C 189 -23.79 -0.20 20.40
C THR C 189 -24.47 0.63 21.49
N ASP C 190 -25.75 0.96 21.30
CA ASP C 190 -26.50 1.72 22.29
C ASP C 190 -27.34 0.74 23.09
N PRO C 191 -27.05 0.52 24.37
CA PRO C 191 -27.81 -0.48 25.14
C PRO C 191 -29.31 -0.30 25.08
N THR C 192 -29.81 0.93 24.99
CA THR C 192 -31.25 1.13 24.95
C THR C 192 -31.88 0.58 23.68
N SER C 193 -31.10 0.44 22.60
CA SER C 193 -31.61 -0.19 21.39
C SER C 193 -31.72 -1.70 21.53
N TYR C 194 -30.68 -2.35 22.07
CA TYR C 194 -30.60 -3.80 21.99
C TYR C 194 -30.92 -4.51 23.32
N ASP C 195 -30.73 -3.84 24.45
CA ASP C 195 -30.85 -4.53 25.74
C ASP C 195 -32.24 -5.11 25.93
N GLY C 196 -32.30 -6.41 26.17
CA GLY C 196 -33.55 -7.09 26.42
C GLY C 196 -34.31 -7.50 25.17
N PHE C 197 -33.70 -7.43 24.00
CA PHE C 197 -34.38 -7.75 22.76
C PHE C 197 -33.68 -8.88 22.00
N GLY C 198 -32.66 -9.51 22.59
CA GLY C 198 -31.97 -10.61 21.96
C GLY C 198 -32.73 -11.91 22.09
N PRO C 199 -32.21 -12.97 21.44
CA PRO C 199 -30.91 -13.06 20.74
C PRO C 199 -30.83 -12.23 19.46
N PHE C 200 -29.62 -12.08 18.93
CA PHE C 200 -29.32 -11.03 17.97
C PHE C 200 -28.89 -11.63 16.64
N MET C 201 -29.05 -10.82 15.60
CA MET C 201 -28.70 -11.25 14.25
C MET C 201 -27.21 -11.56 14.16
N PRO C 202 -26.83 -12.74 13.69
CA PRO C 202 -25.42 -13.03 13.45
C PRO C 202 -24.96 -12.42 12.14
N GLY C 203 -23.63 -12.39 11.98
CA GLY C 203 -23.05 -11.80 10.79
C GLY C 203 -22.90 -10.31 10.84
N PHE C 204 -23.19 -9.66 11.97
CA PHE C 204 -23.04 -8.22 12.12
C PHE C 204 -21.78 -7.93 12.93
N ASP C 205 -20.73 -7.45 12.25
CA ASP C 205 -19.51 -7.02 12.95
C ASP C 205 -19.56 -5.53 13.23
N ILE C 206 -18.92 -5.13 14.34
CA ILE C 206 -18.90 -3.74 14.78
C ILE C 206 -17.45 -3.27 14.87
N ILE C 207 -17.16 -2.11 14.28
CA ILE C 207 -15.87 -1.46 14.43
C ILE C 207 -16.11 -0.01 14.82
N PRO C 208 -15.11 0.67 15.40
CA PRO C 208 -15.29 2.08 15.74
C PRO C 208 -15.51 2.95 14.51
N TYR C 209 -16.26 4.04 14.73
CA TYR C 209 -16.48 5.05 13.70
C TYR C 209 -15.18 5.82 13.45
N ASN C 210 -15.10 6.43 12.27
CA ASN C 210 -13.99 7.33 11.91
C ASN C 210 -12.64 6.66 12.17
N ASP C 211 -12.52 5.41 11.74
CA ASP C 211 -11.32 4.60 12.03
C ASP C 211 -11.02 3.76 10.79
N LEU C 212 -10.18 4.31 9.92
CA LEU C 212 -9.75 3.60 8.71
C LEU C 212 -8.91 2.37 9.03
N PRO C 213 -7.96 2.42 9.97
CA PRO C 213 -7.21 1.18 10.29
C PRO C 213 -8.10 0.06 10.79
N ALA C 214 -9.09 0.37 11.62
CA ALA C 214 -10.01 -0.68 12.09
C ALA C 214 -10.80 -1.27 10.93
N LEU C 215 -11.23 -0.43 9.98
CA LEU C 215 -11.95 -0.93 8.82
C LEU C 215 -11.07 -1.82 7.96
N GLU C 216 -9.84 -1.37 7.70
CA GLU C 216 -8.86 -2.19 6.99
C GLU C 216 -8.68 -3.55 7.65
N ARG C 217 -8.42 -3.55 8.97
CA ARG C 217 -8.31 -4.80 9.72
C ARG C 217 -9.54 -5.68 9.55
N ALA C 218 -10.74 -5.08 9.66
CA ALA C 218 -11.97 -5.85 9.55
C ALA C 218 -12.16 -6.43 8.15
N LEU C 219 -11.70 -5.72 7.12
CA LEU C 219 -11.92 -6.15 5.74
C LEU C 219 -10.92 -7.21 5.29
N GLN C 220 -10.12 -7.74 6.22
CA GLN C 220 -9.25 -8.87 5.89
C GLN C 220 -10.05 -10.16 5.73
N ASP C 221 -11.19 -10.27 6.41
CA ASP C 221 -12.06 -11.44 6.27
C ASP C 221 -12.72 -11.45 4.90
N PRO C 222 -12.44 -12.44 4.04
CA PRO C 222 -13.07 -12.47 2.72
C PRO C 222 -14.58 -12.67 2.76
N ASN C 223 -15.13 -13.11 3.88
CA ASN C 223 -16.58 -13.28 4.01
C ASN C 223 -17.32 -11.99 4.28
N VAL C 224 -16.61 -10.86 4.39
CA VAL C 224 -17.28 -9.57 4.51
C VAL C 224 -17.88 -9.20 3.17
N ALA C 225 -19.19 -8.94 3.17
CA ALA C 225 -19.88 -8.50 1.96
C ALA C 225 -20.02 -6.99 1.87
N ALA C 226 -20.20 -6.30 2.99
CA ALA C 226 -20.46 -4.87 2.93
C ALA C 226 -20.04 -4.19 4.23
N PHE C 227 -19.73 -2.91 4.10
CA PHE C 227 -19.57 -1.97 5.21
C PHE C 227 -20.66 -0.92 5.08
N MET C 228 -21.50 -0.79 6.10
CA MET C 228 -22.57 0.19 6.12
C MET C 228 -22.23 1.28 7.13
N VAL C 229 -22.38 2.55 6.72
CA VAL C 229 -21.91 3.66 7.53
C VAL C 229 -22.73 4.90 7.19
N GLU C 230 -22.94 5.75 8.20
CA GLU C 230 -23.54 7.07 8.07
C GLU C 230 -22.45 8.10 7.77
N PRO C 231 -22.61 8.94 6.75
CA PRO C 231 -21.59 9.98 6.51
C PRO C 231 -21.40 10.91 7.69
N ILE C 232 -22.48 11.20 8.43
CA ILE C 232 -22.41 11.82 9.74
C ILE C 232 -23.37 11.05 10.64
N GLN C 233 -22.92 10.71 11.84
CA GLN C 233 -23.75 9.91 12.74
C GLN C 233 -24.74 10.81 13.45
N GLY C 234 -26.01 10.72 13.05
CA GLY C 234 -27.06 11.55 13.60
C GLY C 234 -27.37 11.26 15.05
N GLU C 235 -28.08 10.15 15.29
CA GLU C 235 -28.57 9.83 16.63
C GLU C 235 -27.44 9.66 17.64
N ALA C 236 -26.22 9.38 17.17
CA ALA C 236 -25.06 9.33 18.07
C ALA C 236 -24.74 10.70 18.66
N GLY C 237 -25.26 11.77 18.08
CA GLY C 237 -24.99 13.11 18.56
C GLY C 237 -24.30 13.99 17.54
N VAL C 238 -24.67 13.84 16.28
CA VAL C 238 -24.09 14.58 15.16
C VAL C 238 -22.58 14.43 15.21
N VAL C 239 -22.10 13.21 15.02
CA VAL C 239 -20.67 12.92 15.02
C VAL C 239 -20.15 13.04 13.59
N VAL C 240 -19.34 14.06 13.34
CA VAL C 240 -18.79 14.33 12.02
C VAL C 240 -17.40 13.71 11.96
N PRO C 241 -17.16 12.74 11.08
CA PRO C 241 -15.84 12.12 11.01
C PRO C 241 -14.80 13.05 10.41
N ASP C 242 -13.56 12.60 10.33
CA ASP C 242 -12.50 13.51 9.92
C ASP C 242 -12.46 13.61 8.40
N PRO C 243 -12.02 14.76 7.87
CA PRO C 243 -11.85 14.89 6.42
C PRO C 243 -11.03 13.74 5.87
N GLY C 244 -11.51 13.17 4.76
CA GLY C 244 -10.86 12.03 4.16
C GLY C 244 -11.36 10.68 4.62
N TYR C 245 -12.16 10.63 5.68
CA TYR C 245 -12.70 9.35 6.15
C TYR C 245 -13.51 8.66 5.06
N LEU C 246 -14.40 9.41 4.41
CA LEU C 246 -15.27 8.82 3.40
C LEU C 246 -14.46 8.30 2.22
N MET C 247 -13.46 9.07 1.79
CA MET C 247 -12.59 8.64 0.70
C MET C 247 -11.83 7.38 1.06
N GLY C 248 -11.28 7.32 2.28
CA GLY C 248 -10.60 6.12 2.71
C GLY C 248 -11.51 4.92 2.78
N VAL C 249 -12.76 5.12 3.22
CA VAL C 249 -13.74 4.03 3.26
C VAL C 249 -14.01 3.52 1.84
N ARG C 250 -14.29 4.44 0.91
CA ARG C 250 -14.45 4.05 -0.49
C ARG C 250 -13.27 3.23 -0.98
N GLU C 251 -12.05 3.66 -0.67
CA GLU C 251 -10.88 3.00 -1.20
C GLU C 251 -10.67 1.63 -0.57
N LEU C 252 -10.90 1.50 0.74
CA LEU C 252 -10.75 0.18 1.37
C LEU C 252 -11.82 -0.78 0.90
N CYS C 253 -13.06 -0.30 0.74
CA CYS C 253 -14.12 -1.17 0.23
C CYS C 253 -13.82 -1.63 -1.19
N THR C 254 -13.33 -0.72 -2.04
CA THR C 254 -12.96 -1.11 -3.40
C THR C 254 -11.80 -2.11 -3.39
N ARG C 255 -10.80 -1.85 -2.55
CA ARG C 255 -9.59 -2.68 -2.55
C ARG C 255 -9.87 -4.11 -2.14
N HIS C 256 -10.83 -4.32 -1.23
CA HIS C 256 -11.12 -5.65 -0.70
C HIS C 256 -12.42 -6.23 -1.23
N GLN C 257 -12.98 -5.63 -2.30
CA GLN C 257 -14.22 -6.09 -2.93
C GLN C 257 -15.35 -6.20 -1.89
N VAL C 258 -15.60 -5.08 -1.22
CA VAL C 258 -16.64 -4.96 -0.21
C VAL C 258 -17.57 -3.82 -0.62
N LEU C 259 -18.88 -4.03 -0.46
CA LEU C 259 -19.84 -3.00 -0.85
C LEU C 259 -19.90 -1.88 0.17
N PHE C 260 -19.79 -0.64 -0.32
CA PHE C 260 -19.91 0.55 0.50
C PHE C 260 -21.39 0.95 0.53
N ILE C 261 -22.03 0.79 1.68
CA ILE C 261 -23.39 1.24 1.92
C ILE C 261 -23.31 2.55 2.69
N ALA C 262 -23.82 3.62 2.09
CA ALA C 262 -23.92 4.91 2.75
C ALA C 262 -25.37 5.14 3.15
N ASP C 263 -25.61 5.24 4.45
CA ASP C 263 -26.93 5.55 4.96
C ASP C 263 -27.05 7.07 5.00
N GLU C 264 -27.72 7.64 4.00
CA GLU C 264 -27.94 9.07 3.90
C GLU C 264 -29.38 9.42 4.25
N ILE C 265 -30.04 8.56 5.03
CA ILE C 265 -31.43 8.77 5.40
C ILE C 265 -31.62 10.09 6.13
N GLN C 266 -30.72 10.42 7.06
CA GLN C 266 -30.77 11.71 7.73
C GLN C 266 -29.89 12.75 7.07
N THR C 267 -28.72 12.37 6.56
CA THR C 267 -27.76 13.32 6.02
C THR C 267 -28.03 13.69 4.57
N GLY C 268 -28.78 12.87 3.84
CA GLY C 268 -29.04 13.15 2.45
C GLY C 268 -30.09 14.23 2.25
N LEU C 269 -30.26 14.60 0.98
CA LEU C 269 -31.32 15.51 0.55
C LEU C 269 -31.13 16.90 1.18
N ALA C 270 -29.95 17.48 0.93
CA ALA C 270 -29.65 18.90 1.16
C ALA C 270 -29.36 19.26 2.62
N ARG C 271 -29.72 18.39 3.56
CA ARG C 271 -29.61 18.74 4.99
C ARG C 271 -28.21 19.20 5.36
N THR C 272 -27.18 18.51 4.87
CA THR C 272 -25.80 18.86 5.21
C THR C 272 -25.17 19.87 4.26
N GLY C 273 -25.92 20.41 3.31
CA GLY C 273 -25.41 21.37 2.37
C GLY C 273 -25.00 20.79 1.03
N ARG C 274 -25.28 19.51 0.79
CA ARG C 274 -25.13 18.89 -0.52
C ARG C 274 -26.31 17.95 -0.73
N TRP C 275 -26.48 17.48 -1.97
CA TRP C 275 -27.48 16.44 -2.21
C TRP C 275 -27.21 15.22 -1.33
N LEU C 276 -25.97 14.76 -1.30
CA LEU C 276 -25.53 13.71 -0.40
C LEU C 276 -24.32 14.23 0.37
N ALA C 277 -24.24 13.89 1.65
CA ALA C 277 -23.06 14.28 2.44
C ALA C 277 -21.78 13.78 1.81
N VAL C 278 -21.81 12.57 1.22
CA VAL C 278 -20.62 12.01 0.58
C VAL C 278 -20.15 12.88 -0.57
N ASP C 279 -21.03 13.72 -1.13
CA ASP C 279 -20.62 14.62 -2.20
C ASP C 279 -19.50 15.55 -1.74
N TYR C 280 -19.41 15.84 -0.44
CA TYR C 280 -18.33 16.68 0.05
C TYR C 280 -16.96 16.12 -0.30
N GLU C 281 -16.83 14.79 -0.41
CA GLU C 281 -15.55 14.19 -0.73
C GLU C 281 -15.55 13.50 -2.10
N ASN C 282 -16.57 13.76 -2.92
CA ASN C 282 -16.67 13.19 -4.27
C ASN C 282 -16.63 11.66 -4.21
N VAL C 283 -17.34 11.08 -3.25
CA VAL C 283 -17.32 9.64 -3.01
C VAL C 283 -18.60 9.05 -3.58
N ARG C 284 -18.47 7.95 -4.32
CA ARG C 284 -19.62 7.23 -4.87
C ARG C 284 -19.82 5.91 -4.13
N PRO C 285 -20.73 5.84 -3.17
CA PRO C 285 -21.00 4.57 -2.50
C PRO C 285 -21.57 3.53 -3.46
N ASP C 286 -21.49 2.27 -3.04
CA ASP C 286 -22.08 1.20 -3.83
C ASP C 286 -23.59 1.17 -3.66
N ILE C 287 -24.08 1.44 -2.45
CA ILE C 287 -25.50 1.51 -2.17
C ILE C 287 -25.76 2.78 -1.38
N VAL C 288 -26.83 3.49 -1.74
CA VAL C 288 -27.21 4.73 -1.06
C VAL C 288 -28.62 4.57 -0.50
N LEU C 289 -28.80 4.87 0.78
CA LEU C 289 -30.11 4.83 1.42
C LEU C 289 -30.67 6.23 1.57
N LEU C 290 -31.93 6.40 1.21
CA LEU C 290 -32.64 7.67 1.35
C LEU C 290 -33.93 7.46 2.13
N GLY C 291 -34.30 8.46 2.90
CA GLY C 291 -35.62 8.51 3.51
C GLY C 291 -35.94 9.92 3.99
N LYS C 292 -36.84 10.00 4.98
CA LYS C 292 -37.16 11.25 5.68
C LYS C 292 -37.62 12.37 4.76
N ALA C 293 -36.68 13.27 4.42
CA ALA C 293 -37.01 14.41 3.56
C ALA C 293 -37.45 13.96 2.18
N LEU C 294 -37.35 12.67 1.87
CA LEU C 294 -37.80 12.15 0.60
C LEU C 294 -39.30 12.36 0.43
N SER C 295 -40.03 12.60 1.51
CA SER C 295 -41.45 12.92 1.39
C SER C 295 -41.81 14.30 1.89
N GLY C 296 -40.88 15.02 2.49
CA GLY C 296 -41.24 16.26 3.16
C GLY C 296 -42.13 16.06 4.36
N GLY C 297 -42.16 14.85 4.91
CA GLY C 297 -42.98 14.54 6.06
C GLY C 297 -44.40 14.10 5.74
N LEU C 298 -44.76 14.03 4.45
CA LEU C 298 -46.14 13.76 4.07
C LEU C 298 -46.47 12.29 3.94
N TYR C 299 -45.46 11.41 3.87
CA TYR C 299 -45.68 9.99 3.58
C TYR C 299 -44.41 9.19 3.83
N PRO C 300 -44.46 8.05 4.54
CA PRO C 300 -43.24 7.25 4.71
C PRO C 300 -42.72 6.68 3.40
N VAL C 301 -41.70 7.31 2.82
CA VAL C 301 -41.05 6.83 1.60
C VAL C 301 -39.55 6.74 1.85
N SER C 302 -38.98 5.57 1.59
CA SER C 302 -37.53 5.38 1.58
C SER C 302 -37.11 4.76 0.25
N ALA C 303 -35.83 4.90 -0.07
CA ALA C 303 -35.29 4.41 -1.34
C ALA C 303 -33.94 3.76 -1.11
N VAL C 304 -33.66 2.72 -1.90
CA VAL C 304 -32.33 2.12 -1.97
C VAL C 304 -31.84 2.28 -3.40
N LEU C 305 -30.67 2.91 -3.58
CA LEU C 305 -30.14 3.19 -4.91
C LEU C 305 -28.84 2.44 -5.11
N CYS C 306 -28.73 1.77 -6.26
CA CYS C 306 -27.47 1.12 -6.63
C CYS C 306 -27.53 0.71 -8.10
N ASP C 307 -26.38 0.30 -8.64
CA ASP C 307 -26.28 -0.12 -10.03
C ASP C 307 -26.79 -1.55 -10.23
N ASP C 308 -26.85 -1.96 -11.50
CA ASP C 308 -27.51 -3.21 -11.87
C ASP C 308 -26.84 -4.42 -11.23
N ASP C 309 -25.51 -4.42 -11.18
CA ASP C 309 -24.77 -5.57 -10.71
C ASP C 309 -25.05 -5.92 -9.25
N ILE C 310 -25.53 -4.96 -8.46
CA ILE C 310 -25.98 -5.23 -7.10
C ILE C 310 -27.48 -5.46 -7.03
N MET C 311 -28.26 -4.54 -7.63
CA MET C 311 -29.71 -4.59 -7.55
C MET C 311 -30.27 -5.88 -8.14
N LEU C 312 -29.73 -6.34 -9.26
CA LEU C 312 -30.33 -7.44 -9.99
C LEU C 312 -30.02 -8.80 -9.40
N THR C 313 -29.27 -8.85 -8.29
CA THR C 313 -29.11 -10.09 -7.55
C THR C 313 -30.41 -10.55 -6.88
N ILE C 314 -31.36 -9.64 -6.70
CA ILE C 314 -32.66 -9.98 -6.12
C ILE C 314 -33.66 -10.19 -7.26
N LYS C 315 -34.21 -11.39 -7.34
CA LYS C 315 -35.08 -11.80 -8.41
C LYS C 315 -36.53 -11.53 -8.02
N PRO C 316 -37.46 -11.55 -8.99
CA PRO C 316 -38.87 -11.30 -8.64
C PRO C 316 -39.39 -12.26 -7.59
N GLY C 317 -40.12 -11.72 -6.61
CA GLY C 317 -40.70 -12.50 -5.55
C GLY C 317 -39.84 -12.68 -4.33
N GLU C 318 -38.60 -12.18 -4.33
CA GLU C 318 -37.67 -12.40 -3.23
C GLU C 318 -37.59 -11.23 -2.25
N HIS C 319 -38.21 -10.09 -2.55
CA HIS C 319 -38.17 -8.95 -1.64
C HIS C 319 -39.23 -7.94 -2.04
N GLY C 320 -39.79 -7.26 -1.04
CA GLY C 320 -40.77 -6.22 -1.31
C GLY C 320 -41.43 -5.72 -0.03
N SER C 321 -42.61 -5.12 -0.22
CA SER C 321 -43.39 -4.46 0.82
C SER C 321 -44.73 -4.06 0.20
N THR C 322 -45.80 -4.18 0.98
CA THR C 322 -47.13 -3.82 0.48
C THR C 322 -47.18 -2.41 -0.08
N TYR C 323 -46.80 -1.42 0.74
CA TYR C 323 -46.94 -0.03 0.35
C TYR C 323 -45.73 0.50 -0.39
N GLY C 324 -44.66 -0.28 -0.51
CA GLY C 324 -43.46 0.18 -1.19
C GLY C 324 -43.71 0.49 -2.64
N GLY C 325 -43.51 1.75 -3.02
CA GLY C 325 -43.67 2.16 -4.40
C GLY C 325 -45.10 2.46 -4.81
N ASN C 326 -46.01 2.60 -3.86
CA ASN C 326 -47.38 2.95 -4.17
C ASN C 326 -47.41 4.33 -4.86
N PRO C 327 -48.44 4.58 -5.68
CA PRO C 327 -48.41 5.81 -6.50
C PRO C 327 -48.50 7.09 -5.69
N LEU C 328 -49.20 7.06 -4.56
CA LEU C 328 -49.37 8.27 -3.74
C LEU C 328 -48.03 8.72 -3.17
N GLY C 329 -47.32 7.79 -2.52
CA GLY C 329 -46.00 8.10 -2.01
C GLY C 329 -45.06 8.54 -3.11
N CYS C 330 -45.19 7.94 -4.31
CA CYS C 330 -44.31 8.31 -5.41
C CYS C 330 -44.55 9.75 -5.84
N ARG C 331 -45.82 10.16 -5.97
CA ARG C 331 -46.12 11.54 -6.32
C ARG C 331 -45.54 12.49 -5.27
N VAL C 332 -45.77 12.17 -3.99
CA VAL C 332 -45.20 12.98 -2.91
C VAL C 332 -43.69 13.10 -3.05
N ALA C 333 -43.04 11.98 -3.38
CA ALA C 333 -41.58 11.98 -3.50
C ALA C 333 -41.09 12.84 -4.67
N ILE C 334 -41.75 12.71 -5.82
CA ILE C 334 -41.42 13.56 -6.96
C ILE C 334 -41.48 15.03 -6.56
N ALA C 335 -42.55 15.40 -5.85
CA ALA C 335 -42.70 16.79 -5.44
C ALA C 335 -41.61 17.20 -4.45
N ALA C 336 -41.31 16.34 -3.47
CA ALA C 336 -40.30 16.66 -2.47
C ALA C 336 -38.92 16.90 -3.09
N LEU C 337 -38.46 15.99 -3.96
CA LEU C 337 -37.16 16.22 -4.59
C LEU C 337 -37.21 17.49 -5.43
N GLU C 338 -38.31 17.69 -6.16
CA GLU C 338 -38.44 18.91 -6.96
C GLU C 338 -38.32 20.16 -6.10
N VAL C 339 -38.94 20.17 -4.92
CA VAL C 339 -38.82 21.31 -4.01
C VAL C 339 -37.36 21.51 -3.63
N LEU C 340 -36.69 20.44 -3.20
CA LEU C 340 -35.28 20.58 -2.81
C LEU C 340 -34.43 21.08 -3.97
N GLU C 341 -34.77 20.69 -5.20
CA GLU C 341 -34.01 21.11 -6.36
C GLU C 341 -34.25 22.58 -6.71
N GLU C 342 -35.51 22.99 -6.73
CA GLU C 342 -35.88 24.31 -7.25
C GLU C 342 -35.53 25.44 -6.29
N GLU C 343 -35.77 25.25 -5.01
CA GLU C 343 -35.48 26.29 -4.02
C GLU C 343 -34.03 26.29 -3.57
N ASN C 344 -33.17 25.51 -4.22
CA ASN C 344 -31.74 25.45 -3.90
C ASN C 344 -31.50 25.33 -2.41
N LEU C 345 -32.18 24.37 -1.77
CA LEU C 345 -32.10 24.25 -0.33
C LEU C 345 -30.73 23.77 0.16
N ALA C 346 -29.96 23.09 -0.70
CA ALA C 346 -28.63 22.64 -0.28
C ALA C 346 -27.70 23.83 -0.02
N GLU C 347 -27.65 24.78 -0.96
CA GLU C 347 -26.81 25.97 -0.78
C GLU C 347 -27.27 26.79 0.41
N ASN C 348 -28.59 26.89 0.60
CA ASN C 348 -29.13 27.58 1.78
C ASN C 348 -28.65 26.91 3.05
N ALA C 349 -28.78 25.58 3.13
CA ALA C 349 -28.34 24.86 4.31
C ALA C 349 -26.85 25.08 4.56
N ASP C 350 -26.04 25.07 3.51
CA ASP C 350 -24.61 25.26 3.68
C ASP C 350 -24.29 26.63 4.29
N LYS C 351 -24.79 27.70 3.65
CA LYS C 351 -24.47 29.05 4.13
C LYS C 351 -25.00 29.27 5.54
N LEU C 352 -26.27 28.88 5.78
CA LEU C 352 -26.87 29.12 7.07
C LEU C 352 -26.25 28.26 8.15
N GLY C 353 -25.74 27.07 7.81
CA GLY C 353 -25.05 26.27 8.80
C GLY C 353 -23.73 26.88 9.20
N ILE C 354 -23.00 27.42 8.23
CA ILE C 354 -21.82 28.23 8.57
C ILE C 354 -22.19 29.28 9.60
N ILE C 355 -23.24 30.06 9.31
CA ILE C 355 -23.65 31.14 10.21
C ILE C 355 -24.03 30.58 11.59
N LEU C 356 -24.82 29.52 11.61
CA LEU C 356 -25.32 28.96 12.87
C LEU C 356 -24.18 28.46 13.74
N ARG C 357 -23.25 27.70 13.16
CA ARG C 357 -22.13 27.22 13.93
C ARG C 357 -21.25 28.36 14.43
N ASN C 358 -21.02 29.38 13.58
CA ASN C 358 -20.26 30.54 14.02
C ASN C 358 -20.90 31.18 15.25
N GLU C 359 -22.20 31.43 15.20
CA GLU C 359 -22.89 32.04 16.34
C GLU C 359 -22.84 31.13 17.57
N LEU C 360 -22.95 29.80 17.38
CA LEU C 360 -22.97 28.89 18.51
C LEU C 360 -21.60 28.78 19.17
N MET C 361 -20.53 28.95 18.40
CA MET C 361 -19.17 28.91 18.93
C MET C 361 -18.89 30.07 19.88
N LYS C 362 -19.64 31.17 19.77
CA LYS C 362 -19.43 32.33 20.63
C LYS C 362 -20.01 32.13 22.02
N LEU C 363 -20.81 31.09 22.23
CA LEU C 363 -21.24 30.73 23.57
C LEU C 363 -20.02 30.36 24.41
N PRO C 364 -20.09 30.50 25.73
CA PRO C 364 -18.88 30.33 26.55
C PRO C 364 -18.45 28.87 26.62
N SER C 365 -17.18 28.63 26.29
CA SER C 365 -16.60 27.29 26.26
C SER C 365 -16.70 26.56 27.60
N ASP C 366 -16.91 27.28 28.70
CA ASP C 366 -17.03 26.64 30.00
C ASP C 366 -18.40 26.02 30.25
N VAL C 367 -19.40 26.28 29.40
CA VAL C 367 -20.72 25.70 29.54
C VAL C 367 -21.13 24.93 28.29
N VAL C 368 -20.76 25.44 27.11
CA VAL C 368 -20.90 24.72 25.86
C VAL C 368 -19.52 24.20 25.49
N THR C 369 -19.33 22.89 25.63
CA THR C 369 -18.03 22.30 25.43
C THR C 369 -17.71 22.01 23.98
N ALA C 370 -18.71 21.93 23.11
CA ALA C 370 -18.38 21.67 21.71
C ALA C 370 -19.51 22.09 20.79
N VAL C 371 -19.16 22.46 19.56
CA VAL C 371 -20.12 22.72 18.50
C VAL C 371 -19.67 21.98 17.26
N ARG C 372 -20.57 21.20 16.66
CA ARG C 372 -20.17 20.40 15.51
C ARG C 372 -21.32 20.24 14.53
N GLY C 373 -20.98 20.05 13.26
CA GLY C 373 -21.98 19.64 12.29
C GLY C 373 -21.59 20.07 10.89
N LYS C 374 -22.53 19.86 9.96
CA LYS C 374 -22.41 20.32 8.59
C LYS C 374 -23.79 20.75 8.11
N GLY C 375 -23.80 21.79 7.26
CA GLY C 375 -25.05 22.41 6.85
C GLY C 375 -25.91 22.76 8.05
N LEU C 376 -27.20 22.42 7.98
CA LEU C 376 -28.12 22.62 9.10
C LEU C 376 -28.34 21.34 9.89
N LEU C 377 -27.35 20.47 9.92
CA LEU C 377 -27.31 19.35 10.87
C LEU C 377 -26.18 19.69 11.83
N ASN C 378 -26.53 20.18 13.04
CA ASN C 378 -25.51 20.59 13.98
C ASN C 378 -25.94 20.14 15.36
N ALA C 379 -24.98 20.09 16.28
CA ALA C 379 -25.28 19.91 17.69
C ALA C 379 -24.28 20.68 18.54
N ILE C 380 -24.69 20.92 19.79
CA ILE C 380 -23.80 21.46 20.83
C ILE C 380 -23.69 20.43 21.95
N VAL C 381 -22.50 20.39 22.56
CA VAL C 381 -22.22 19.60 23.75
C VAL C 381 -22.05 20.58 24.91
N ILE C 382 -22.85 20.37 25.98
CA ILE C 382 -22.86 21.20 27.18
C ILE C 382 -22.11 20.48 28.30
N LYS C 383 -21.58 21.26 29.23
CA LYS C 383 -20.94 20.75 30.44
C LYS C 383 -22.02 20.31 31.42
N GLU C 384 -22.56 19.11 31.19
CA GLU C 384 -23.63 18.58 32.02
C GLU C 384 -23.22 18.54 33.49
N THR C 385 -24.17 18.82 34.36
CA THR C 385 -23.95 18.73 35.80
C THR C 385 -25.05 17.88 36.42
N LYS C 386 -24.98 17.74 37.74
CA LYS C 386 -25.99 17.00 38.49
C LYS C 386 -27.39 17.55 38.24
N ASP C 387 -27.56 18.87 38.30
CA ASP C 387 -28.88 19.46 38.13
C ASP C 387 -29.15 20.01 36.75
N TRP C 388 -28.12 20.22 35.93
CA TRP C 388 -28.27 20.95 34.68
C TRP C 388 -27.84 20.04 33.54
N ASP C 389 -28.81 19.70 32.69
CA ASP C 389 -28.62 18.76 31.60
C ASP C 389 -29.33 19.29 30.36
N ALA C 390 -29.19 18.54 29.26
CA ALA C 390 -29.76 18.98 27.99
C ALA C 390 -31.29 18.96 28.01
N TRP C 391 -31.89 18.07 28.81
CA TRP C 391 -33.34 18.04 28.93
C TRP C 391 -33.88 19.36 29.48
N LYS C 392 -33.31 19.84 30.60
CA LYS C 392 -33.72 21.13 31.15
C LYS C 392 -33.53 22.26 30.16
N VAL C 393 -32.41 22.25 29.43
CA VAL C 393 -32.18 23.29 28.44
C VAL C 393 -33.29 23.26 27.39
N CYS C 394 -33.63 22.08 26.89
CA CYS C 394 -34.71 21.98 25.90
C CYS C 394 -36.04 22.42 26.49
N LEU C 395 -36.27 22.13 27.77
CA LEU C 395 -37.48 22.61 28.44
C LEU C 395 -37.56 24.13 28.38
N ARG C 396 -36.44 24.80 28.68
CA ARG C 396 -36.45 26.26 28.68
C ARG C 396 -36.47 26.82 27.25
N LEU C 397 -35.80 26.15 26.30
CA LEU C 397 -35.91 26.53 24.90
C LEU C 397 -37.36 26.50 24.44
N ARG C 398 -38.09 25.45 24.82
CA ARG C 398 -39.52 25.39 24.59
C ARG C 398 -40.21 26.60 25.20
N ASP C 399 -39.92 26.87 26.48
CA ASP C 399 -40.50 28.03 27.15
C ASP C 399 -40.25 29.33 26.37
N ASN C 400 -39.13 29.43 25.67
CA ASN C 400 -38.83 30.60 24.87
C ASN C 400 -39.13 30.39 23.39
N GLY C 401 -40.03 29.47 23.05
CA GLY C 401 -40.51 29.34 21.69
C GLY C 401 -39.56 28.69 20.72
N LEU C 402 -38.76 27.73 21.16
CA LEU C 402 -37.89 26.97 20.25
C LEU C 402 -37.86 25.51 20.69
N LEU C 403 -38.16 24.62 19.74
CA LEU C 403 -38.27 23.19 20.01
C LEU C 403 -37.03 22.47 19.46
N ALA C 404 -36.36 21.72 20.33
CA ALA C 404 -35.13 21.02 19.97
C ALA C 404 -35.11 19.63 20.63
N LYS C 405 -34.12 18.83 20.22
CA LYS C 405 -33.97 17.46 20.69
C LYS C 405 -32.71 17.27 21.53
N PRO C 406 -32.84 16.78 22.77
CA PRO C 406 -31.66 16.38 23.53
C PRO C 406 -31.33 14.92 23.26
N THR C 407 -30.10 14.62 22.92
CA THR C 407 -29.60 13.26 22.97
C THR C 407 -28.73 13.11 24.21
N HIS C 408 -28.96 12.03 24.96
CA HIS C 408 -28.31 11.75 26.24
C HIS C 408 -28.57 12.94 27.17
N GLY C 409 -27.66 13.20 28.09
CA GLY C 409 -27.76 14.32 29.00
C GLY C 409 -27.00 15.55 28.61
N ASP C 410 -26.23 15.51 27.50
CA ASP C 410 -25.27 16.56 27.22
C ASP C 410 -25.26 17.08 25.79
N ILE C 411 -26.08 16.53 24.89
CA ILE C 411 -26.06 16.91 23.48
C ILE C 411 -27.42 17.50 23.12
N ILE C 412 -27.41 18.67 22.48
CA ILE C 412 -28.62 19.25 21.92
C ILE C 412 -28.42 19.43 20.43
N ARG C 413 -29.30 18.82 19.65
CA ARG C 413 -29.27 18.97 18.20
C ARG C 413 -29.99 20.25 17.79
N PHE C 414 -29.43 20.92 16.80
CA PHE C 414 -30.02 22.09 16.16
C PHE C 414 -30.09 21.77 14.67
N ALA C 415 -31.32 21.62 14.18
CA ALA C 415 -31.56 21.25 12.78
C ALA C 415 -32.90 21.83 12.35
N PRO C 416 -32.92 23.10 11.96
CA PRO C 416 -34.16 23.71 11.48
C PRO C 416 -34.42 23.35 10.02
N PRO C 417 -35.66 23.46 9.55
CA PRO C 417 -35.94 23.21 8.13
C PRO C 417 -35.07 24.09 7.24
N LEU C 418 -34.72 23.54 6.07
CA LEU C 418 -33.80 24.23 5.17
C LEU C 418 -34.43 25.43 4.49
N VAL C 419 -35.74 25.64 4.67
CA VAL C 419 -36.40 26.82 4.14
C VAL C 419 -36.26 28.03 5.05
N ILE C 420 -35.70 27.84 6.24
CA ILE C 420 -35.43 28.93 7.17
C ILE C 420 -34.64 30.03 6.47
N LYS C 421 -34.92 31.28 6.84
CA LYS C 421 -34.21 32.42 6.28
C LYS C 421 -33.24 32.97 7.31
N GLU C 422 -32.27 33.76 6.82
CA GLU C 422 -31.20 34.24 7.69
C GLU C 422 -31.75 35.02 8.87
N ASP C 423 -32.73 35.90 8.63
CA ASP C 423 -33.31 36.68 9.73
C ASP C 423 -33.99 35.78 10.76
N GLU C 424 -34.73 34.77 10.28
CA GLU C 424 -35.38 33.84 11.20
C GLU C 424 -34.35 33.00 11.93
N LEU C 425 -33.29 32.62 11.22
CA LEU C 425 -32.21 31.84 11.83
C LEU C 425 -31.55 32.61 12.97
N ARG C 426 -31.21 33.88 12.73
CA ARG C 426 -30.62 34.69 13.79
C ARG C 426 -31.58 34.93 14.95
N GLU C 427 -32.88 35.08 14.67
CA GLU C 427 -33.84 35.23 15.76
C GLU C 427 -33.84 33.99 16.64
N SER C 428 -33.83 32.81 16.02
CA SER C 428 -33.77 31.58 16.80
C SER C 428 -32.43 31.43 17.53
N ILE C 429 -31.34 31.88 16.89
CA ILE C 429 -30.04 31.89 17.55
C ILE C 429 -30.09 32.74 18.81
N GLU C 430 -30.80 33.87 18.76
CA GLU C 430 -30.92 34.69 19.96
C GLU C 430 -31.76 33.99 21.02
N ILE C 431 -32.79 33.26 20.61
CA ILE C 431 -33.52 32.45 21.59
C ILE C 431 -32.57 31.45 22.26
N ILE C 432 -31.69 30.83 21.47
CA ILE C 432 -30.75 29.85 22.00
C ILE C 432 -29.80 30.51 22.99
N ASN C 433 -29.19 31.62 22.58
CA ASN C 433 -28.30 32.38 23.47
C ASN C 433 -29.00 32.76 24.76
N LYS C 434 -30.21 33.31 24.66
CA LYS C 434 -30.97 33.70 25.84
C LYS C 434 -31.17 32.53 26.78
N THR C 435 -31.53 31.38 26.24
CA THR C 435 -31.74 30.20 27.07
C THR C 435 -30.43 29.73 27.71
N ILE C 436 -29.36 29.63 26.92
CA ILE C 436 -28.09 29.14 27.44
C ILE C 436 -27.58 30.06 28.54
N LEU C 437 -27.61 31.38 28.30
CA LEU C 437 -27.13 32.36 29.27
C LEU C 437 -28.15 32.59 30.38
N SER C 438 -29.32 31.98 30.29
CA SER C 438 -30.12 31.76 31.47
C SER C 438 -29.50 30.55 32.18
N PHE C 439 -29.99 30.24 33.37
CA PHE C 439 -29.45 29.16 34.24
C PHE C 439 -28.35 29.77 35.08
N PRO D 38 27.99 16.76 -39.73
CA PRO D 38 28.55 15.44 -40.07
C PRO D 38 27.59 14.30 -39.73
N THR D 39 27.51 13.30 -40.62
CA THR D 39 26.74 12.10 -40.34
C THR D 39 27.47 11.21 -39.34
N SER D 40 26.77 10.18 -38.86
CA SER D 40 27.38 9.18 -37.99
C SER D 40 28.58 8.55 -38.69
N ASP D 41 28.41 8.18 -39.96
CA ASP D 41 29.52 7.63 -40.74
C ASP D 41 30.68 8.63 -40.80
N ASP D 42 30.37 9.92 -40.98
CA ASP D 42 31.43 10.91 -40.94
C ASP D 42 32.20 10.93 -39.62
N ILE D 43 31.49 10.89 -38.50
CA ILE D 43 32.14 10.82 -37.18
C ILE D 43 33.09 9.62 -37.14
N PHE D 44 32.60 8.46 -37.56
CA PHE D 44 33.41 7.25 -37.53
C PHE D 44 34.67 7.42 -38.37
N GLU D 45 34.52 7.83 -39.62
CA GLU D 45 35.66 7.95 -40.53
C GLU D 45 36.65 9.00 -40.02
N ARG D 46 36.16 10.10 -39.45
CA ARG D 46 37.06 11.15 -38.98
C ARG D 46 37.89 10.67 -37.80
N GLU D 47 37.25 10.07 -36.80
CA GLU D 47 38.01 9.48 -35.69
C GLU D 47 38.99 8.42 -36.19
N TYR D 48 38.58 7.60 -37.16
CA TYR D 48 39.48 6.60 -37.70
C TYR D 48 40.70 7.24 -38.36
N LYS D 49 40.51 8.41 -38.98
CA LYS D 49 41.61 9.09 -39.65
C LYS D 49 42.58 9.72 -38.65
N TYR D 50 42.04 10.45 -37.67
CA TYR D 50 42.88 11.32 -36.85
C TYR D 50 43.00 10.89 -35.39
N GLY D 51 42.36 9.81 -34.98
CA GLY D 51 42.44 9.32 -33.63
C GLY D 51 43.09 7.94 -33.56
N ALA D 52 43.75 7.67 -32.43
CA ALA D 52 44.32 6.34 -32.20
C ALA D 52 43.21 5.29 -32.21
N HIS D 53 43.57 4.09 -32.66
CA HIS D 53 42.63 2.97 -32.71
C HIS D 53 42.68 2.13 -31.43
N ASN D 54 42.72 2.80 -30.29
CA ASN D 54 42.79 2.08 -29.01
C ASN D 54 41.41 1.65 -28.52
N TYR D 55 40.36 1.96 -29.27
CA TYR D 55 39.01 1.52 -28.98
C TYR D 55 38.35 1.06 -30.28
N HIS D 56 37.35 0.21 -30.14
CA HIS D 56 36.44 -0.14 -31.23
C HIS D 56 35.03 -0.02 -30.66
N PRO D 57 34.47 1.19 -30.65
CA PRO D 57 33.18 1.40 -29.99
C PRO D 57 32.01 0.92 -30.83
N LEU D 58 30.87 0.78 -30.16
CA LEU D 58 29.62 0.43 -30.82
C LEU D 58 29.27 1.51 -31.84
N PRO D 59 29.08 1.16 -33.11
CA PRO D 59 28.85 2.19 -34.13
C PRO D 59 27.60 3.01 -33.87
N VAL D 60 27.73 4.05 -33.05
CA VAL D 60 26.66 5.00 -32.77
C VAL D 60 27.32 6.32 -32.39
N ALA D 61 26.84 7.41 -32.97
CA ALA D 61 27.52 8.70 -32.89
C ALA D 61 26.62 9.67 -32.14
N LEU D 62 26.81 9.73 -30.83
CA LEU D 62 25.99 10.56 -29.96
C LEU D 62 26.43 12.02 -30.05
N GLU D 63 25.45 12.93 -29.94
CA GLU D 63 25.76 14.34 -29.80
C GLU D 63 25.06 15.00 -28.63
N ARG D 64 24.07 14.36 -28.00
CA ARG D 64 23.40 14.97 -26.87
C ARG D 64 23.05 13.90 -25.85
N GLY D 65 22.93 14.32 -24.60
CA GLY D 65 22.51 13.40 -23.55
C GLY D 65 21.88 14.12 -22.38
N LYS D 66 20.85 13.53 -21.80
CA LYS D 66 20.17 14.16 -20.67
C LYS D 66 19.46 13.08 -19.87
N GLY D 67 19.69 13.08 -18.56
CA GLY D 67 19.07 12.09 -17.70
C GLY D 67 19.48 10.69 -18.11
N ILE D 68 18.49 9.86 -18.42
CA ILE D 68 18.75 8.48 -18.80
C ILE D 68 18.94 8.32 -20.30
N TYR D 69 18.89 9.39 -21.08
CA TYR D 69 18.75 9.28 -22.52
C TYR D 69 19.95 9.88 -23.25
N LEU D 70 20.20 9.34 -24.45
CA LEU D 70 21.21 9.85 -25.35
C LEU D 70 20.59 10.04 -26.73
N TRP D 71 21.17 10.95 -27.51
CA TRP D 71 20.73 11.27 -28.85
C TRP D 71 21.92 11.35 -29.78
N ASP D 72 21.78 10.71 -30.95
CA ASP D 72 22.80 10.73 -31.96
C ASP D 72 22.62 11.93 -32.88
N VAL D 73 23.53 12.08 -33.84
CA VAL D 73 23.48 13.21 -34.77
C VAL D 73 22.23 13.15 -35.64
N GLU D 74 21.69 11.96 -35.88
CA GLU D 74 20.47 11.81 -36.65
C GLU D 74 19.21 12.12 -35.85
N GLY D 75 19.35 12.40 -34.55
CA GLY D 75 18.20 12.69 -33.71
C GLY D 75 17.56 11.50 -33.05
N ARG D 76 18.09 10.30 -33.27
CA ARG D 76 17.51 9.09 -32.68
C ARG D 76 17.78 9.03 -31.18
N LYS D 77 16.81 8.56 -30.43
CA LYS D 77 16.88 8.55 -28.98
C LYS D 77 17.18 7.14 -28.48
N TYR D 78 18.04 7.05 -27.47
CA TYR D 78 18.52 5.77 -26.95
C TYR D 78 18.49 5.78 -25.43
N PHE D 79 18.13 4.63 -24.87
CA PHE D 79 18.41 4.37 -23.46
C PHE D 79 19.91 4.14 -23.28
N ASP D 80 20.50 4.78 -22.29
CA ASP D 80 21.89 4.49 -21.91
C ASP D 80 21.87 3.45 -20.81
N PHE D 81 22.34 2.24 -21.12
CA PHE D 81 22.48 1.18 -20.13
C PHE D 81 23.95 0.90 -19.82
N LEU D 82 24.81 1.88 -20.07
CA LEU D 82 26.21 1.86 -19.67
C LEU D 82 26.54 2.87 -18.59
N SER D 83 25.90 4.05 -18.64
CA SER D 83 26.11 5.11 -17.66
C SER D 83 27.58 5.52 -17.55
N SER D 84 28.29 5.45 -18.68
CA SER D 84 29.72 5.74 -18.72
C SER D 84 30.47 5.04 -17.59
N TYR D 85 30.24 3.73 -17.46
CA TYR D 85 30.90 2.93 -16.43
C TYR D 85 30.58 3.43 -15.03
N SER D 86 29.36 3.94 -14.85
CA SER D 86 28.76 4.47 -13.61
C SER D 86 29.09 5.94 -13.41
N ALA D 87 29.81 6.59 -14.32
CA ALA D 87 30.17 7.99 -14.13
C ALA D 87 28.96 8.91 -14.13
N VAL D 88 27.89 8.56 -14.86
CA VAL D 88 26.70 9.38 -14.85
C VAL D 88 25.57 8.69 -14.10
N ASN D 89 25.86 8.20 -12.90
CA ASN D 89 24.82 7.70 -12.00
C ASN D 89 23.68 8.71 -11.86
N GLN D 90 24.02 10.00 -11.88
CA GLN D 90 23.05 11.08 -11.75
C GLN D 90 22.37 11.42 -13.07
N GLY D 91 22.60 10.65 -14.13
CA GLY D 91 22.09 10.99 -15.43
C GLY D 91 22.96 12.02 -16.14
N HIS D 92 22.93 12.02 -17.46
CA HIS D 92 23.70 13.00 -18.23
C HIS D 92 23.24 14.42 -17.92
N CYS D 93 24.20 15.29 -17.63
CA CYS D 93 23.99 16.74 -17.55
C CYS D 93 22.93 17.11 -16.51
N HIS D 94 23.06 16.54 -15.31
CA HIS D 94 22.10 16.83 -14.26
C HIS D 94 22.16 18.32 -13.91
N PRO D 95 21.01 19.01 -13.86
CA PRO D 95 21.04 20.48 -13.73
C PRO D 95 21.84 21.02 -12.57
N LYS D 96 21.77 20.39 -11.39
CA LYS D 96 22.49 20.94 -10.23
C LYS D 96 24.00 20.93 -10.44
N ILE D 97 24.54 19.85 -10.98
CA ILE D 97 25.99 19.78 -11.16
C ILE D 97 26.42 20.74 -12.27
N VAL D 98 25.59 20.86 -13.30
CA VAL D 98 25.86 21.83 -14.36
C VAL D 98 25.88 23.25 -13.79
N ASN D 99 24.94 23.56 -12.90
CA ASN D 99 24.89 24.89 -12.29
C ASN D 99 26.11 25.14 -11.42
N ALA D 100 26.55 24.12 -10.67
CA ALA D 100 27.75 24.28 -9.86
C ALA D 100 28.96 24.56 -10.73
N LEU D 101 29.14 23.78 -11.79
CA LEU D 101 30.20 24.02 -12.77
C LEU D 101 30.14 25.45 -13.31
N LYS D 102 28.99 25.86 -13.83
CA LYS D 102 28.85 27.18 -14.42
C LYS D 102 29.14 28.29 -13.42
N SER D 103 28.67 28.12 -12.18
CA SER D 103 28.88 29.15 -11.16
C SER D 103 30.35 29.26 -10.78
N GLN D 104 31.06 28.13 -10.71
CA GLN D 104 32.46 28.20 -10.30
C GLN D 104 33.38 28.65 -11.42
N VAL D 105 33.10 28.23 -12.65
CA VAL D 105 33.98 28.49 -13.78
C VAL D 105 34.27 29.98 -13.98
N ASP D 106 33.35 30.85 -13.58
CA ASP D 106 33.59 32.28 -13.74
C ASP D 106 34.49 32.85 -12.65
N LYS D 107 34.58 32.19 -11.50
CA LYS D 107 35.39 32.68 -10.39
C LYS D 107 36.83 32.20 -10.49
N LEU D 108 37.03 30.88 -10.48
CA LEU D 108 38.37 30.30 -10.35
C LEU D 108 38.33 28.82 -10.69
N THR D 109 39.24 28.37 -11.55
CA THR D 109 39.25 26.98 -11.99
C THR D 109 40.51 26.21 -11.64
N LEU D 110 41.67 26.85 -11.57
CA LEU D 110 42.89 26.09 -11.33
C LEU D 110 43.95 27.01 -10.74
N THR D 111 44.23 26.83 -9.45
CA THR D 111 45.33 27.51 -8.79
C THR D 111 46.61 26.69 -8.72
N SER D 112 46.52 25.38 -9.02
CA SER D 112 47.52 24.40 -8.66
C SER D 112 47.64 24.29 -7.15
N ARG D 113 48.41 23.31 -6.66
CA ARG D 113 48.52 23.07 -5.24
C ARG D 113 49.68 23.79 -4.58
N ALA D 114 50.49 24.53 -5.33
CA ALA D 114 51.45 25.45 -4.73
C ALA D 114 50.78 26.47 -3.82
N PHE D 115 49.51 26.78 -4.08
CA PHE D 115 48.73 27.67 -3.24
C PHE D 115 47.43 26.99 -2.82
N TYR D 116 46.79 27.58 -1.81
CA TYR D 116 45.45 27.14 -1.42
C TYR D 116 44.38 27.79 -2.29
N ASN D 117 43.30 27.04 -2.51
CA ASN D 117 42.05 27.62 -2.95
C ASN D 117 41.01 27.46 -1.83
N ASN D 118 39.90 28.17 -1.98
CA ASN D 118 38.93 28.26 -0.89
C ASN D 118 37.96 27.09 -0.85
N VAL D 119 37.78 26.38 -1.95
CA VAL D 119 36.76 25.34 -1.99
C VAL D 119 37.27 23.99 -1.49
N LEU D 120 38.55 23.68 -1.70
CA LEU D 120 39.03 22.31 -1.52
C LEU D 120 38.76 21.81 -0.11
N GLY D 121 39.03 22.64 0.90
CA GLY D 121 38.75 22.25 2.28
C GLY D 121 37.29 21.95 2.51
N GLU D 122 36.40 22.72 1.87
CA GLU D 122 34.97 22.47 1.97
C GLU D 122 34.62 21.07 1.47
N TYR D 123 35.07 20.75 0.25
CA TYR D 123 34.86 19.43 -0.32
C TYR D 123 35.43 18.34 0.58
N GLU D 124 36.66 18.54 1.06
CA GLU D 124 37.31 17.52 1.87
C GLU D 124 36.53 17.25 3.15
N GLU D 125 36.09 18.31 3.84
CA GLU D 125 35.32 18.13 5.06
C GLU D 125 34.03 17.38 4.76
N TYR D 126 33.34 17.79 3.70
CA TYR D 126 32.07 17.17 3.34
C TYR D 126 32.25 15.69 3.04
N ILE D 127 33.19 15.35 2.16
CA ILE D 127 33.31 13.96 1.72
C ILE D 127 33.87 13.08 2.84
N THR D 128 34.77 13.60 3.67
CA THR D 128 35.31 12.76 4.75
C THR D 128 34.29 12.55 5.85
N LYS D 129 33.38 13.52 6.08
CA LYS D 129 32.31 13.27 7.04
C LYS D 129 31.23 12.36 6.45
N LEU D 130 31.03 12.43 5.13
CA LEU D 130 30.06 11.57 4.47
C LEU D 130 30.42 10.09 4.59
N PHE D 131 31.68 9.76 4.34
CA PHE D 131 32.12 8.37 4.40
C PHE D 131 32.80 8.02 5.71
N ASN D 132 33.00 9.01 6.58
CA ASN D 132 33.41 8.80 7.97
C ASN D 132 34.87 8.33 8.07
N TYR D 133 35.74 8.90 7.24
CA TYR D 133 37.18 8.75 7.35
C TYR D 133 37.82 10.07 7.79
N HIS D 134 39.04 9.97 8.30
CA HIS D 134 39.77 11.18 8.71
C HIS D 134 40.08 12.08 7.53
N LYS D 135 40.55 11.52 6.42
CA LYS D 135 41.14 12.37 5.40
C LYS D 135 40.93 11.80 4.00
N VAL D 136 41.04 12.69 3.02
CA VAL D 136 40.89 12.40 1.61
C VAL D 136 42.08 13.02 0.87
N LEU D 137 42.57 12.31 -0.13
CA LEU D 137 43.55 12.81 -1.08
C LEU D 137 42.88 12.88 -2.44
N PRO D 138 42.74 14.07 -3.01
CA PRO D 138 42.05 14.21 -4.30
C PRO D 138 42.99 13.96 -5.46
N MET D 139 42.50 13.18 -6.43
CA MET D 139 43.16 12.96 -7.70
C MET D 139 42.13 13.20 -8.80
N ASN D 140 42.52 12.96 -10.04
CA ASN D 140 41.64 13.21 -11.18
C ASN D 140 40.98 11.93 -11.69
N THR D 141 41.76 10.97 -12.16
CA THR D 141 41.22 9.76 -12.78
C THR D 141 41.24 8.60 -11.79
N GLY D 142 40.42 7.59 -12.08
CA GLY D 142 40.36 6.43 -11.22
C GLY D 142 41.69 5.72 -11.09
N VAL D 143 42.42 5.59 -12.20
CA VAL D 143 43.73 4.96 -12.15
C VAL D 143 44.67 5.74 -11.24
N GLU D 144 44.55 7.06 -11.21
CA GLU D 144 45.36 7.86 -10.29
C GLU D 144 45.00 7.57 -8.85
N ALA D 145 43.71 7.39 -8.55
CA ALA D 145 43.32 6.98 -7.20
C ALA D 145 43.93 5.63 -6.85
N GLY D 146 43.98 4.72 -7.83
CA GLY D 146 44.60 3.42 -7.57
C GLY D 146 46.10 3.52 -7.31
N GLU D 147 46.80 4.25 -8.18
CA GLU D 147 48.23 4.50 -7.99
C GLU D 147 48.50 5.14 -6.63
N THR D 148 47.69 6.14 -6.27
CA THR D 148 47.80 6.77 -4.96
C THR D 148 47.63 5.75 -3.84
N ALA D 149 46.63 4.88 -3.97
CA ALA D 149 46.42 3.84 -2.97
C ALA D 149 47.63 2.91 -2.86
N CYS D 150 48.23 2.56 -4.00
CA CYS D 150 49.40 1.68 -3.97
C CYS D 150 50.59 2.36 -3.30
N LYS D 151 50.80 3.64 -3.62
CA LYS D 151 51.87 4.40 -2.97
C LYS D 151 51.62 4.52 -1.47
N LEU D 152 50.38 4.80 -1.07
CA LEU D 152 50.02 4.80 0.35
C LEU D 152 50.35 3.47 1.00
N ALA D 153 49.94 2.37 0.36
CA ALA D 153 50.21 1.04 0.89
C ALA D 153 51.70 0.82 1.08
N ARG D 154 52.51 1.15 0.07
CA ARG D 154 53.94 0.92 0.17
C ARG D 154 54.60 1.81 1.22
N LYS D 155 54.24 3.10 1.24
CA LYS D 155 54.77 4.01 2.24
C LYS D 155 54.44 3.54 3.65
N TRP D 156 53.19 3.16 3.88
CA TRP D 156 52.78 2.64 5.18
C TRP D 156 53.52 1.35 5.53
N GLY D 157 53.67 0.45 4.55
CA GLY D 157 54.39 -0.78 4.82
C GLY D 157 55.83 -0.55 5.23
N TYR D 158 56.54 0.28 4.46
CA TYR D 158 57.94 0.56 4.78
C TYR D 158 58.08 1.33 6.08
N THR D 159 57.21 2.30 6.34
CA THR D 159 57.40 3.23 7.46
C THR D 159 56.61 2.87 8.72
N VAL D 160 55.54 2.09 8.63
CA VAL D 160 54.76 1.70 9.79
C VAL D 160 54.93 0.21 10.09
N LYS D 161 54.86 -0.64 9.07
CA LYS D 161 55.01 -2.07 9.28
C LYS D 161 56.49 -2.46 9.30
N GLY D 162 57.36 -1.59 8.79
CA GLY D 162 58.79 -1.80 8.79
C GLY D 162 59.32 -2.64 7.66
N ILE D 163 58.51 -2.88 6.62
CA ILE D 163 58.92 -3.76 5.52
C ILE D 163 60.19 -3.25 4.86
N GLN D 164 61.05 -4.17 4.47
CA GLN D 164 62.32 -3.82 3.86
C GLN D 164 62.12 -3.15 2.50
N LYS D 165 62.87 -2.08 2.27
CA LYS D 165 62.87 -1.43 0.97
C LYS D 165 63.78 -2.19 0.03
N TYR D 166 63.24 -2.60 -1.12
CA TYR D 166 61.84 -2.36 -1.45
C TYR D 166 61.12 -3.67 -1.75
N LYS D 167 60.66 -4.35 -0.70
CA LYS D 167 60.07 -5.68 -0.84
C LYS D 167 58.58 -5.70 -0.53
N ALA D 168 57.93 -4.54 -0.48
CA ALA D 168 56.51 -4.51 -0.16
C ALA D 168 55.68 -5.14 -1.27
N LYS D 169 54.73 -6.00 -0.90
CA LYS D 169 53.84 -6.61 -1.86
C LYS D 169 52.42 -6.10 -1.69
N ILE D 170 51.73 -5.95 -2.81
CA ILE D 170 50.29 -5.70 -2.84
C ILE D 170 49.65 -6.88 -3.56
N VAL D 171 48.59 -7.39 -2.98
CA VAL D 171 47.85 -8.53 -3.50
C VAL D 171 46.63 -8.01 -4.24
N PHE D 172 46.35 -8.58 -5.42
CA PHE D 172 45.15 -8.28 -6.19
C PHE D 172 44.42 -9.58 -6.49
N ALA D 173 43.19 -9.45 -6.94
CA ALA D 173 42.37 -10.58 -7.34
C ALA D 173 42.38 -10.69 -8.86
N ALA D 174 42.45 -11.92 -9.36
CA ALA D 174 42.36 -12.14 -10.80
C ALA D 174 41.06 -11.58 -11.33
N GLY D 175 41.12 -10.99 -12.53
CA GLY D 175 40.01 -10.26 -13.09
C GLY D 175 39.89 -8.82 -12.65
N ASN D 176 40.77 -8.35 -11.77
CA ASN D 176 40.78 -6.94 -11.36
C ASN D 176 40.99 -6.02 -12.56
N PHE D 177 40.39 -4.84 -12.48
CA PHE D 177 40.71 -3.74 -13.39
C PHE D 177 40.70 -2.45 -12.60
N TRP D 178 41.83 -1.71 -12.63
CA TRP D 178 41.85 -0.39 -12.01
C TRP D 178 42.60 0.65 -12.83
N GLY D 179 42.82 0.41 -14.12
CA GLY D 179 43.31 1.45 -14.99
C GLY D 179 44.13 0.88 -16.13
N ARG D 180 44.86 1.78 -16.79
CA ARG D 180 45.64 1.45 -17.96
C ARG D 180 47.10 1.91 -17.86
N THR D 181 47.55 2.30 -16.66
CA THR D 181 48.96 2.60 -16.48
C THR D 181 49.76 1.29 -16.49
N LEU D 182 51.09 1.42 -16.58
CA LEU D 182 51.93 0.25 -16.56
C LEU D 182 51.78 -0.52 -15.25
N SER D 183 51.65 0.20 -14.14
CA SER D 183 51.40 -0.47 -12.86
C SER D 183 50.09 -1.26 -12.89
N ALA D 184 49.00 -0.62 -13.31
CA ALA D 184 47.69 -1.26 -13.30
C ALA D 184 47.69 -2.55 -14.11
N ILE D 185 48.18 -2.49 -15.35
CA ILE D 185 48.22 -3.68 -16.20
C ILE D 185 49.15 -4.74 -15.65
N SER D 186 50.14 -4.34 -14.83
CA SER D 186 51.01 -5.33 -14.20
C SER D 186 50.27 -6.17 -13.17
N SER D 187 49.12 -5.71 -12.67
CA SER D 187 48.29 -6.52 -11.80
C SER D 187 47.24 -7.32 -12.57
N SER D 188 47.13 -7.11 -13.88
CA SER D 188 46.03 -7.64 -14.65
C SER D 188 46.26 -9.09 -15.07
N THR D 189 45.17 -9.85 -15.15
CA THR D 189 45.16 -11.18 -15.73
C THR D 189 44.47 -11.19 -17.09
N ASP D 190 44.22 -10.02 -17.66
CA ASP D 190 43.59 -9.91 -18.97
C ASP D 190 44.68 -9.64 -19.99
N PRO D 191 44.99 -10.59 -20.88
CA PRO D 191 46.09 -10.37 -21.85
C PRO D 191 45.99 -9.06 -22.61
N THR D 192 44.79 -8.57 -22.91
CA THR D 192 44.68 -7.32 -23.65
C THR D 192 45.17 -6.12 -22.85
N SER D 193 45.17 -6.21 -21.51
CA SER D 193 45.73 -5.14 -20.71
C SER D 193 47.26 -5.14 -20.75
N TYR D 194 47.88 -6.31 -20.56
CA TYR D 194 49.32 -6.34 -20.32
C TYR D 194 50.15 -6.82 -21.51
N ASP D 195 49.61 -7.65 -22.40
CA ASP D 195 50.43 -8.27 -23.44
C ASP D 195 51.04 -7.22 -24.34
N GLY D 196 52.37 -7.25 -24.46
CA GLY D 196 53.11 -6.31 -25.28
C GLY D 196 53.43 -4.99 -24.61
N PHE D 197 53.23 -4.88 -23.30
CA PHE D 197 53.49 -3.64 -22.59
C PHE D 197 54.52 -3.79 -21.47
N GLY D 198 55.15 -4.95 -21.33
CA GLY D 198 56.15 -5.16 -20.32
C GLY D 198 57.50 -4.59 -20.72
N PRO D 199 58.48 -4.69 -19.79
CA PRO D 199 58.43 -5.40 -18.51
C PRO D 199 57.51 -4.76 -17.47
N PHE D 200 57.22 -5.48 -16.40
CA PHE D 200 56.08 -5.18 -15.55
C PHE D 200 56.53 -4.84 -14.13
N MET D 201 55.66 -4.12 -13.44
CA MET D 201 55.93 -3.72 -12.07
C MET D 201 56.07 -4.95 -11.19
N PRO D 202 57.16 -5.08 -10.43
CA PRO D 202 57.27 -6.17 -9.47
C PRO D 202 56.53 -5.85 -8.18
N GLY D 203 56.39 -6.86 -7.33
CA GLY D 203 55.71 -6.71 -6.06
C GLY D 203 54.21 -6.85 -6.09
N PHE D 204 53.63 -7.26 -7.21
CA PHE D 204 52.19 -7.46 -7.33
C PHE D 204 51.88 -8.96 -7.33
N ASP D 205 51.25 -9.44 -6.26
CA ASP D 205 50.77 -10.81 -6.21
C ASP D 205 49.34 -10.89 -6.74
N ILE D 206 49.03 -12.01 -7.37
CA ILE D 206 47.70 -12.27 -7.92
C ILE D 206 47.15 -13.54 -7.28
N ILE D 207 45.94 -13.45 -6.73
CA ILE D 207 45.21 -14.61 -6.22
C ILE D 207 43.84 -14.61 -6.87
N PRO D 208 43.15 -15.76 -6.84
CA PRO D 208 41.78 -15.78 -7.39
C PRO D 208 40.85 -14.85 -6.60
N TYR D 209 39.84 -14.34 -7.31
CA TYR D 209 38.79 -13.55 -6.69
C TYR D 209 37.90 -14.47 -5.84
N ASN D 210 37.20 -13.85 -4.88
CA ASN D 210 36.18 -14.55 -4.08
C ASN D 210 36.75 -15.82 -3.45
N ASP D 211 37.93 -15.72 -2.87
CA ASP D 211 38.67 -16.87 -2.35
C ASP D 211 39.40 -16.45 -1.07
N LEU D 212 38.75 -16.65 0.08
CA LEU D 212 39.34 -16.34 1.38
C LEU D 212 40.54 -17.22 1.71
N PRO D 213 40.50 -18.54 1.43
CA PRO D 213 41.71 -19.35 1.71
C PRO D 213 42.94 -18.90 0.93
N ALA D 214 42.79 -18.54 -0.35
CA ALA D 214 43.95 -18.05 -1.10
C ALA D 214 44.45 -16.73 -0.52
N LEU D 215 43.54 -15.86 -0.08
CA LEU D 215 43.96 -14.60 0.54
C LEU D 215 44.72 -14.87 1.85
N GLU D 216 44.19 -15.76 2.68
CA GLU D 216 44.87 -16.17 3.90
C GLU D 216 46.28 -16.68 3.60
N ARG D 217 46.39 -17.61 2.65
CA ARG D 217 47.69 -18.12 2.23
C ARG D 217 48.62 -17.00 1.80
N ALA D 218 48.11 -16.08 0.99
CA ALA D 218 48.93 -14.98 0.47
C ALA D 218 49.40 -14.04 1.58
N LEU D 219 48.57 -13.84 2.61
CA LEU D 219 48.88 -12.89 3.67
C LEU D 219 49.84 -13.45 4.69
N GLN D 220 50.40 -14.63 4.44
CA GLN D 220 51.45 -15.17 5.29
C GLN D 220 52.78 -14.46 5.08
N ASP D 221 53.00 -13.92 3.89
CA ASP D 221 54.22 -13.17 3.62
C ASP D 221 54.18 -11.86 4.41
N PRO D 222 55.10 -11.65 5.36
CA PRO D 222 55.07 -10.39 6.12
C PRO D 222 55.34 -9.16 5.28
N ASN D 223 55.88 -9.31 4.06
CA ASN D 223 56.12 -8.20 3.18
C ASN D 223 54.87 -7.72 2.45
N VAL D 224 53.73 -8.35 2.66
CA VAL D 224 52.48 -7.86 2.09
C VAL D 224 52.05 -6.60 2.84
N ALA D 225 51.85 -5.51 2.10
CA ALA D 225 51.36 -4.27 2.67
C ALA D 225 49.86 -4.11 2.53
N ALA D 226 49.28 -4.60 1.44
CA ALA D 226 47.86 -4.34 1.20
C ALA D 226 47.28 -5.41 0.28
N PHE D 227 45.97 -5.61 0.43
CA PHE D 227 45.14 -6.33 -0.51
C PHE D 227 44.16 -5.34 -1.11
N MET D 228 44.19 -5.18 -2.43
CA MET D 228 43.28 -4.30 -3.15
C MET D 228 42.27 -5.12 -3.92
N VAL D 229 41.00 -4.77 -3.80
CA VAL D 229 39.94 -5.62 -4.35
C VAL D 229 38.72 -4.75 -4.66
N GLU D 230 37.98 -5.15 -5.72
CA GLU D 230 36.70 -4.56 -6.08
C GLU D 230 35.58 -5.30 -5.35
N PRO D 231 34.67 -4.61 -4.67
CA PRO D 231 33.54 -5.32 -4.06
C PRO D 231 32.70 -6.10 -5.06
N ILE D 232 32.57 -5.60 -6.27
CA ILE D 232 32.09 -6.36 -7.42
C ILE D 232 33.01 -6.04 -8.59
N GLN D 233 33.42 -7.07 -9.32
CA GLN D 233 34.36 -6.85 -10.42
C GLN D 233 33.60 -6.39 -11.66
N GLY D 234 33.71 -5.10 -11.97
CA GLY D 234 33.00 -4.53 -13.09
C GLY D 234 33.46 -5.03 -14.44
N GLU D 235 34.63 -4.55 -14.88
CA GLU D 235 35.12 -4.87 -16.22
C GLU D 235 35.32 -6.37 -16.43
N ALA D 236 35.48 -7.14 -15.35
CA ALA D 236 35.55 -8.59 -15.47
C ALA D 236 34.23 -9.20 -15.94
N GLY D 237 33.13 -8.45 -15.85
CA GLY D 237 31.83 -8.95 -16.26
C GLY D 237 30.81 -8.98 -15.14
N VAL D 238 30.86 -7.97 -14.26
CA VAL D 238 29.98 -7.86 -13.10
C VAL D 238 30.04 -9.16 -12.31
N VAL D 239 31.20 -9.46 -11.75
CA VAL D 239 31.41 -10.67 -10.96
C VAL D 239 31.09 -10.34 -9.51
N VAL D 240 30.00 -10.89 -9.00
CA VAL D 240 29.55 -10.65 -7.64
C VAL D 240 30.08 -11.77 -6.76
N PRO D 241 30.94 -11.49 -5.79
CA PRO D 241 31.48 -12.56 -4.95
C PRO D 241 30.43 -13.13 -4.02
N ASP D 242 30.79 -14.11 -3.23
CA ASP D 242 29.80 -14.80 -2.43
C ASP D 242 29.53 -14.03 -1.14
N PRO D 243 28.33 -14.14 -0.59
CA PRO D 243 28.04 -13.50 0.70
C PRO D 243 29.10 -13.83 1.73
N GLY D 244 29.55 -12.79 2.45
CA GLY D 244 30.58 -12.95 3.45
C GLY D 244 31.99 -12.73 2.95
N TYR D 245 32.20 -12.62 1.65
CA TYR D 245 33.55 -12.42 1.12
C TYR D 245 34.18 -11.13 1.66
N LEU D 246 33.43 -10.02 1.60
CA LEU D 246 33.97 -8.75 2.08
C LEU D 246 34.29 -8.81 3.57
N MET D 247 33.38 -9.39 4.35
CA MET D 247 33.60 -9.55 5.78
C MET D 247 34.86 -10.36 6.06
N GLY D 248 35.02 -11.47 5.35
CA GLY D 248 36.21 -12.29 5.54
C GLY D 248 37.48 -11.58 5.12
N VAL D 249 37.42 -10.79 4.05
CA VAL D 249 38.58 -10.01 3.63
C VAL D 249 38.97 -9.02 4.71
N ARG D 250 37.99 -8.28 5.23
CA ARG D 250 38.24 -7.39 6.35
C ARG D 250 38.93 -8.11 7.50
N GLU D 251 38.40 -9.27 7.88
CA GLU D 251 38.94 -9.99 9.03
C GLU D 251 40.37 -10.46 8.79
N LEU D 252 40.65 -11.01 7.60
CA LEU D 252 41.99 -11.48 7.28
C LEU D 252 42.99 -10.33 7.18
N CYS D 253 42.59 -9.20 6.59
CA CYS D 253 43.48 -8.04 6.54
C CYS D 253 43.78 -7.52 7.93
N THR D 254 42.77 -7.45 8.79
CA THR D 254 43.00 -7.01 10.17
C THR D 254 43.91 -7.97 10.92
N ARG D 255 43.68 -9.27 10.74
CA ARG D 255 44.42 -10.29 11.49
C ARG D 255 45.90 -10.30 11.15
N HIS D 256 46.25 -10.03 9.89
CA HIS D 256 47.64 -10.11 9.44
C HIS D 256 48.28 -8.74 9.26
N GLN D 257 47.66 -7.67 9.76
CA GLN D 257 48.18 -6.31 9.65
C GLN D 257 48.46 -5.95 8.19
N VAL D 258 47.40 -6.07 7.38
CA VAL D 258 47.44 -5.79 5.96
C VAL D 258 46.33 -4.78 5.66
N LEU D 259 46.62 -3.79 4.82
CA LEU D 259 45.64 -2.77 4.50
C LEU D 259 44.62 -3.29 3.49
N PHE D 260 43.34 -3.10 3.82
CA PHE D 260 42.22 -3.45 2.94
C PHE D 260 41.92 -2.23 2.07
N ILE D 261 42.23 -2.33 0.78
CA ILE D 261 41.88 -1.31 -0.20
C ILE D 261 40.65 -1.78 -0.96
N ALA D 262 39.57 -1.01 -0.86
CA ALA D 262 38.35 -1.27 -1.62
C ALA D 262 38.28 -0.27 -2.77
N ASP D 263 38.33 -0.79 -3.99
CA ASP D 263 38.17 0.04 -5.17
C ASP D 263 36.66 0.13 -5.45
N GLU D 264 36.06 1.25 -5.04
CA GLU D 264 34.64 1.50 -5.24
C GLU D 264 34.41 2.50 -6.35
N ILE D 265 35.38 2.63 -7.26
CA ILE D 265 35.27 3.59 -8.36
C ILE D 265 34.05 3.28 -9.22
N GLN D 266 33.79 2.00 -9.50
CA GLN D 266 32.58 1.64 -10.24
C GLN D 266 31.40 1.33 -9.31
N THR D 267 31.65 0.67 -8.19
CA THR D 267 30.59 0.18 -7.33
C THR D 267 30.09 1.22 -6.33
N GLY D 268 30.89 2.24 -6.03
CA GLY D 268 30.49 3.22 -5.05
C GLY D 268 29.48 4.21 -5.59
N LEU D 269 28.97 5.05 -4.68
CA LEU D 269 28.11 6.18 -5.02
C LEU D 269 26.77 5.70 -5.59
N ALA D 270 26.10 4.86 -4.81
CA ALA D 270 24.69 4.50 -4.99
C ALA D 270 24.45 3.46 -6.08
N ARG D 271 25.44 3.23 -6.94
CA ARG D 271 25.24 2.37 -8.12
C ARG D 271 24.72 0.98 -7.73
N THR D 272 25.27 0.38 -6.68
CA THR D 272 24.86 -0.97 -6.28
C THR D 272 23.71 -0.97 -5.29
N GLY D 273 23.14 0.19 -4.97
CA GLY D 273 22.05 0.28 -4.02
C GLY D 273 22.46 0.67 -2.61
N ARG D 274 23.72 1.01 -2.39
CA ARG D 274 24.19 1.59 -1.14
C ARG D 274 25.19 2.67 -1.49
N TRP D 275 25.54 3.50 -0.50
CA TRP D 275 26.61 4.48 -0.72
C TRP D 275 27.89 3.79 -1.17
N LEU D 276 28.26 2.73 -0.47
CA LEU D 276 29.37 1.86 -0.86
C LEU D 276 28.86 0.43 -0.92
N ALA D 277 29.33 -0.33 -1.92
CA ALA D 277 28.94 -1.74 -2.00
C ALA D 277 29.30 -2.48 -0.71
N VAL D 278 30.43 -2.11 -0.09
CA VAL D 278 30.85 -2.75 1.15
C VAL D 278 29.83 -2.54 2.26
N ASP D 279 28.99 -1.50 2.15
CA ASP D 279 27.95 -1.27 3.14
C ASP D 279 26.99 -2.44 3.24
N TYR D 280 26.83 -3.22 2.16
CA TYR D 280 25.97 -4.40 2.24
C TYR D 280 26.38 -5.33 3.36
N GLU D 281 27.67 -5.36 3.69
CA GLU D 281 28.15 -6.17 4.80
C GLU D 281 28.68 -5.31 5.93
N ASN D 282 28.48 -3.99 5.86
CA ASN D 282 28.90 -3.04 6.89
C ASN D 282 30.38 -3.21 7.20
N VAL D 283 31.17 -3.27 6.14
CA VAL D 283 32.60 -3.51 6.21
C VAL D 283 33.29 -2.17 6.04
N ARG D 284 34.28 -1.87 6.89
CA ARG D 284 35.03 -0.64 6.79
C ARG D 284 36.42 -0.92 6.24
N PRO D 285 36.67 -0.70 4.94
CA PRO D 285 38.01 -0.87 4.39
C PRO D 285 38.99 0.12 5.01
N ASP D 286 40.29 -0.19 4.87
CA ASP D 286 41.32 0.72 5.33
C ASP D 286 41.48 1.90 4.38
N ILE D 287 41.36 1.66 3.08
CA ILE D 287 41.41 2.70 2.07
C ILE D 287 40.24 2.50 1.11
N VAL D 288 39.57 3.60 0.76
CA VAL D 288 38.44 3.56 -0.17
C VAL D 288 38.74 4.44 -1.37
N LEU D 289 38.57 3.89 -2.57
CA LEU D 289 38.75 4.63 -3.81
C LEU D 289 37.40 5.03 -4.40
N LEU D 290 37.28 6.29 -4.80
CA LEU D 290 36.08 6.81 -5.44
C LEU D 290 36.47 7.50 -6.75
N GLY D 291 35.58 7.42 -7.73
CA GLY D 291 35.69 8.25 -8.92
C GLY D 291 34.38 8.25 -9.67
N LYS D 292 34.47 8.53 -10.98
CA LYS D 292 33.34 8.40 -11.90
C LYS D 292 32.13 9.23 -11.49
N ALA D 293 31.17 8.59 -10.80
CA ALA D 293 29.96 9.29 -10.39
C ALA D 293 30.25 10.42 -9.41
N LEU D 294 31.48 10.53 -8.93
CA LEU D 294 31.86 11.60 -8.02
C LEU D 294 31.70 12.97 -8.65
N SER D 295 31.66 13.04 -9.98
CA SER D 295 31.43 14.28 -10.71
C SER D 295 30.16 14.26 -11.55
N GLY D 296 29.47 13.13 -11.64
CA GLY D 296 28.36 13.03 -12.57
C GLY D 296 28.76 13.10 -14.03
N GLY D 297 30.03 12.83 -14.34
CA GLY D 297 30.51 12.88 -15.70
C GLY D 297 31.00 14.22 -16.18
N LEU D 298 30.96 15.24 -15.33
CA LEU D 298 31.27 16.60 -15.75
C LEU D 298 32.75 16.96 -15.62
N TYR D 299 33.53 16.15 -14.90
CA TYR D 299 34.93 16.48 -14.60
C TYR D 299 35.64 15.26 -14.04
N PRO D 300 36.83 14.91 -14.52
CA PRO D 300 37.55 13.79 -13.91
C PRO D 300 37.96 14.07 -12.47
N VAL D 301 37.21 13.53 -11.51
CA VAL D 301 37.53 13.66 -10.09
C VAL D 301 37.55 12.28 -9.46
N SER D 302 38.66 11.95 -8.79
CA SER D 302 38.76 10.75 -7.99
C SER D 302 39.22 11.12 -6.58
N ALA D 303 38.96 10.22 -5.64
CA ALA D 303 39.28 10.45 -4.24
C ALA D 303 39.87 9.19 -3.62
N VAL D 304 40.82 9.38 -2.71
CA VAL D 304 41.33 8.30 -1.88
C VAL D 304 41.03 8.68 -0.43
N LEU D 305 40.33 7.80 0.28
CA LEU D 305 39.90 8.08 1.64
C LEU D 305 40.56 7.10 2.60
N CYS D 306 41.07 7.61 3.72
CA CYS D 306 41.60 6.75 4.78
C CYS D 306 41.78 7.57 6.05
N ASP D 307 42.10 6.89 7.15
CA ASP D 307 42.39 7.54 8.41
C ASP D 307 43.84 8.06 8.46
N ASP D 308 44.14 8.78 9.54
CA ASP D 308 45.40 9.50 9.66
C ASP D 308 46.61 8.57 9.63
N ASP D 309 46.52 7.42 10.31
CA ASP D 309 47.66 6.53 10.43
C ASP D 309 48.16 6.03 9.07
N ILE D 310 47.32 6.04 8.05
CA ILE D 310 47.71 5.67 6.70
C ILE D 310 48.05 6.89 5.87
N MET D 311 47.15 7.88 5.84
CA MET D 311 47.33 9.04 4.97
C MET D 311 48.59 9.83 5.32
N LEU D 312 48.87 9.98 6.61
CA LEU D 312 49.93 10.88 7.02
C LEU D 312 51.32 10.27 6.87
N THR D 313 51.42 9.04 6.35
CA THR D 313 52.71 8.49 5.97
C THR D 313 53.32 9.21 4.77
N ILE D 314 52.52 9.94 4.00
CA ILE D 314 53.00 10.71 2.86
C ILE D 314 53.18 12.16 3.30
N LYS D 315 54.41 12.65 3.22
CA LYS D 315 54.80 13.98 3.65
C LYS D 315 54.70 14.97 2.48
N PRO D 316 54.72 16.27 2.77
CA PRO D 316 54.62 17.27 1.70
C PRO D 316 55.71 17.08 0.65
N GLY D 317 55.30 17.20 -0.62
CA GLY D 317 56.22 17.06 -1.73
C GLY D 317 56.39 15.65 -2.25
N GLU D 318 55.76 14.66 -1.62
CA GLU D 318 55.96 13.26 -1.97
C GLU D 318 54.85 12.69 -2.86
N HIS D 319 53.76 13.42 -3.09
CA HIS D 319 52.71 12.93 -3.97
C HIS D 319 51.78 14.08 -4.34
N GLY D 320 51.24 14.03 -5.55
CA GLY D 320 50.27 15.02 -5.97
C GLY D 320 49.92 14.88 -7.44
N SER D 321 49.38 15.97 -7.99
CA SER D 321 48.87 16.05 -9.35
C SER D 321 48.48 17.50 -9.62
N THR D 322 48.73 17.97 -10.84
CA THR D 322 48.41 19.34 -11.21
C THR D 322 46.95 19.69 -10.92
N TYR D 323 46.03 18.94 -11.49
CA TYR D 323 44.61 19.28 -11.41
C TYR D 323 43.92 18.67 -10.20
N GLY D 324 44.60 17.82 -9.44
CA GLY D 324 43.98 17.18 -8.29
C GLY D 324 43.55 18.20 -7.24
N GLY D 325 42.25 18.26 -6.97
CA GLY D 325 41.75 19.17 -5.97
C GLY D 325 41.54 20.59 -6.43
N ASN D 326 41.54 20.85 -7.74
CA ASN D 326 41.27 22.18 -8.27
C ASN D 326 39.85 22.61 -7.85
N PRO D 327 39.59 23.90 -7.75
CA PRO D 327 38.26 24.31 -7.23
C PRO D 327 37.05 23.94 -8.11
N LEU D 328 37.17 23.90 -9.44
CA LEU D 328 36.02 23.56 -10.30
C LEU D 328 35.59 22.11 -10.07
N GLY D 329 36.56 21.19 -10.13
CA GLY D 329 36.24 19.79 -9.85
C GLY D 329 35.64 19.58 -8.47
N CYS D 330 36.13 20.33 -7.49
CA CYS D 330 35.59 20.19 -6.14
C CYS D 330 34.14 20.64 -6.06
N ARG D 331 33.83 21.79 -6.67
CA ARG D 331 32.44 22.25 -6.70
C ARG D 331 31.55 21.20 -7.38
N VAL D 332 31.99 20.71 -8.54
CA VAL D 332 31.26 19.67 -9.25
C VAL D 332 31.03 18.46 -8.36
N ALA D 333 32.05 18.04 -7.61
CA ALA D 333 31.95 16.84 -6.78
C ALA D 333 30.95 17.05 -5.64
N ILE D 334 31.02 18.20 -4.96
CA ILE D 334 30.05 18.51 -3.92
C ILE D 334 28.63 18.40 -4.48
N ALA D 335 28.42 18.97 -5.66
CA ALA D 335 27.09 18.94 -6.26
C ALA D 335 26.65 17.51 -6.59
N ALA D 336 27.54 16.72 -7.18
CA ALA D 336 27.21 15.33 -7.54
C ALA D 336 26.83 14.52 -6.30
N LEU D 337 27.65 14.61 -5.25
CA LEU D 337 27.36 13.88 -4.02
C LEU D 337 26.03 14.33 -3.43
N GLU D 338 25.79 15.64 -3.42
CA GLU D 338 24.52 16.18 -2.95
C GLU D 338 23.35 15.62 -3.74
N VAL D 339 23.48 15.54 -5.06
CA VAL D 339 22.43 14.95 -5.89
C VAL D 339 22.16 13.51 -5.47
N LEU D 340 23.21 12.71 -5.33
CA LEU D 340 23.01 11.32 -4.94
C LEU D 340 22.29 11.22 -3.60
N GLU D 341 22.59 12.14 -2.68
CA GLU D 341 21.95 12.10 -1.37
C GLU D 341 20.49 12.55 -1.43
N GLU D 342 20.23 13.68 -2.10
CA GLU D 342 18.91 14.30 -1.99
C GLU D 342 17.86 13.51 -2.74
N GLU D 343 18.21 12.92 -3.88
CA GLU D 343 17.26 12.16 -4.68
C GLU D 343 17.21 10.68 -4.30
N ASN D 344 17.87 10.31 -3.20
CA ASN D 344 17.88 8.93 -2.68
C ASN D 344 18.11 7.93 -3.81
N LEU D 345 19.17 8.15 -4.59
CA LEU D 345 19.41 7.29 -5.74
C LEU D 345 19.83 5.88 -5.35
N ALA D 346 20.36 5.69 -4.14
CA ALA D 346 20.75 4.35 -3.71
C ALA D 346 19.53 3.44 -3.56
N GLU D 347 18.49 3.92 -2.87
CA GLU D 347 17.28 3.14 -2.69
C GLU D 347 16.61 2.86 -4.03
N ASN D 348 16.59 3.86 -4.92
CA ASN D 348 16.07 3.67 -6.27
C ASN D 348 16.82 2.56 -6.99
N ALA D 349 18.15 2.63 -6.97
CA ALA D 349 18.97 1.61 -7.62
C ALA D 349 18.65 0.23 -7.04
N ASP D 350 18.45 0.15 -5.72
CA ASP D 350 18.19 -1.14 -5.09
C ASP D 350 16.88 -1.74 -5.60
N LYS D 351 15.77 -0.99 -5.49
CA LYS D 351 14.48 -1.54 -5.93
C LYS D 351 14.47 -1.84 -7.42
N LEU D 352 14.97 -0.91 -8.24
CA LEU D 352 14.90 -1.12 -9.68
C LEU D 352 15.83 -2.24 -10.13
N GLY D 353 16.95 -2.45 -9.44
CA GLY D 353 17.80 -3.58 -9.76
C GLY D 353 17.14 -4.90 -9.40
N ILE D 354 16.44 -4.95 -8.26
CA ILE D 354 15.61 -6.10 -7.95
C ILE D 354 14.68 -6.42 -9.12
N ILE D 355 13.93 -5.41 -9.56
CA ILE D 355 12.97 -5.61 -10.65
C ILE D 355 13.68 -6.10 -11.91
N LEU D 356 14.81 -5.46 -12.24
CA LEU D 356 15.51 -5.78 -13.48
C LEU D 356 16.03 -7.21 -13.47
N ARG D 357 16.64 -7.64 -12.37
CA ARG D 357 17.15 -9.01 -12.30
C ARG D 357 16.02 -10.02 -12.32
N ASN D 358 14.91 -9.74 -11.63
CA ASN D 358 13.77 -10.64 -11.69
C ASN D 358 13.30 -10.81 -13.13
N GLU D 359 13.13 -9.70 -13.85
CA GLU D 359 12.69 -9.79 -15.25
C GLU D 359 13.71 -10.50 -16.13
N LEU D 360 15.01 -10.26 -15.93
CA LEU D 360 15.98 -10.90 -16.81
C LEU D 360 16.09 -12.40 -16.53
N MET D 361 15.80 -12.83 -15.30
CA MET D 361 15.80 -14.26 -15.01
C MET D 361 14.70 -15.00 -15.76
N LYS D 362 13.63 -14.32 -16.15
CA LYS D 362 12.52 -14.96 -16.86
C LYS D 362 12.88 -15.30 -18.30
N LEU D 363 13.99 -14.80 -18.82
CA LEU D 363 14.42 -15.17 -20.16
C LEU D 363 14.83 -16.65 -20.17
N PRO D 364 14.75 -17.30 -21.33
CA PRO D 364 14.95 -18.75 -21.36
C PRO D 364 16.41 -19.12 -21.13
N SER D 365 16.63 -20.05 -20.18
CA SER D 365 17.98 -20.48 -19.82
C SER D 365 18.77 -21.04 -21.00
N ASP D 366 18.11 -21.41 -22.09
CA ASP D 366 18.84 -21.93 -23.25
C ASP D 366 19.49 -20.83 -24.08
N VAL D 367 19.20 -19.56 -23.79
CA VAL D 367 19.81 -18.44 -24.50
C VAL D 367 20.52 -17.48 -23.54
N VAL D 368 19.93 -17.23 -22.38
CA VAL D 368 20.56 -16.47 -21.31
C VAL D 368 20.95 -17.44 -20.21
N THR D 369 22.25 -17.68 -20.06
CA THR D 369 22.71 -18.66 -19.09
C THR D 369 22.81 -18.11 -17.68
N ALA D 370 22.91 -16.79 -17.52
CA ALA D 370 23.00 -16.27 -16.16
C ALA D 370 22.65 -14.79 -16.12
N VAL D 371 22.14 -14.33 -14.98
CA VAL D 371 21.98 -12.91 -14.70
C VAL D 371 22.52 -12.66 -13.30
N ARG D 372 23.33 -11.62 -13.15
CA ARG D 372 23.97 -11.34 -11.87
C ARG D 372 24.13 -9.84 -11.67
N GLY D 373 24.16 -9.42 -10.42
CA GLY D 373 24.55 -8.07 -10.11
C GLY D 373 23.96 -7.61 -8.79
N LYS D 374 24.18 -6.32 -8.51
CA LYS D 374 23.57 -5.66 -7.37
C LYS D 374 23.14 -4.26 -7.78
N GLY D 375 22.03 -3.81 -7.20
CA GLY D 375 21.47 -2.52 -7.58
C GLY D 375 21.31 -2.44 -9.08
N LEU D 376 21.76 -1.32 -9.66
CA LEU D 376 21.69 -1.13 -11.10
C LEU D 376 23.04 -1.39 -11.77
N LEU D 377 23.86 -2.26 -11.17
CA LEU D 377 25.03 -2.82 -11.82
C LEU D 377 24.72 -4.29 -12.05
N ASN D 378 24.39 -4.66 -13.29
CA ASN D 378 23.97 -6.02 -13.57
C ASN D 378 24.59 -6.46 -14.89
N ALA D 379 24.65 -7.76 -15.11
CA ALA D 379 25.00 -8.31 -16.41
C ALA D 379 24.23 -9.60 -16.65
N ILE D 380 24.15 -9.97 -17.93
CA ILE D 380 23.65 -11.27 -18.37
C ILE D 380 24.76 -12.00 -19.10
N VAL D 381 24.75 -13.32 -18.96
CA VAL D 381 25.60 -14.23 -19.72
C VAL D 381 24.71 -15.01 -20.68
N ILE D 382 25.05 -14.96 -21.97
CA ILE D 382 24.34 -15.61 -23.06
C ILE D 382 25.09 -16.87 -23.51
N LYS D 383 24.35 -17.83 -24.05
CA LYS D 383 24.92 -19.05 -24.62
C LYS D 383 25.56 -18.69 -25.95
N GLU D 384 26.80 -18.18 -25.88
CA GLU D 384 27.51 -17.75 -27.08
C GLU D 384 27.67 -18.91 -28.05
N THR D 385 27.59 -18.59 -29.34
CA THR D 385 27.82 -19.55 -30.41
C THR D 385 28.83 -18.94 -31.36
N LYS D 386 29.25 -19.74 -32.36
CA LYS D 386 30.11 -19.21 -33.41
C LYS D 386 29.46 -18.05 -34.14
N ASP D 387 28.14 -18.12 -34.38
CA ASP D 387 27.42 -17.13 -35.15
C ASP D 387 26.76 -16.04 -34.31
N TRP D 388 26.55 -16.29 -33.02
CA TRP D 388 25.73 -15.41 -32.18
C TRP D 388 26.51 -15.07 -30.92
N ASP D 389 26.81 -13.79 -30.75
CA ASP D 389 27.64 -13.33 -29.64
C ASP D 389 27.04 -12.06 -29.04
N ALA D 390 27.67 -11.57 -27.97
CA ALA D 390 27.16 -10.39 -27.27
C ALA D 390 27.29 -9.12 -28.10
N TRP D 391 28.29 -9.05 -28.99
CA TRP D 391 28.42 -7.89 -29.88
C TRP D 391 27.21 -7.75 -30.79
N LYS D 392 26.81 -8.83 -31.47
CA LYS D 392 25.64 -8.78 -32.34
C LYS D 392 24.39 -8.39 -31.55
N VAL D 393 24.24 -8.93 -30.34
CA VAL D 393 23.11 -8.57 -29.49
C VAL D 393 23.12 -7.07 -29.21
N CYS D 394 24.29 -6.52 -28.86
CA CYS D 394 24.39 -5.09 -28.59
C CYS D 394 24.07 -4.26 -29.82
N LEU D 395 24.48 -4.76 -30.99
CA LEU D 395 24.14 -4.10 -32.25
C LEU D 395 22.64 -4.00 -32.41
N ARG D 396 21.94 -5.10 -32.16
CA ARG D 396 20.49 -5.07 -32.34
C ARG D 396 19.80 -4.28 -31.23
N LEU D 397 20.33 -4.33 -30.01
CA LEU D 397 19.83 -3.46 -28.93
C LEU D 397 19.93 -1.99 -29.33
N ARG D 398 21.07 -1.59 -29.89
CA ARG D 398 21.21 -0.25 -30.45
C ARG D 398 20.12 0.01 -31.47
N ASP D 399 19.94 -0.92 -32.41
CA ASP D 399 18.90 -0.79 -33.42
C ASP D 399 17.53 -0.54 -32.80
N ASN D 400 17.26 -1.10 -31.62
CA ASN D 400 15.99 -0.90 -30.93
C ASN D 400 16.08 0.16 -29.84
N GLY D 401 17.03 1.08 -29.95
CA GLY D 401 17.08 2.23 -29.05
C GLY D 401 17.57 1.96 -27.65
N LEU D 402 18.50 1.03 -27.47
CA LEU D 402 19.09 0.77 -26.15
C LEU D 402 20.58 0.50 -26.33
N LEU D 403 21.41 1.24 -25.59
CA LEU D 403 22.86 1.16 -25.72
C LEU D 403 23.45 0.41 -24.54
N ALA D 404 24.21 -0.64 -24.83
CA ALA D 404 24.89 -1.42 -23.80
C ALA D 404 26.25 -1.87 -24.34
N LYS D 405 27.10 -2.36 -23.44
CA LYS D 405 28.47 -2.72 -23.75
C LYS D 405 28.69 -4.22 -23.55
N PRO D 406 29.21 -4.93 -24.55
CA PRO D 406 29.54 -6.35 -24.35
C PRO D 406 30.94 -6.52 -23.79
N THR D 407 31.07 -7.36 -22.76
CA THR D 407 32.37 -7.87 -22.34
C THR D 407 32.55 -9.26 -22.92
N HIS D 408 33.70 -9.50 -23.52
CA HIS D 408 34.02 -10.74 -24.24
C HIS D 408 32.93 -10.98 -25.29
N GLY D 409 32.68 -12.25 -25.60
CA GLY D 409 31.64 -12.64 -26.52
C GLY D 409 30.32 -13.06 -25.87
N ASP D 410 30.24 -13.08 -24.55
CA ASP D 410 29.12 -13.72 -23.87
C ASP D 410 28.49 -12.93 -22.74
N ILE D 411 29.03 -11.77 -22.36
CA ILE D 411 28.53 -11.00 -21.24
C ILE D 411 28.05 -9.65 -21.73
N ILE D 412 26.84 -9.28 -21.33
CA ILE D 412 26.30 -7.95 -21.60
C ILE D 412 25.95 -7.27 -20.29
N ARG D 413 26.55 -6.11 -20.05
CA ARG D 413 26.26 -5.34 -18.85
C ARG D 413 25.01 -4.48 -19.07
N PHE D 414 24.19 -4.38 -18.03
CA PHE D 414 23.03 -3.50 -17.97
C PHE D 414 23.19 -2.62 -16.74
N ALA D 415 23.40 -1.32 -16.99
CA ALA D 415 23.67 -0.35 -15.93
C ALA D 415 23.14 1.00 -16.37
N PRO D 416 21.84 1.24 -16.19
CA PRO D 416 21.27 2.55 -16.54
C PRO D 416 21.50 3.55 -15.43
N PRO D 417 21.42 4.85 -15.73
CA PRO D 417 21.52 5.86 -14.67
C PRO D 417 20.51 5.63 -13.57
N LEU D 418 20.90 5.97 -12.34
CA LEU D 418 20.07 5.69 -11.17
C LEU D 418 18.84 6.58 -11.09
N VAL D 419 18.71 7.56 -11.98
CA VAL D 419 17.52 8.41 -12.02
C VAL D 419 16.41 7.79 -12.84
N ILE D 420 16.67 6.67 -13.51
CA ILE D 420 15.66 5.96 -14.29
C ILE D 420 14.45 5.65 -13.42
N LYS D 421 13.27 5.72 -14.03
CA LYS D 421 12.01 5.41 -13.38
C LYS D 421 11.59 3.97 -13.68
N GLU D 422 10.64 3.48 -12.89
CA GLU D 422 10.17 2.10 -13.08
C GLU D 422 9.58 1.91 -14.46
N ASP D 423 8.75 2.86 -14.93
CA ASP D 423 8.14 2.73 -16.25
C ASP D 423 9.19 2.71 -17.35
N GLU D 424 10.20 3.58 -17.24
CA GLU D 424 11.27 3.59 -18.23
C GLU D 424 12.08 2.30 -18.16
N LEU D 425 12.30 1.80 -16.94
CA LEU D 425 13.02 0.55 -16.76
C LEU D 425 12.31 -0.61 -17.43
N ARG D 426 10.99 -0.74 -17.21
CA ARG D 426 10.25 -1.81 -17.88
C ARG D 426 10.19 -1.63 -19.39
N GLU D 427 10.12 -0.38 -19.88
CA GLU D 427 10.17 -0.18 -21.32
C GLU D 427 11.48 -0.68 -21.91
N SER D 428 12.59 -0.38 -21.23
CA SER D 428 13.88 -0.89 -21.66
C SER D 428 13.97 -2.41 -21.53
N ILE D 429 13.37 -2.98 -20.48
CA ILE D 429 13.31 -4.42 -20.33
C ILE D 429 12.58 -5.06 -21.51
N GLU D 430 11.50 -4.42 -21.98
CA GLU D 430 10.81 -4.92 -23.16
C GLU D 430 11.72 -4.86 -24.38
N ILE D 431 12.48 -3.78 -24.53
CA ILE D 431 13.45 -3.71 -25.63
C ILE D 431 14.43 -4.89 -25.54
N ILE D 432 14.89 -5.18 -24.33
CA ILE D 432 15.85 -6.27 -24.12
C ILE D 432 15.23 -7.61 -24.50
N ASN D 433 14.05 -7.91 -23.96
CA ASN D 433 13.35 -9.15 -24.31
C ASN D 433 13.19 -9.29 -25.83
N LYS D 434 12.64 -8.25 -26.47
CA LYS D 434 12.42 -8.27 -27.91
C LYS D 434 13.71 -8.60 -28.65
N THR D 435 14.80 -7.94 -28.28
CA THR D 435 16.07 -8.16 -28.97
C THR D 435 16.58 -9.58 -28.76
N ILE D 436 16.59 -10.05 -27.52
CA ILE D 436 17.13 -11.37 -27.22
C ILE D 436 16.35 -12.46 -27.96
N LEU D 437 15.02 -12.40 -27.88
CA LEU D 437 14.16 -13.41 -28.48
C LEU D 437 13.98 -13.25 -29.99
N SER D 438 14.59 -12.23 -30.60
CA SER D 438 14.50 -12.05 -32.05
C SER D 438 15.49 -12.90 -32.85
N PHE D 439 16.43 -13.56 -32.21
CA PHE D 439 17.43 -14.34 -32.93
C PHE D 439 17.02 -15.80 -33.13
N GLY E 36 14.71 -28.38 60.61
CA GLY E 36 15.81 -28.08 59.71
C GLY E 36 15.35 -27.55 58.36
N PRO E 37 16.30 -27.22 57.49
CA PRO E 37 15.93 -26.66 56.20
C PRO E 37 15.19 -27.67 55.35
N PRO E 38 14.34 -27.22 54.43
CA PRO E 38 13.52 -28.16 53.65
C PRO E 38 14.38 -29.08 52.79
N THR E 39 14.05 -30.37 52.81
CA THR E 39 14.73 -31.34 51.96
C THR E 39 14.31 -31.21 50.50
N SER E 40 15.03 -31.96 49.66
CA SER E 40 14.69 -32.01 48.23
C SER E 40 13.24 -32.47 48.02
N ASP E 41 12.85 -33.55 48.69
CA ASP E 41 11.47 -34.02 48.57
C ASP E 41 10.49 -32.93 48.99
N ASP E 42 10.81 -32.20 50.07
CA ASP E 42 9.95 -31.11 50.51
C ASP E 42 9.78 -30.07 49.40
N ILE E 43 10.88 -29.72 48.74
CA ILE E 43 10.84 -28.77 47.62
C ILE E 43 9.90 -29.27 46.54
N PHE E 44 10.04 -30.55 46.16
CA PHE E 44 9.16 -31.13 45.15
C PHE E 44 7.70 -31.01 45.57
N GLU E 45 7.39 -31.43 46.81
CA GLU E 45 6.01 -31.45 47.29
C GLU E 45 5.43 -30.05 47.30
N ARG E 46 6.23 -29.06 47.70
CA ARG E 46 5.73 -27.69 47.79
C ARG E 46 5.42 -27.12 46.41
N GLU E 47 6.36 -27.26 45.47
CA GLU E 47 6.07 -26.82 44.11
C GLU E 47 4.84 -27.52 43.54
N TYR E 48 4.68 -28.81 43.81
CA TYR E 48 3.49 -29.52 43.34
C TYR E 48 2.22 -28.94 43.95
N LYS E 49 2.29 -28.47 45.19
CA LYS E 49 1.09 -27.93 45.84
C LYS E 49 0.71 -26.57 45.28
N TYR E 50 1.67 -25.65 45.20
CA TYR E 50 1.35 -24.25 44.96
C TYR E 50 1.81 -23.71 43.61
N GLY E 51 2.47 -24.53 42.79
CA GLY E 51 2.93 -24.11 41.48
C GLY E 51 2.22 -24.86 40.37
N ALA E 52 2.09 -24.21 39.22
CA ALA E 52 1.52 -24.85 38.04
C ALA E 52 2.34 -26.08 37.65
N HIS E 53 1.66 -27.07 37.09
CA HIS E 53 2.32 -28.30 36.64
C HIS E 53 2.71 -28.22 35.16
N ASN E 54 3.29 -27.08 34.77
CA ASN E 54 3.68 -26.87 33.38
C ASN E 54 5.06 -27.45 33.06
N TYR E 55 5.73 -28.03 34.05
CA TYR E 55 7.02 -28.70 33.85
C TYR E 55 7.03 -30.01 34.61
N HIS E 56 7.90 -30.92 34.16
CA HIS E 56 8.24 -32.13 34.90
C HIS E 56 9.76 -32.22 34.91
N PRO E 57 10.41 -31.51 35.84
CA PRO E 57 11.87 -31.45 35.83
C PRO E 57 12.52 -32.70 36.43
N LEU E 58 13.81 -32.82 36.15
CA LEU E 58 14.63 -33.89 36.73
C LEU E 58 14.65 -33.73 38.24
N PRO E 59 14.26 -34.76 39.01
CA PRO E 59 14.16 -34.61 40.46
C PRO E 59 15.49 -34.28 41.13
N VAL E 60 15.83 -33.00 41.15
CA VAL E 60 17.04 -32.51 41.83
C VAL E 60 16.79 -31.06 42.21
N ALA E 61 17.14 -30.69 43.44
CA ALA E 61 16.75 -29.40 44.04
C ALA E 61 17.98 -28.56 44.31
N LEU E 62 18.36 -27.72 43.34
CA LEU E 62 19.54 -26.91 43.52
C LEU E 62 19.26 -25.74 44.45
N GLU E 63 20.27 -25.36 45.23
CA GLU E 63 20.20 -24.11 45.97
C GLU E 63 21.44 -23.26 45.75
N ARG E 64 22.46 -23.78 45.07
CA ARG E 64 23.67 -22.99 44.85
C ARG E 64 24.26 -23.32 43.49
N GLY E 65 24.96 -22.35 42.91
CA GLY E 65 25.67 -22.59 41.67
C GLY E 65 26.84 -21.65 41.48
N LYS E 66 27.93 -22.18 40.92
CA LYS E 66 29.15 -21.40 40.68
C LYS E 66 29.92 -22.02 39.53
N GLY E 67 30.24 -21.20 38.53
CA GLY E 67 31.01 -21.68 37.41
C GLY E 67 30.28 -22.81 36.71
N ILE E 68 30.94 -23.96 36.63
CA ILE E 68 30.38 -25.12 35.96
C ILE E 68 29.58 -26.02 36.90
N TYR E 69 29.43 -25.65 38.16
CA TYR E 69 28.95 -26.55 39.18
C TYR E 69 27.64 -26.08 39.78
N LEU E 70 26.84 -27.04 40.24
CA LEU E 70 25.62 -26.77 40.97
C LEU E 70 25.62 -27.60 42.25
N TRP E 71 24.88 -27.12 43.25
CA TRP E 71 24.78 -27.78 44.53
C TRP E 71 23.33 -27.84 44.93
N ASP E 72 22.90 -29.01 45.38
CA ASP E 72 21.53 -29.20 45.84
C ASP E 72 21.45 -28.85 47.32
N VAL E 73 20.23 -28.94 47.85
CA VAL E 73 19.95 -28.62 49.24
C VAL E 73 20.69 -29.59 50.19
N GLU E 74 20.94 -30.83 49.74
CA GLU E 74 21.70 -31.79 50.53
C GLU E 74 23.22 -31.56 50.51
N GLY E 75 23.71 -30.58 49.75
CA GLY E 75 25.13 -30.30 49.66
C GLY E 75 25.85 -31.04 48.55
N ARG E 76 25.14 -31.88 47.79
CA ARG E 76 25.78 -32.66 46.75
C ARG E 76 26.19 -31.78 45.57
N LYS E 77 27.35 -32.10 44.99
CA LYS E 77 27.90 -31.31 43.90
C LYS E 77 27.64 -32.00 42.56
N TYR E 78 27.31 -31.21 41.54
CA TYR E 78 26.95 -31.72 40.23
C TYR E 78 27.60 -30.89 39.13
N PHE E 79 28.01 -31.57 38.06
CA PHE E 79 28.31 -30.90 36.81
C PHE E 79 27.01 -30.43 36.16
N ASP E 80 26.99 -29.18 35.71
CA ASP E 80 25.85 -28.67 34.93
C ASP E 80 26.17 -28.87 33.45
N PHE E 81 25.46 -29.78 32.79
CA PHE E 81 25.62 -30.00 31.37
C PHE E 81 24.41 -29.53 30.57
N LEU E 82 23.62 -28.62 31.14
CA LEU E 82 22.56 -27.93 30.43
C LEU E 82 22.84 -26.45 30.25
N SER E 83 23.50 -25.82 31.22
CA SER E 83 23.87 -24.42 31.17
C SER E 83 22.64 -23.52 30.99
N SER E 84 21.51 -23.92 31.59
CA SER E 84 20.25 -23.19 31.49
C SER E 84 19.95 -22.78 30.04
N TYR E 85 20.02 -23.77 29.14
CA TYR E 85 19.73 -23.58 27.72
C TYR E 85 20.63 -22.56 27.05
N SER E 86 21.89 -22.46 27.48
CA SER E 86 22.94 -21.54 27.00
C SER E 86 22.90 -20.21 27.75
N ALA E 87 22.01 -20.03 28.73
CA ALA E 87 21.95 -18.77 29.46
C ALA E 87 23.17 -18.53 30.35
N VAL E 88 23.79 -19.58 30.89
CA VAL E 88 24.95 -19.38 31.77
C VAL E 88 26.23 -19.86 31.09
N ASN E 89 26.42 -19.47 29.81
CA ASN E 89 27.67 -19.73 29.10
C ASN E 89 28.88 -19.27 29.90
N GLN E 90 28.73 -18.20 30.67
CA GLN E 90 29.80 -17.67 31.50
C GLN E 90 29.91 -18.42 32.82
N GLY E 91 29.16 -19.50 33.00
CA GLY E 91 29.11 -20.19 34.27
C GLY E 91 28.15 -19.51 35.23
N HIS E 92 27.62 -20.26 36.19
CA HIS E 92 26.73 -19.66 37.18
C HIS E 92 27.45 -18.59 37.97
N CYS E 93 26.82 -17.41 38.04
CA CYS E 93 27.19 -16.35 38.98
C CYS E 93 28.64 -15.89 38.78
N HIS E 94 29.00 -15.63 37.53
CA HIS E 94 30.35 -15.18 37.23
C HIS E 94 30.61 -13.86 37.93
N PRO E 95 31.74 -13.72 38.66
CA PRO E 95 31.94 -12.56 39.55
C PRO E 95 31.78 -11.20 38.88
N LYS E 96 32.30 -11.03 37.66
CA LYS E 96 32.21 -9.75 36.97
C LYS E 96 30.77 -9.34 36.74
N ILE E 97 29.95 -10.29 36.30
CA ILE E 97 28.56 -9.99 36.00
C ILE E 97 27.79 -9.71 37.27
N VAL E 98 28.09 -10.44 38.34
CA VAL E 98 27.50 -10.17 39.63
C VAL E 98 27.87 -8.77 40.12
N ASN E 99 29.14 -8.38 39.94
CA ASN E 99 29.59 -7.06 40.37
C ASN E 99 28.91 -5.95 39.60
N ALA E 100 28.75 -6.12 38.28
CA ALA E 100 28.06 -5.11 37.49
C ALA E 100 26.62 -4.94 37.98
N LEU E 101 25.91 -6.07 38.15
CA LEU E 101 24.56 -6.02 38.68
C LEU E 101 24.52 -5.27 40.02
N LYS E 102 25.37 -5.68 40.97
CA LYS E 102 25.36 -5.08 42.31
C LYS E 102 25.65 -3.59 42.27
N SER E 103 26.62 -3.18 41.44
CA SER E 103 26.95 -1.75 41.38
C SER E 103 25.79 -0.94 40.81
N GLN E 104 25.09 -1.50 39.83
CA GLN E 104 24.01 -0.72 39.22
C GLN E 104 22.75 -0.69 40.07
N VAL E 105 22.43 -1.80 40.75
CA VAL E 105 21.18 -1.91 41.50
C VAL E 105 21.03 -0.82 42.56
N ASP E 106 22.14 -0.30 43.09
CA ASP E 106 22.05 0.78 44.07
C ASP E 106 21.83 2.14 43.43
N LYS E 107 22.14 2.31 42.15
CA LYS E 107 21.96 3.58 41.46
C LYS E 107 20.55 3.73 40.88
N LEU E 108 20.19 2.82 39.98
CA LEU E 108 18.99 2.97 39.17
C LEU E 108 18.67 1.67 38.43
N THR E 109 17.43 1.21 38.50
CA THR E 109 17.07 -0.05 37.87
C THR E 109 16.01 0.08 36.78
N LEU E 110 15.06 1.01 36.90
CA LEU E 110 13.97 1.06 35.93
C LEU E 110 13.32 2.45 35.93
N THR E 111 13.55 3.20 34.86
CA THR E 111 12.85 4.45 34.62
C THR E 111 11.64 4.28 33.70
N SER E 112 11.51 3.12 33.05
CA SER E 112 10.67 2.90 31.88
C SER E 112 11.16 3.72 30.70
N ARG E 113 10.57 3.53 29.53
CA ARG E 113 11.03 4.20 28.33
C ARG E 113 10.36 5.54 28.09
N ALA E 114 9.43 5.95 28.96
CA ALA E 114 8.95 7.32 28.93
C ALA E 114 10.09 8.33 29.09
N PHE E 115 11.17 7.94 29.76
CA PHE E 115 12.36 8.76 29.91
C PHE E 115 13.59 7.98 29.45
N TYR E 116 14.68 8.71 29.24
CA TYR E 116 15.98 8.09 29.00
C TYR E 116 16.66 7.71 30.30
N ASN E 117 17.41 6.61 30.25
CA ASN E 117 18.44 6.34 31.24
C ASN E 117 19.81 6.45 30.59
N ASN E 118 20.84 6.49 31.42
CA ASN E 118 22.18 6.77 30.92
C ASN E 118 22.89 5.55 30.38
N VAL E 119 22.45 4.35 30.75
CA VAL E 119 23.17 3.12 30.40
C VAL E 119 22.79 2.62 29.02
N LEU E 120 21.51 2.77 28.63
CA LEU E 120 20.99 2.04 27.47
C LEU E 120 21.77 2.38 26.20
N GLY E 121 22.03 3.67 25.97
CA GLY E 121 22.78 4.04 24.78
C GLY E 121 24.19 3.45 24.76
N GLU E 122 24.83 3.40 25.94
CA GLU E 122 26.15 2.80 26.04
C GLU E 122 26.12 1.34 25.60
N TYR E 123 25.20 0.56 26.19
CA TYR E 123 25.01 -0.82 25.79
C TYR E 123 24.73 -0.95 24.30
N GLU E 124 23.84 -0.10 23.78
CA GLU E 124 23.47 -0.19 22.37
C GLU E 124 24.67 0.06 21.47
N GLU E 125 25.46 1.08 21.76
CA GLU E 125 26.63 1.37 20.93
C GLU E 125 27.61 0.20 21.00
N TYR E 126 27.84 -0.32 22.21
CA TYR E 126 28.76 -1.45 22.36
C TYR E 126 28.30 -2.65 21.54
N ILE E 127 27.04 -3.06 21.73
CA ILE E 127 26.57 -4.29 21.10
C ILE E 127 26.40 -4.12 19.59
N THR E 128 26.00 -2.93 19.13
CA THR E 128 25.86 -2.72 17.68
C THR E 128 27.21 -2.58 17.00
N LYS E 129 28.25 -2.19 17.73
CA LYS E 129 29.59 -2.25 17.13
C LYS E 129 30.19 -3.64 17.19
N LEU E 130 29.78 -4.46 18.18
CA LEU E 130 30.46 -5.73 18.40
C LEU E 130 30.08 -6.76 17.34
N PHE E 131 28.79 -6.81 16.96
CA PHE E 131 28.27 -7.70 15.93
C PHE E 131 28.11 -7.00 14.58
N ASN E 132 28.35 -5.69 14.52
CA ASN E 132 28.43 -4.90 13.28
C ASN E 132 27.07 -4.70 12.60
N TYR E 133 26.04 -4.41 13.38
CA TYR E 133 24.77 -3.94 12.83
C TYR E 133 24.55 -2.47 13.18
N HIS E 134 23.67 -1.82 12.40
CA HIS E 134 23.35 -0.42 12.65
C HIS E 134 22.68 -0.24 14.00
N LYS E 135 21.71 -1.10 14.34
CA LYS E 135 20.86 -0.81 15.48
C LYS E 135 20.40 -2.08 16.18
N VAL E 136 20.00 -1.89 17.43
CA VAL E 136 19.50 -2.93 18.31
C VAL E 136 18.20 -2.45 18.94
N LEU E 137 17.25 -3.37 19.09
CA LEU E 137 16.03 -3.15 19.84
C LEU E 137 16.07 -4.07 21.06
N PRO E 138 16.09 -3.53 22.27
CA PRO E 138 16.21 -4.37 23.46
C PRO E 138 14.85 -4.88 23.94
N MET E 139 14.80 -6.16 24.26
CA MET E 139 13.65 -6.79 24.88
C MET E 139 14.15 -7.58 26.09
N ASN E 140 13.25 -8.31 26.74
CA ASN E 140 13.62 -9.08 27.93
C ASN E 140 13.86 -10.55 27.62
N THR E 141 12.82 -11.26 27.15
CA THR E 141 12.91 -12.69 26.92
C THR E 141 13.10 -13.00 25.44
N GLY E 142 13.58 -14.21 25.17
CA GLY E 142 13.84 -14.61 23.79
C GLY E 142 12.60 -14.59 22.92
N VAL E 143 11.46 -15.04 23.45
CA VAL E 143 10.21 -15.02 22.69
C VAL E 143 9.85 -13.58 22.32
N GLU E 144 10.14 -12.62 23.20
CA GLU E 144 9.90 -11.22 22.87
C GLU E 144 10.78 -10.76 21.72
N ALA E 145 12.03 -11.19 21.70
CA ALA E 145 12.89 -10.88 20.55
C ALA E 145 12.32 -11.47 19.27
N GLY E 146 11.75 -12.68 19.36
CA GLY E 146 11.14 -13.28 18.19
C GLY E 146 9.91 -12.52 17.71
N GLU E 147 9.00 -12.20 18.63
CA GLU E 147 7.84 -11.37 18.32
C GLU E 147 8.26 -10.05 17.67
N THR E 148 9.27 -9.40 18.24
CA THR E 148 9.82 -8.18 17.66
C THR E 148 10.28 -8.41 16.23
N ALA E 149 11.01 -9.51 16.01
CA ALA E 149 11.48 -9.82 14.66
C ALA E 149 10.32 -9.99 13.70
N CYS E 150 9.24 -10.65 14.14
CA CYS E 150 8.09 -10.85 13.27
C CYS E 150 7.41 -9.53 12.94
N LYS E 151 7.26 -8.66 13.94
CA LYS E 151 6.67 -7.35 13.72
C LYS E 151 7.53 -6.51 12.76
N LEU E 152 8.86 -6.54 12.95
CA LEU E 152 9.77 -5.90 11.99
C LEU E 152 9.57 -6.45 10.59
N ALA E 153 9.52 -7.78 10.46
CA ALA E 153 9.33 -8.41 9.17
C ALA E 153 8.06 -7.91 8.50
N ARG E 154 6.95 -7.91 9.23
CA ARG E 154 5.68 -7.51 8.62
C ARG E 154 5.70 -6.03 8.25
N LYS E 155 6.21 -5.18 9.15
CA LYS E 155 6.29 -3.75 8.87
C LYS E 155 7.15 -3.47 7.64
N TRP E 156 8.31 -4.11 7.54
CA TRP E 156 9.18 -3.93 6.39
C TRP E 156 8.51 -4.43 5.11
N GLY E 157 7.83 -5.57 5.18
CA GLY E 157 7.15 -6.10 4.01
C GLY E 157 6.09 -5.15 3.50
N TYR E 158 5.23 -4.66 4.39
CA TYR E 158 4.17 -3.75 3.98
C TYR E 158 4.72 -2.41 3.49
N THR E 159 5.73 -1.86 4.18
CA THR E 159 6.15 -0.49 3.92
C THR E 159 7.35 -0.36 3.00
N VAL E 160 8.17 -1.40 2.85
CA VAL E 160 9.32 -1.37 1.96
C VAL E 160 9.13 -2.28 0.75
N LYS E 161 8.63 -3.50 0.98
CA LYS E 161 8.44 -4.44 -0.12
C LYS E 161 7.13 -4.20 -0.86
N GLY E 162 6.18 -3.49 -0.25
CA GLY E 162 4.93 -3.20 -0.90
C GLY E 162 3.88 -4.28 -0.79
N ILE E 163 4.06 -5.24 0.12
CA ILE E 163 3.06 -6.28 0.30
C ILE E 163 1.76 -5.65 0.78
N GLN E 164 0.64 -6.10 0.22
CA GLN E 164 -0.64 -5.55 0.59
C GLN E 164 -1.01 -5.96 2.01
N LYS E 165 -1.61 -5.02 2.75
CA LYS E 165 -2.08 -5.28 4.09
C LYS E 165 -3.40 -6.04 4.02
N TYR E 166 -3.48 -7.18 4.68
CA TYR E 166 -2.40 -7.75 5.48
C TYR E 166 -2.06 -9.16 5.00
N LYS E 167 -1.26 -9.27 3.93
CA LYS E 167 -1.00 -10.56 3.32
C LYS E 167 0.43 -11.05 3.56
N ALA E 168 1.16 -10.45 4.48
CA ALA E 168 2.57 -10.80 4.68
C ALA E 168 2.70 -12.19 5.30
N LYS E 169 3.61 -12.99 4.74
CA LYS E 169 3.91 -14.33 5.24
C LYS E 169 5.32 -14.36 5.83
N ILE E 170 5.47 -15.13 6.90
CA ILE E 170 6.79 -15.48 7.44
C ILE E 170 6.93 -16.99 7.39
N VAL E 171 8.07 -17.46 6.91
CA VAL E 171 8.36 -18.88 6.79
C VAL E 171 9.23 -19.33 7.97
N PHE E 172 8.92 -20.50 8.52
CA PHE E 172 9.71 -21.12 9.58
C PHE E 172 10.09 -22.52 9.12
N ALA E 173 11.03 -23.11 9.84
CA ALA E 173 11.43 -24.48 9.61
C ALA E 173 10.80 -25.38 10.67
N ALA E 174 10.33 -26.55 10.24
CA ALA E 174 9.79 -27.53 11.16
C ALA E 174 10.81 -27.91 12.22
N GLY E 175 10.33 -28.13 13.45
CA GLY E 175 11.19 -28.34 14.60
C GLY E 175 11.68 -27.09 15.28
N ASN E 176 11.34 -25.92 14.75
CA ASN E 176 11.69 -24.65 15.39
C ASN E 176 11.13 -24.56 16.79
N PHE E 177 11.86 -23.85 17.66
CA PHE E 177 11.34 -23.42 18.95
C PHE E 177 11.83 -22.00 19.21
N TRP E 178 10.89 -21.06 19.41
CA TRP E 178 11.29 -19.72 19.79
C TRP E 178 10.39 -19.11 20.87
N GLY E 179 9.64 -19.92 21.60
CA GLY E 179 8.95 -19.43 22.77
C GLY E 179 7.68 -20.21 23.02
N ARG E 180 6.82 -19.59 23.85
CA ARG E 180 5.54 -20.19 24.24
C ARG E 180 4.38 -19.22 24.10
N THR E 181 4.57 -18.13 23.36
CA THR E 181 3.43 -17.28 23.05
C THR E 181 2.54 -17.95 22.00
N LEU E 182 1.36 -17.37 21.79
CA LEU E 182 0.44 -17.93 20.80
C LEU E 182 1.07 -17.93 19.41
N SER E 183 1.78 -16.86 19.05
CA SER E 183 2.49 -16.82 17.77
C SER E 183 3.53 -17.92 17.68
N ALA E 184 4.39 -18.01 18.71
CA ALA E 184 5.48 -18.97 18.69
C ALA E 184 4.96 -20.40 18.50
N ILE E 185 3.94 -20.78 19.26
CA ILE E 185 3.36 -22.10 19.08
C ILE E 185 2.65 -22.20 17.74
N SER E 186 2.18 -21.09 17.20
CA SER E 186 1.57 -21.11 15.87
C SER E 186 2.57 -21.43 14.79
N SER E 187 3.86 -21.24 15.06
CA SER E 187 4.87 -21.70 14.12
C SER E 187 5.36 -23.12 14.38
N SER E 188 4.92 -23.75 15.47
CA SER E 188 5.51 -25.01 15.92
C SER E 188 4.91 -26.23 15.22
N THR E 189 5.75 -27.25 15.04
CA THR E 189 5.30 -28.57 14.59
C THR E 189 5.31 -29.59 15.72
N ASP E 190 5.46 -29.14 16.96
CA ASP E 190 5.47 -30.00 18.13
C ASP E 190 4.08 -29.96 18.75
N PRO E 191 3.29 -31.04 18.67
CA PRO E 191 1.93 -30.99 19.21
C PRO E 191 1.84 -30.47 20.63
N THR E 192 2.84 -30.73 21.47
CA THR E 192 2.77 -30.25 22.84
C THR E 192 2.84 -28.73 22.93
N SER E 193 3.42 -28.06 21.94
CA SER E 193 3.41 -26.60 21.93
C SER E 193 2.03 -26.05 21.57
N TYR E 194 1.41 -26.59 20.53
CA TYR E 194 0.21 -25.96 19.97
C TYR E 194 -1.10 -26.64 20.33
N ASP E 195 -1.08 -27.94 20.62
CA ASP E 195 -2.32 -28.71 20.76
C ASP E 195 -3.16 -28.13 21.90
N GLY E 196 -4.38 -27.75 21.57
CA GLY E 196 -5.25 -27.17 22.58
C GLY E 196 -5.02 -25.70 22.84
N PHE E 197 -4.26 -25.01 22.00
CA PHE E 197 -4.04 -23.60 22.25
C PHE E 197 -4.48 -22.72 21.11
N GLY E 198 -5.13 -23.26 20.09
CA GLY E 198 -5.61 -22.49 18.98
C GLY E 198 -6.87 -21.72 19.32
N PRO E 199 -7.30 -20.88 18.37
CA PRO E 199 -6.84 -20.70 16.98
C PRO E 199 -5.46 -20.07 16.87
N PHE E 200 -4.88 -20.13 15.68
CA PHE E 200 -3.46 -19.90 15.51
C PHE E 200 -3.21 -18.68 14.63
N MET E 201 -2.02 -18.11 14.79
CA MET E 201 -1.64 -16.93 14.04
C MET E 201 -1.58 -17.25 12.55
N PRO E 202 -2.26 -16.48 11.71
CA PRO E 202 -2.13 -16.67 10.26
C PRO E 202 -0.86 -16.01 9.74
N GLY E 203 -0.52 -16.36 8.50
CA GLY E 203 0.68 -15.83 7.88
C GLY E 203 1.97 -16.54 8.23
N PHE E 204 1.90 -17.66 8.97
CA PHE E 204 3.07 -18.44 9.32
C PHE E 204 3.07 -19.71 8.47
N ASP E 205 3.98 -19.77 7.49
CA ASP E 205 4.18 -20.98 6.72
C ASP E 205 5.30 -21.80 7.33
N ILE E 206 5.21 -23.12 7.19
CA ILE E 206 6.19 -24.05 7.74
C ILE E 206 6.75 -24.89 6.60
N ILE E 207 8.08 -25.00 6.56
CA ILE E 207 8.76 -25.87 5.60
C ILE E 207 9.74 -26.74 6.38
N PRO E 208 10.16 -27.87 5.81
CA PRO E 208 11.15 -28.71 6.51
C PRO E 208 12.47 -27.98 6.72
N TYR E 209 13.15 -28.35 7.81
CA TYR E 209 14.48 -27.84 8.09
C TYR E 209 15.49 -28.43 7.12
N ASN E 210 16.62 -27.74 6.96
CA ASN E 210 17.75 -28.21 6.17
C ASN E 210 17.28 -28.64 4.79
N ASP E 211 16.46 -27.78 4.17
CA ASP E 211 15.83 -28.05 2.87
C ASP E 211 15.81 -26.73 2.10
N LEU E 212 16.87 -26.44 1.36
CA LEU E 212 16.98 -25.24 0.51
C LEU E 212 15.91 -25.23 -0.57
N PRO E 213 15.59 -26.45 -1.20
CA PRO E 213 14.54 -26.54 -2.26
C PRO E 213 13.16 -26.13 -1.78
N ALA E 214 12.80 -26.59 -0.57
CA ALA E 214 11.52 -26.21 0.00
C ALA E 214 11.49 -24.72 0.28
N LEU E 215 12.63 -24.18 0.70
CA LEU E 215 12.75 -22.75 0.92
C LEU E 215 12.61 -21.98 -0.39
N GLU E 216 13.32 -22.42 -1.44
CA GLU E 216 13.20 -21.83 -2.77
C GLU E 216 11.74 -21.82 -3.22
N ARG E 217 11.10 -22.98 -3.17
CA ARG E 217 9.68 -23.09 -3.51
C ARG E 217 8.83 -22.09 -2.71
N ALA E 218 9.08 -22.01 -1.40
CA ALA E 218 8.31 -21.12 -0.54
C ALA E 218 8.53 -19.66 -0.88
N LEU E 219 9.74 -19.28 -1.28
CA LEU E 219 10.06 -17.88 -1.51
C LEU E 219 9.63 -17.38 -2.88
N GLN E 220 8.89 -18.20 -3.63
CA GLN E 220 8.29 -17.74 -4.88
C GLN E 220 7.11 -16.81 -4.61
N ASP E 221 6.44 -16.98 -3.48
CA ASP E 221 5.34 -16.11 -3.10
C ASP E 221 5.85 -14.70 -2.80
N PRO E 222 5.44 -13.69 -3.57
CA PRO E 222 5.94 -12.32 -3.30
C PRO E 222 5.46 -11.77 -1.97
N ASN E 223 4.45 -12.37 -1.36
CA ASN E 223 3.94 -11.93 -0.06
C ASN E 223 4.78 -12.43 1.11
N VAL E 224 5.82 -13.23 0.85
CA VAL E 224 6.73 -13.66 1.91
C VAL E 224 7.60 -12.47 2.32
N ALA E 225 7.59 -12.15 3.61
CA ALA E 225 8.41 -11.07 4.14
C ALA E 225 9.73 -11.56 4.72
N ALA E 226 9.74 -12.72 5.36
CA ALA E 226 10.93 -13.17 6.06
C ALA E 226 10.92 -14.69 6.19
N PHE E 227 12.14 -15.23 6.29
CA PHE E 227 12.38 -16.61 6.71
C PHE E 227 13.14 -16.55 8.03
N MET E 228 12.57 -17.15 9.08
CA MET E 228 13.18 -17.19 10.39
C MET E 228 13.65 -18.62 10.68
N VAL E 229 14.89 -18.76 11.15
CA VAL E 229 15.49 -20.08 11.28
C VAL E 229 16.56 -20.04 12.36
N GLU E 230 16.74 -21.17 13.06
CA GLU E 230 17.83 -21.42 13.99
C GLU E 230 19.01 -22.01 13.22
N PRO E 231 20.22 -21.47 13.37
CA PRO E 231 21.38 -22.08 12.69
C PRO E 231 21.60 -23.53 13.08
N ILE E 232 21.34 -23.88 14.33
CA ILE E 232 21.19 -25.25 14.79
C ILE E 232 19.97 -25.32 15.69
N GLN E 233 19.14 -26.34 15.49
CA GLN E 233 17.90 -26.45 16.26
C GLN E 233 18.19 -27.06 17.61
N GLY E 234 18.10 -26.23 18.65
CA GLY E 234 18.35 -26.69 20.00
C GLY E 234 17.29 -27.65 20.49
N GLU E 235 16.12 -27.12 20.83
CA GLU E 235 15.07 -27.91 21.47
C GLU E 235 14.61 -29.08 20.63
N ALA E 236 14.81 -29.03 19.30
CA ALA E 236 14.50 -30.19 18.47
C ALA E 236 15.42 -31.37 18.76
N GLY E 237 16.54 -31.14 19.43
CA GLY E 237 17.49 -32.20 19.73
C GLY E 237 18.86 -31.97 19.14
N VAL E 238 19.31 -30.71 19.13
CA VAL E 238 20.59 -30.30 18.57
C VAL E 238 20.67 -30.82 17.14
N VAL E 239 19.81 -30.29 16.26
CA VAL E 239 19.78 -30.68 14.86
C VAL E 239 20.71 -29.75 14.09
N VAL E 240 21.81 -30.29 13.60
CA VAL E 240 22.82 -29.53 12.86
C VAL E 240 22.53 -29.71 11.38
N PRO E 241 22.19 -28.65 10.65
CA PRO E 241 21.90 -28.80 9.21
C PRO E 241 23.14 -29.11 8.40
N ASP E 242 22.99 -29.29 7.11
CA ASP E 242 24.13 -29.75 6.32
C ASP E 242 25.00 -28.56 5.94
N PRO E 243 26.31 -28.78 5.78
CA PRO E 243 27.20 -27.70 5.31
C PRO E 243 26.64 -27.03 4.07
N GLY E 244 26.67 -25.70 4.07
CA GLY E 244 26.13 -24.92 2.98
C GLY E 244 24.68 -24.51 3.15
N TYR E 245 23.97 -25.08 4.12
CA TYR E 245 22.57 -24.70 4.32
C TYR E 245 22.43 -23.22 4.62
N LEU E 246 23.24 -22.72 5.56
CA LEU E 246 23.13 -21.32 5.96
C LEU E 246 23.48 -20.39 4.81
N MET E 247 24.51 -20.75 4.03
CA MET E 247 24.87 -19.97 2.85
C MET E 247 23.74 -19.97 1.82
N GLY E 248 23.17 -21.15 1.56
CA GLY E 248 22.05 -21.22 0.62
C GLY E 248 20.85 -20.42 1.09
N VAL E 249 20.59 -20.42 2.40
CA VAL E 249 19.49 -19.62 2.94
C VAL E 249 19.75 -18.14 2.70
N ARG E 250 20.96 -17.68 3.03
CA ARG E 250 21.35 -16.29 2.73
C ARG E 250 21.11 -15.96 1.26
N GLU E 251 21.57 -16.84 0.37
CA GLU E 251 21.46 -16.57 -1.06
C GLU E 251 20.01 -16.50 -1.51
N LEU E 252 19.17 -17.42 -1.04
CA LEU E 252 17.77 -17.44 -1.44
C LEU E 252 17.01 -16.24 -0.88
N CYS E 253 17.29 -15.88 0.38
CA CYS E 253 16.65 -14.69 0.95
C CYS E 253 17.04 -13.44 0.20
N THR E 254 18.32 -13.30 -0.14
CA THR E 254 18.76 -12.14 -0.90
C THR E 254 18.12 -12.12 -2.28
N ARG E 255 18.05 -13.27 -2.94
CA ARG E 255 17.59 -13.34 -4.32
C ARG E 255 16.12 -12.98 -4.46
N HIS E 256 15.30 -13.31 -3.46
CA HIS E 256 13.85 -13.11 -3.54
C HIS E 256 13.38 -11.96 -2.67
N GLN E 257 14.30 -11.09 -2.22
CA GLN E 257 13.97 -9.93 -1.38
C GLN E 257 13.19 -10.35 -0.13
N VAL E 258 13.76 -11.29 0.61
CA VAL E 258 13.16 -11.83 1.81
C VAL E 258 14.16 -11.65 2.96
N LEU E 259 13.65 -11.24 4.13
CA LEU E 259 14.54 -11.01 5.26
C LEU E 259 14.96 -12.32 5.93
N PHE E 260 16.26 -12.50 6.12
CA PHE E 260 16.83 -13.65 6.82
C PHE E 260 16.91 -13.31 8.30
N ILE E 261 16.06 -13.95 9.11
CA ILE E 261 16.11 -13.85 10.56
C ILE E 261 16.80 -15.10 11.11
N ALA E 262 17.91 -14.90 11.79
CA ALA E 262 18.63 -15.97 12.47
C ALA E 262 18.37 -15.88 13.97
N ASP E 263 17.73 -16.91 14.51
CA ASP E 263 17.50 -17.00 15.96
C ASP E 263 18.75 -17.64 16.56
N GLU E 264 19.61 -16.80 17.14
CA GLU E 264 20.84 -17.24 17.80
C GLU E 264 20.71 -17.14 19.31
N ILE E 265 19.49 -17.17 19.83
CA ILE E 265 19.26 -17.06 21.26
C ILE E 265 19.95 -18.19 22.01
N GLN E 266 19.88 -19.41 21.46
CA GLN E 266 20.58 -20.54 22.06
C GLN E 266 21.96 -20.75 21.44
N THR E 267 22.10 -20.55 20.13
CA THR E 267 23.36 -20.84 19.44
C THR E 267 24.35 -19.69 19.47
N GLY E 268 23.90 -18.46 19.69
CA GLY E 268 24.79 -17.33 19.69
C GLY E 268 25.61 -17.24 20.96
N LEU E 269 26.56 -16.30 20.94
CA LEU E 269 27.35 -15.94 22.11
C LEU E 269 28.25 -17.09 22.55
N ALA E 270 29.08 -17.56 21.60
CA ALA E 270 30.21 -18.44 21.84
C ALA E 270 29.84 -19.92 22.05
N ARG E 271 28.56 -20.20 22.29
CA ARG E 271 28.16 -21.56 22.65
C ARG E 271 28.60 -22.59 21.61
N THR E 272 28.45 -22.28 20.33
CA THR E 272 28.82 -23.22 19.27
C THR E 272 30.27 -23.10 18.81
N GLY E 273 31.07 -22.26 19.45
CA GLY E 273 32.45 -22.07 19.06
C GLY E 273 32.69 -20.88 18.16
N ARG E 274 31.70 -20.03 17.95
CA ARG E 274 31.84 -18.75 17.28
C ARG E 274 30.96 -17.75 18.01
N TRP E 275 31.14 -16.47 17.72
CA TRP E 275 30.23 -15.45 18.25
C TRP E 275 28.80 -15.76 17.83
N LEU E 276 28.60 -16.03 16.54
CA LEU E 276 27.33 -16.50 16.00
C LEU E 276 27.58 -17.81 15.25
N ALA E 277 26.66 -18.75 15.39
CA ALA E 277 26.79 -20.01 14.65
C ALA E 277 26.91 -19.76 13.16
N VAL E 278 26.19 -18.75 12.65
CA VAL E 278 26.24 -18.42 11.23
C VAL E 278 27.64 -18.01 10.80
N ASP E 279 28.50 -17.63 11.75
CA ASP E 279 29.88 -17.28 11.41
C ASP E 279 30.63 -18.47 10.80
N TYR E 280 30.23 -19.70 11.13
CA TYR E 280 30.88 -20.87 10.55
C TYR E 280 30.84 -20.84 9.03
N GLU E 281 29.81 -20.24 8.45
CA GLU E 281 29.69 -20.15 7.00
C GLU E 281 29.83 -18.72 6.49
N ASN E 282 30.29 -17.80 7.36
CA ASN E 282 30.53 -16.41 7.01
C ASN E 282 29.27 -15.76 6.45
N VAL E 283 28.13 -16.03 7.10
CA VAL E 283 26.82 -15.60 6.64
C VAL E 283 26.37 -14.41 7.51
N ARG E 284 25.87 -13.36 6.87
CA ARG E 284 25.35 -12.20 7.59
C ARG E 284 23.83 -12.15 7.48
N PRO E 285 23.10 -12.60 8.49
CA PRO E 285 21.63 -12.50 8.44
C PRO E 285 21.15 -11.05 8.40
N ASP E 286 19.89 -10.89 7.99
CA ASP E 286 19.28 -9.56 8.00
C ASP E 286 18.88 -9.14 9.41
N ILE E 287 18.39 -10.10 10.22
CA ILE E 287 18.03 -9.85 11.61
C ILE E 287 18.65 -10.95 12.46
N VAL E 288 19.21 -10.55 13.60
CA VAL E 288 19.85 -11.49 14.52
C VAL E 288 19.14 -11.42 15.86
N LEU E 289 18.77 -12.58 16.40
CA LEU E 289 18.12 -12.67 17.71
C LEU E 289 19.15 -13.11 18.74
N LEU E 290 19.22 -12.40 19.86
CA LEU E 290 20.08 -12.79 20.96
C LEU E 290 19.29 -12.84 22.26
N GLY E 291 19.66 -13.76 23.12
CA GLY E 291 19.19 -13.75 24.49
C GLY E 291 20.05 -14.63 25.35
N LYS E 292 19.47 -15.10 26.47
CA LYS E 292 20.09 -16.08 27.35
C LYS E 292 21.47 -15.68 27.84
N ALA E 293 22.54 -16.15 27.17
CA ALA E 293 23.89 -15.84 27.64
C ALA E 293 24.18 -14.33 27.60
N LEU E 294 23.28 -13.55 27.02
CA LEU E 294 23.44 -12.10 26.93
C LEU E 294 23.51 -11.47 28.32
N SER E 295 22.99 -12.17 29.34
CA SER E 295 23.06 -11.72 30.71
C SER E 295 23.84 -12.64 31.62
N GLY E 296 24.28 -13.80 31.13
CA GLY E 296 24.88 -14.79 32.01
C GLY E 296 23.92 -15.39 33.01
N GLY E 297 22.61 -15.29 32.77
CA GLY E 297 21.61 -15.84 33.65
C GLY E 297 21.16 -14.92 34.77
N LEU E 298 21.70 -13.70 34.84
CA LEU E 298 21.43 -12.80 35.95
C LEU E 298 20.21 -11.93 35.75
N TYR E 299 19.70 -11.82 34.52
CA TYR E 299 18.62 -10.90 34.19
C TYR E 299 18.07 -11.26 32.81
N PRO E 300 16.75 -11.36 32.64
CA PRO E 300 16.22 -11.63 31.30
C PRO E 300 16.50 -10.47 30.35
N VAL E 301 17.49 -10.64 29.48
CA VAL E 301 17.84 -9.65 28.46
C VAL E 301 17.88 -10.33 27.10
N SER E 302 17.11 -9.80 26.15
CA SER E 302 17.19 -10.21 24.76
C SER E 302 17.40 -9.00 23.87
N ALA E 303 17.88 -9.26 22.66
CA ALA E 303 18.21 -8.21 21.71
C ALA E 303 17.78 -8.63 20.31
N VAL E 304 17.35 -7.64 19.52
CA VAL E 304 17.13 -7.81 18.09
C VAL E 304 18.08 -6.87 17.36
N LEU E 305 18.89 -7.40 16.45
CA LEU E 305 19.90 -6.61 15.77
C LEU E 305 19.61 -6.57 14.28
N CYS E 306 19.65 -5.38 13.69
CA CYS E 306 19.54 -5.24 12.25
C CYS E 306 19.97 -3.83 11.83
N ASP E 307 20.10 -3.65 10.53
CA ASP E 307 20.46 -2.37 9.95
C ASP E 307 19.26 -1.42 9.89
N ASP E 308 19.54 -0.18 9.48
CA ASP E 308 18.55 0.88 9.53
C ASP E 308 17.36 0.60 8.63
N ASP E 309 17.60 0.05 7.43
CA ASP E 309 16.51 -0.15 6.48
C ASP E 309 15.42 -1.07 7.00
N ILE E 310 15.74 -1.93 7.96
CA ILE E 310 14.76 -2.79 8.61
C ILE E 310 14.28 -2.19 9.93
N MET E 311 15.23 -1.80 10.78
CA MET E 311 14.89 -1.33 12.13
C MET E 311 14.01 -0.09 12.10
N LEU E 312 14.29 0.84 11.18
CA LEU E 312 13.62 2.13 11.21
C LEU E 312 12.22 2.10 10.59
N THR E 313 11.74 0.93 10.16
CA THR E 313 10.35 0.79 9.75
C THR E 313 9.38 0.94 10.92
N ILE E 314 9.84 0.78 12.14
CA ILE E 314 9.00 0.96 13.33
C ILE E 314 9.25 2.35 13.89
N LYS E 315 8.18 3.14 13.94
CA LYS E 315 8.22 4.54 14.36
C LYS E 315 7.97 4.66 15.85
N PRO E 316 8.24 5.83 16.45
CA PRO E 316 8.03 5.99 17.89
C PRO E 316 6.61 5.66 18.33
N GLY E 317 6.51 4.93 19.44
CA GLY E 317 5.23 4.56 20.00
C GLY E 317 4.64 3.27 19.48
N GLU E 318 5.29 2.61 18.52
CA GLU E 318 4.71 1.44 17.89
C GLU E 318 5.22 0.10 18.43
N HIS E 319 6.22 0.11 19.32
CA HIS E 319 6.68 -1.16 19.86
C HIS E 319 7.54 -0.90 21.09
N GLY E 320 7.48 -1.82 22.04
CA GLY E 320 8.31 -1.71 23.23
C GLY E 320 7.97 -2.75 24.27
N SER E 321 8.34 -2.42 25.51
CA SER E 321 8.23 -3.29 26.68
C SER E 321 8.61 -2.47 27.90
N THR E 322 7.89 -2.67 29.01
CA THR E 322 8.19 -1.95 30.25
C THR E 322 9.65 -2.08 30.63
N TYR E 323 10.15 -3.30 30.77
CA TYR E 323 11.50 -3.54 31.26
C TYR E 323 12.54 -3.57 30.15
N GLY E 324 12.13 -3.54 28.88
CA GLY E 324 13.06 -3.62 27.78
C GLY E 324 14.02 -2.44 27.76
N GLY E 325 15.31 -2.72 27.92
CA GLY E 325 16.31 -1.67 27.87
C GLY E 325 16.53 -0.92 29.17
N ASN E 326 16.03 -1.45 30.28
CA ASN E 326 16.27 -0.85 31.58
C ASN E 326 17.77 -0.85 31.90
N PRO E 327 18.23 0.07 32.75
CA PRO E 327 19.68 0.23 32.96
C PRO E 327 20.35 -0.95 33.66
N LEU E 328 19.63 -1.63 34.56
CA LEU E 328 20.23 -2.76 35.27
C LEU E 328 20.55 -3.91 34.32
N GLY E 329 19.56 -4.29 33.50
CA GLY E 329 19.82 -5.31 32.50
C GLY E 329 20.93 -4.92 31.55
N CYS E 330 21.01 -3.63 31.20
CA CYS E 330 22.06 -3.17 30.30
C CYS E 330 23.44 -3.33 30.91
N ARG E 331 23.60 -2.97 32.20
CA ARG E 331 24.87 -3.18 32.87
C ARG E 331 25.24 -4.66 32.89
N VAL E 332 24.27 -5.50 33.27
CA VAL E 332 24.51 -6.94 33.26
C VAL E 332 24.95 -7.41 31.88
N ALA E 333 24.30 -6.90 30.83
CA ALA E 333 24.60 -7.34 29.46
C ALA E 333 26.00 -6.92 29.02
N ILE E 334 26.37 -5.65 29.26
CA ILE E 334 27.73 -5.23 28.91
C ILE E 334 28.74 -6.12 29.60
N ALA E 335 28.51 -6.43 30.88
CA ALA E 335 29.46 -7.28 31.59
C ALA E 335 29.52 -8.69 30.99
N ALA E 336 28.36 -9.28 30.70
CA ALA E 336 28.32 -10.63 30.14
C ALA E 336 29.05 -10.71 28.80
N LEU E 337 28.77 -9.77 27.89
CA LEU E 337 29.46 -9.76 26.60
C LEU E 337 30.95 -9.58 26.78
N GLU E 338 31.34 -8.67 27.68
CA GLU E 338 32.75 -8.47 27.98
C GLU E 338 33.41 -9.75 28.45
N VAL E 339 32.74 -10.51 29.32
CA VAL E 339 33.29 -11.79 29.78
C VAL E 339 33.49 -12.74 28.60
N LEU E 340 32.46 -12.89 27.76
CA LEU E 340 32.61 -13.78 26.61
C LEU E 340 33.79 -13.36 25.74
N GLU E 341 34.03 -12.05 25.63
CA GLU E 341 35.13 -11.56 24.81
C GLU E 341 36.48 -11.86 25.45
N GLU E 342 36.65 -11.46 26.72
CA GLU E 342 37.98 -11.43 27.32
C GLU E 342 38.49 -12.83 27.66
N GLU E 343 37.60 -13.73 28.07
CA GLU E 343 38.02 -15.09 28.39
C GLU E 343 38.04 -16.00 27.17
N ASN E 344 37.86 -15.44 25.98
CA ASN E 344 37.91 -16.18 24.71
C ASN E 344 37.12 -17.48 24.79
N LEU E 345 35.85 -17.36 25.21
CA LEU E 345 35.04 -18.55 25.43
C LEU E 345 34.64 -19.25 24.14
N ALA E 346 34.63 -18.54 23.00
CA ALA E 346 34.29 -19.18 21.74
C ALA E 346 35.34 -20.22 21.33
N GLU E 347 36.62 -19.82 21.33
CA GLU E 347 37.69 -20.75 21.01
C GLU E 347 37.69 -21.94 21.98
N ASN E 348 37.44 -21.66 23.26
CA ASN E 348 37.35 -22.71 24.26
C ASN E 348 36.25 -23.70 23.92
N ALA E 349 35.05 -23.19 23.62
CA ALA E 349 33.94 -24.06 23.26
C ALA E 349 34.28 -24.89 22.04
N ASP E 350 34.94 -24.30 21.05
CA ASP E 350 35.28 -25.04 19.84
C ASP E 350 36.20 -26.21 20.15
N LYS E 351 37.31 -25.93 20.83
CA LYS E 351 38.30 -26.97 21.13
C LYS E 351 37.68 -28.08 21.98
N LEU E 352 36.99 -27.68 23.05
CA LEU E 352 36.45 -28.67 23.98
C LEU E 352 35.30 -29.46 23.36
N GLY E 353 34.54 -28.85 22.44
CA GLY E 353 33.49 -29.61 21.78
C GLY E 353 34.05 -30.66 20.84
N ILE E 354 35.12 -30.31 20.11
CA ILE E 354 35.84 -31.33 19.35
C ILE E 354 36.19 -32.50 20.27
N ILE E 355 36.82 -32.19 21.42
CA ILE E 355 37.23 -33.26 22.34
C ILE E 355 36.03 -34.07 22.83
N LEU E 356 34.96 -33.37 23.21
CA LEU E 356 33.79 -34.04 23.78
C LEU E 356 33.15 -34.98 22.78
N ARG E 357 32.94 -34.51 21.54
CA ARG E 357 32.32 -35.36 20.53
C ARG E 357 33.22 -36.54 20.19
N ASN E 358 34.55 -36.33 20.12
CA ASN E 358 35.45 -37.46 19.90
C ASN E 358 35.29 -38.52 20.99
N GLU E 359 35.30 -38.10 22.25
CA GLU E 359 35.12 -39.06 23.34
C GLU E 359 33.76 -39.75 23.27
N LEU E 360 32.73 -39.01 22.87
CA LEU E 360 31.38 -39.57 22.81
C LEU E 360 31.22 -40.57 21.67
N MET E 361 31.95 -40.39 20.57
CA MET E 361 31.90 -41.34 19.47
C MET E 361 32.47 -42.70 19.86
N LYS E 362 33.33 -42.76 20.88
CA LYS E 362 33.91 -44.02 21.34
C LYS E 362 32.88 -44.92 22.01
N LEU E 363 31.70 -44.40 22.36
CA LEU E 363 30.68 -45.24 22.94
C LEU E 363 30.14 -46.20 21.88
N PRO E 364 29.61 -47.36 22.29
CA PRO E 364 29.24 -48.39 21.30
C PRO E 364 27.99 -47.99 20.52
N SER E 365 28.10 -48.09 19.19
CA SER E 365 27.01 -47.70 18.29
C SER E 365 25.71 -48.46 18.56
N ASP E 366 25.76 -49.60 19.25
CA ASP E 366 24.55 -50.35 19.56
C ASP E 366 23.78 -49.76 20.73
N VAL E 367 24.35 -48.76 21.42
CA VAL E 367 23.71 -48.13 22.57
C VAL E 367 23.54 -46.63 22.36
N VAL E 368 24.53 -45.97 21.77
CA VAL E 368 24.43 -44.58 21.35
C VAL E 368 24.36 -44.57 19.82
N THR E 369 23.21 -44.18 19.27
CA THR E 369 23.06 -44.23 17.83
C THR E 369 23.67 -43.04 17.13
N ALA E 370 23.84 -41.93 17.84
CA ALA E 370 24.42 -40.77 17.15
C ALA E 370 24.96 -39.78 18.16
N VAL E 371 25.96 -39.03 17.75
CA VAL E 371 26.44 -37.87 18.50
C VAL E 371 26.60 -36.74 17.51
N ARG E 372 26.03 -35.58 17.85
CA ARG E 372 26.02 -34.46 16.92
C ARG E 372 26.15 -33.16 17.70
N GLY E 373 26.69 -32.14 17.06
CA GLY E 373 26.63 -30.80 17.60
C GLY E 373 27.78 -29.95 17.07
N LYS E 374 27.87 -28.75 17.63
CA LYS E 374 28.96 -27.83 17.37
C LYS E 374 29.36 -27.16 18.66
N GLY E 375 30.67 -26.92 18.81
CA GLY E 375 31.20 -26.38 20.06
C GLY E 375 30.70 -27.20 21.24
N LEU E 376 30.24 -26.53 22.29
CA LEU E 376 29.66 -27.19 23.45
C LEU E 376 28.14 -27.22 23.43
N LEU E 377 27.56 -27.23 22.24
CA LEU E 377 26.15 -27.56 22.05
C LEU E 377 26.15 -28.92 21.37
N ASN E 378 25.90 -29.99 22.13
CA ASN E 378 25.96 -31.34 21.56
C ASN E 378 24.81 -32.15 22.13
N ALA E 379 24.47 -33.22 21.42
CA ALA E 379 23.56 -34.22 21.95
C ALA E 379 23.97 -35.61 21.47
N ILE E 380 23.48 -36.60 22.20
CA ILE E 380 23.58 -38.00 21.80
C ILE E 380 22.18 -38.57 21.63
N VAL E 381 22.06 -39.49 20.68
CA VAL E 381 20.87 -40.29 20.44
C VAL E 381 21.19 -41.72 20.87
N ILE E 382 20.37 -42.26 21.79
CA ILE E 382 20.51 -43.60 22.36
C ILE E 382 19.49 -44.55 21.72
N LYS E 383 19.82 -45.85 21.76
CA LYS E 383 18.90 -46.90 21.29
C LYS E 383 17.83 -47.11 22.35
N GLU E 384 16.82 -46.23 22.33
CA GLU E 384 15.75 -46.34 23.30
C GLU E 384 15.10 -47.71 23.21
N THR E 385 14.75 -48.26 24.38
CA THR E 385 14.08 -49.54 24.47
C THR E 385 12.85 -49.38 25.36
N LYS E 386 12.13 -50.49 25.56
CA LYS E 386 11.03 -50.51 26.51
C LYS E 386 11.53 -50.16 27.91
N ASP E 387 12.66 -50.76 28.33
CA ASP E 387 13.13 -50.57 29.70
C ASP E 387 14.06 -49.38 29.88
N TRP E 388 14.67 -48.90 28.80
CA TRP E 388 15.80 -48.00 28.88
C TRP E 388 15.59 -46.80 27.97
N ASP E 389 15.51 -45.60 28.56
CA ASP E 389 15.25 -44.37 27.82
C ASP E 389 16.19 -43.28 28.34
N ALA E 390 16.10 -42.11 27.71
CA ALA E 390 16.99 -41.01 28.06
C ALA E 390 16.71 -40.47 29.46
N TRP E 391 15.45 -40.56 29.92
CA TRP E 391 15.12 -40.11 31.27
C TRP E 391 15.87 -40.92 32.32
N LYS E 392 15.82 -42.26 32.23
CA LYS E 392 16.55 -43.10 33.16
C LYS E 392 18.06 -42.81 33.11
N VAL E 393 18.59 -42.61 31.91
CA VAL E 393 20.01 -42.27 31.79
C VAL E 393 20.32 -41.00 32.55
N CYS E 394 19.49 -39.96 32.38
CA CYS E 394 19.72 -38.71 33.10
C CYS E 394 19.56 -38.89 34.60
N LEU E 395 18.65 -39.76 35.02
CA LEU E 395 18.52 -40.09 36.44
C LEU E 395 19.84 -40.64 36.99
N ARG E 396 20.46 -41.57 36.24
CA ARG E 396 21.68 -42.18 36.75
C ARG E 396 22.85 -41.20 36.65
N LEU E 397 22.88 -40.39 35.59
CA LEU E 397 23.87 -39.32 35.49
C LEU E 397 23.81 -38.39 36.69
N ARG E 398 22.60 -37.99 37.08
CA ARG E 398 22.41 -37.24 38.32
C ARG E 398 23.00 -38.00 39.50
N ASP E 399 22.65 -39.28 39.63
CA ASP E 399 23.20 -40.10 40.70
C ASP E 399 24.73 -40.07 40.73
N ASN E 400 25.37 -39.93 39.57
CA ASN E 400 26.82 -39.83 39.49
C ASN E 400 27.32 -38.39 39.35
N GLY E 401 26.53 -37.42 39.80
CA GLY E 401 26.98 -36.04 39.88
C GLY E 401 27.08 -35.30 38.56
N LEU E 402 26.19 -35.58 37.61
CA LEU E 402 26.15 -34.82 36.36
C LEU E 402 24.70 -34.60 35.96
N LEU E 403 24.35 -33.35 35.71
CA LEU E 403 22.97 -32.96 35.41
C LEU E 403 22.83 -32.69 33.93
N ALA E 404 21.89 -33.38 33.27
CA ALA E 404 21.68 -33.25 31.85
C ALA E 404 20.18 -33.27 31.55
N LYS E 405 19.83 -32.90 30.32
CA LYS E 405 18.43 -32.80 29.92
C LYS E 405 18.10 -33.80 28.82
N PRO E 406 17.07 -34.64 29.02
CA PRO E 406 16.57 -35.47 27.91
C PRO E 406 15.50 -34.77 27.10
N THR E 407 15.64 -34.79 25.77
CA THR E 407 14.56 -34.46 24.86
C THR E 407 13.97 -35.77 24.34
N HIS E 408 12.64 -35.87 24.36
CA HIS E 408 11.90 -37.08 24.03
C HIS E 408 12.42 -38.23 24.88
N GLY E 409 12.36 -39.45 24.36
CA GLY E 409 12.86 -40.61 25.05
C GLY E 409 14.25 -41.03 24.62
N ASP E 410 14.85 -40.35 23.64
CA ASP E 410 16.06 -40.83 23.01
C ASP E 410 17.17 -39.81 22.84
N ILE E 411 16.97 -38.54 23.20
CA ILE E 411 17.97 -37.51 22.99
C ILE E 411 18.45 -37.00 24.34
N ILE E 412 19.76 -36.94 24.53
CA ILE E 412 20.34 -36.33 25.73
C ILE E 412 21.25 -35.20 25.30
N ARG E 413 20.97 -34.00 25.82
CA ARG E 413 21.82 -32.84 25.54
C ARG E 413 23.03 -32.81 26.45
N PHE E 414 24.17 -32.44 25.89
CA PHE E 414 25.39 -32.17 26.64
C PHE E 414 25.84 -30.76 26.26
N ALA E 415 25.74 -29.85 27.22
CA ALA E 415 26.06 -28.43 27.01
C ALA E 415 26.53 -27.84 28.32
N PRO E 416 27.80 -28.02 28.66
CA PRO E 416 28.34 -27.42 29.90
C PRO E 416 28.73 -25.97 29.67
N PRO E 417 28.84 -25.18 30.74
CA PRO E 417 29.29 -23.79 30.59
C PRO E 417 30.64 -23.72 29.89
N LEU E 418 30.83 -22.64 29.12
CA LEU E 418 32.02 -22.51 28.29
C LEU E 418 33.28 -22.20 29.10
N VAL E 419 33.14 -21.96 30.41
CA VAL E 419 34.29 -21.75 31.27
C VAL E 419 34.90 -23.06 31.77
N ILE E 420 34.24 -24.19 31.50
CA ILE E 420 34.76 -25.49 31.88
C ILE E 420 36.18 -25.66 31.35
N LYS E 421 37.02 -26.31 32.14
CA LYS E 421 38.38 -26.62 31.74
C LYS E 421 38.45 -28.02 31.15
N GLU E 422 39.54 -28.28 30.43
CA GLU E 422 39.71 -29.57 29.78
C GLU E 422 39.72 -30.71 30.79
N ASP E 423 40.41 -30.52 31.92
CA ASP E 423 40.43 -31.57 32.95
C ASP E 423 39.05 -31.84 33.51
N GLU E 424 38.27 -30.78 33.76
CA GLU E 424 36.91 -30.96 34.26
C GLU E 424 36.02 -31.60 33.21
N LEU E 425 36.20 -31.21 31.95
CA LEU E 425 35.44 -31.80 30.86
C LEU E 425 35.70 -33.29 30.75
N ARG E 426 36.97 -33.69 30.82
CA ARG E 426 37.29 -35.12 30.77
C ARG E 426 36.77 -35.88 31.99
N GLU E 427 36.78 -35.26 33.18
CA GLU E 427 36.20 -35.94 34.34
C GLU E 427 34.71 -36.20 34.11
N SER E 428 34.01 -35.19 33.58
CA SER E 428 32.59 -35.36 33.28
C SER E 428 32.35 -36.39 32.18
N ILE E 429 33.24 -36.42 31.18
CA ILE E 429 33.16 -37.46 30.15
C ILE E 429 33.26 -38.85 30.77
N GLU E 430 34.17 -39.02 31.74
CA GLU E 430 34.28 -40.30 32.40
C GLU E 430 32.99 -40.65 33.14
N ILE E 431 32.37 -39.65 33.77
CA ILE E 431 31.06 -39.88 34.39
C ILE E 431 30.03 -40.34 33.34
N ILE E 432 30.05 -39.69 32.18
CA ILE E 432 29.09 -40.01 31.12
C ILE E 432 29.27 -41.45 30.63
N ASN E 433 30.50 -41.82 30.27
CA ASN E 433 30.79 -43.18 29.87
C ASN E 433 30.41 -44.20 30.94
N LYS E 434 30.82 -43.97 32.19
CA LYS E 434 30.46 -44.90 33.26
C LYS E 434 28.95 -45.12 33.29
N THR E 435 28.19 -44.03 33.23
CA THR E 435 26.74 -44.13 33.30
C THR E 435 26.18 -44.90 32.12
N ILE E 436 26.56 -44.52 30.89
CA ILE E 436 26.01 -45.18 29.70
C ILE E 436 26.34 -46.67 29.72
N LEU E 437 27.61 -47.01 29.99
CA LEU E 437 28.04 -48.40 29.99
C LEU E 437 27.62 -49.15 31.24
N SER E 438 26.96 -48.49 32.19
CA SER E 438 26.42 -49.21 33.34
C SER E 438 25.09 -49.87 32.99
N PHE E 439 24.46 -49.46 31.89
CA PHE E 439 23.19 -50.02 31.46
C PHE E 439 23.46 -51.22 30.55
N PRO F 37 31.91 12.72 31.17
CA PRO F 37 30.60 12.06 31.19
C PRO F 37 29.65 12.63 30.14
N PRO F 38 28.79 11.77 29.58
CA PRO F 38 27.86 12.25 28.54
C PRO F 38 26.81 13.19 29.12
N THR F 39 26.55 14.27 28.38
CA THR F 39 25.44 15.15 28.72
C THR F 39 24.10 14.50 28.33
N SER F 40 23.01 15.15 28.74
CA SER F 40 21.68 14.68 28.34
C SER F 40 21.54 14.61 26.82
N ASP F 41 21.93 15.69 26.13
CA ASP F 41 21.88 15.68 24.67
C ASP F 41 22.74 14.57 24.08
N ASP F 42 23.92 14.33 24.67
CA ASP F 42 24.76 13.23 24.21
C ASP F 42 24.03 11.90 24.32
N ILE F 43 23.37 11.68 25.46
CA ILE F 43 22.57 10.48 25.67
C ILE F 43 21.53 10.33 24.56
N PHE F 44 20.81 11.42 24.28
CA PHE F 44 19.78 11.40 23.25
C PHE F 44 20.37 11.02 21.90
N GLU F 45 21.45 11.69 21.49
CA GLU F 45 22.05 11.41 20.19
C GLU F 45 22.55 9.97 20.11
N ARG F 46 23.11 9.45 21.20
CA ARG F 46 23.65 8.10 21.15
C ARG F 46 22.54 7.08 20.93
N GLU F 47 21.47 7.17 21.72
CA GLU F 47 20.32 6.30 21.51
C GLU F 47 19.73 6.46 20.12
N TYR F 48 19.66 7.69 19.60
CA TYR F 48 19.15 7.90 18.25
C TYR F 48 20.06 7.23 17.22
N LYS F 49 21.36 7.18 17.47
CA LYS F 49 22.28 6.61 16.50
C LYS F 49 22.18 5.09 16.49
N TYR F 50 22.24 4.45 17.66
CA TYR F 50 22.42 3.01 17.72
C TYR F 50 21.21 2.24 18.24
N GLY F 51 20.13 2.92 18.60
CA GLY F 51 18.94 2.27 19.10
C GLY F 51 17.75 2.47 18.18
N ALA F 52 16.85 1.48 18.19
CA ALA F 52 15.61 1.58 17.42
C ALA F 52 14.80 2.80 17.83
N HIS F 53 14.06 3.35 16.88
CA HIS F 53 13.22 4.52 17.14
C HIS F 53 11.81 4.12 17.54
N ASN F 54 11.66 3.12 18.40
CA ASN F 54 10.33 2.66 18.81
C ASN F 54 9.77 3.47 19.96
N TYR F 55 10.51 4.46 20.45
CA TYR F 55 10.02 5.36 21.49
C TYR F 55 10.41 6.80 21.13
N HIS F 56 9.65 7.73 21.67
CA HIS F 56 10.01 9.15 21.67
C HIS F 56 9.77 9.65 23.10
N PRO F 57 10.74 9.44 23.98
CA PRO F 57 10.53 9.76 25.40
C PRO F 57 10.65 11.25 25.68
N LEU F 58 10.18 11.62 26.86
CA LEU F 58 10.33 12.99 27.35
C LEU F 58 11.81 13.30 27.47
N PRO F 59 12.31 14.36 26.82
CA PRO F 59 13.76 14.62 26.84
C PRO F 59 14.30 14.86 28.24
N VAL F 60 14.62 13.78 28.94
CA VAL F 60 15.25 13.84 30.26
C VAL F 60 16.07 12.57 30.42
N ALA F 61 17.30 12.72 30.90
CA ALA F 61 18.30 11.65 30.88
C ALA F 61 18.65 11.28 32.31
N LEU F 62 17.94 10.29 32.84
CA LEU F 62 18.13 9.85 34.22
C LEU F 62 19.38 9.01 34.39
N GLU F 63 20.03 9.18 35.54
CA GLU F 63 21.14 8.35 35.96
C GLU F 63 21.00 7.80 37.37
N ARG F 64 20.15 8.36 38.21
CA ARG F 64 19.97 7.82 39.55
C ARG F 64 18.49 7.90 39.93
N GLY F 65 18.08 7.01 40.83
CA GLY F 65 16.74 7.08 41.38
C GLY F 65 16.67 6.49 42.76
N LYS F 66 15.88 7.11 43.64
CA LYS F 66 15.78 6.62 45.01
C LYS F 66 14.44 7.06 45.58
N GLY F 67 13.68 6.10 46.11
CA GLY F 67 12.39 6.42 46.69
C GLY F 67 11.48 7.04 45.64
N ILE F 68 11.01 8.26 45.93
CA ILE F 68 10.10 8.96 45.03
C ILE F 68 10.84 9.85 44.03
N TYR F 69 12.17 9.85 44.03
CA TYR F 69 12.95 10.85 43.31
C TYR F 69 13.80 10.24 42.21
N LEU F 70 14.08 11.04 41.19
CA LEU F 70 14.99 10.69 40.12
C LEU F 70 15.98 11.84 39.90
N TRP F 71 17.17 11.50 39.39
CA TRP F 71 18.24 12.46 39.14
C TRP F 71 18.84 12.22 37.77
N ASP F 72 19.01 13.31 37.01
CA ASP F 72 19.56 13.26 35.67
C ASP F 72 21.08 13.39 35.70
N VAL F 73 21.69 13.36 34.52
CA VAL F 73 23.14 13.44 34.41
C VAL F 73 23.66 14.79 34.90
N GLU F 74 22.85 15.83 34.78
CA GLU F 74 23.22 17.15 35.26
C GLU F 74 23.08 17.28 36.79
N GLY F 75 22.57 16.28 37.47
CA GLY F 75 22.37 16.35 38.89
C GLY F 75 21.03 16.89 39.32
N ARG F 76 20.17 17.23 38.38
CA ARG F 76 18.88 17.83 38.70
C ARG F 76 17.93 16.78 39.27
N LYS F 77 17.15 17.20 40.26
CA LYS F 77 16.26 16.33 41.02
C LYS F 77 14.83 16.48 40.52
N TYR F 78 14.12 15.36 40.43
CA TYR F 78 12.77 15.32 39.88
C TYR F 78 11.87 14.44 40.74
N PHE F 79 10.62 14.87 40.88
CA PHE F 79 9.58 13.97 41.35
C PHE F 79 9.23 12.96 40.27
N ASP F 80 9.11 11.71 40.68
CA ASP F 80 8.64 10.64 39.79
C ASP F 80 7.13 10.52 39.92
N PHE F 81 6.40 10.93 38.87
CA PHE F 81 4.95 10.79 38.85
C PHE F 81 4.47 9.81 37.79
N LEU F 82 5.36 8.92 37.33
CA LEU F 82 4.99 7.80 36.48
C LEU F 82 5.16 6.46 37.19
N SER F 83 6.16 6.34 38.06
CA SER F 83 6.45 5.13 38.81
C SER F 83 6.69 3.93 37.89
N SER F 84 7.30 4.20 36.72
CA SER F 84 7.55 3.18 35.71
C SER F 84 6.31 2.31 35.50
N TYR F 85 5.17 2.97 35.29
CA TYR F 85 3.90 2.31 35.05
C TYR F 85 3.51 1.39 36.20
N SER F 86 3.83 1.80 37.42
CA SER F 86 3.53 1.15 38.72
C SER F 86 4.61 0.14 39.10
N ALA F 87 5.65 -0.04 38.28
CA ALA F 87 6.68 -1.02 38.61
C ALA F 87 7.47 -0.65 39.86
N VAL F 88 7.62 0.64 40.14
CA VAL F 88 8.33 1.07 41.35
C VAL F 88 7.36 1.65 42.36
N ASN F 89 6.24 0.94 42.60
CA ASN F 89 5.34 1.30 43.68
C ASN F 89 6.08 1.46 44.99
N GLN F 90 7.12 0.65 45.20
CA GLN F 90 7.93 0.70 46.41
C GLN F 90 9.00 1.79 46.36
N GLY F 91 9.00 2.62 45.32
CA GLY F 91 10.05 3.59 45.13
C GLY F 91 11.27 2.98 44.47
N HIS F 92 12.05 3.80 43.77
CA HIS F 92 13.29 3.32 43.15
C HIS F 92 14.24 2.79 44.20
N CYS F 93 14.76 1.58 43.96
CA CYS F 93 15.87 1.01 44.73
C CYS F 93 15.55 0.90 46.21
N HIS F 94 14.38 0.34 46.52
CA HIS F 94 13.99 0.18 47.91
C HIS F 94 14.97 -0.77 48.60
N PRO F 95 15.52 -0.40 49.75
CA PRO F 95 16.66 -1.16 50.30
C PRO F 95 16.41 -2.64 50.51
N LYS F 96 15.22 -3.03 50.97
CA LYS F 96 15.01 -4.44 51.28
C LYS F 96 15.05 -5.32 50.03
N ILE F 97 14.42 -4.87 48.95
CA ILE F 97 14.41 -5.67 47.72
C ILE F 97 15.79 -5.71 47.12
N VAL F 98 16.52 -4.60 47.23
CA VAL F 98 17.90 -4.53 46.79
C VAL F 98 18.75 -5.54 47.57
N ASN F 99 18.50 -5.65 48.88
CA ASN F 99 19.22 -6.61 49.72
C ASN F 99 18.89 -8.04 49.33
N ALA F 100 17.61 -8.33 49.07
CA ALA F 100 17.22 -9.68 48.66
C ALA F 100 17.92 -10.07 47.37
N LEU F 101 17.87 -9.18 46.38
CA LEU F 101 18.61 -9.40 45.14
C LEU F 101 20.08 -9.69 45.42
N LYS F 102 20.75 -8.80 46.14
CA LYS F 102 22.19 -8.95 46.36
C LYS F 102 22.51 -10.26 47.07
N SER F 103 21.71 -10.64 48.08
CA SER F 103 21.98 -11.87 48.79
C SER F 103 21.82 -13.08 47.89
N GLN F 104 20.85 -13.03 46.97
CA GLN F 104 20.62 -14.19 46.11
C GLN F 104 21.62 -14.27 44.96
N VAL F 105 22.02 -13.13 44.38
CA VAL F 105 22.88 -13.15 43.20
C VAL F 105 24.18 -13.91 43.46
N ASP F 106 24.65 -13.94 44.71
CA ASP F 106 25.87 -14.68 45.03
C ASP F 106 25.64 -16.18 45.15
N LYS F 107 24.39 -16.60 45.35
CA LYS F 107 24.08 -18.02 45.59
C LYS F 107 23.72 -18.75 44.30
N LEU F 108 22.69 -18.29 43.60
CA LEU F 108 22.16 -19.00 42.45
C LEU F 108 21.15 -18.10 41.74
N THR F 109 21.26 -17.95 40.42
CA THR F 109 20.37 -17.05 39.69
C THR F 109 19.48 -17.75 38.67
N LEU F 110 19.94 -18.84 38.05
CA LEU F 110 19.16 -19.45 36.97
C LEU F 110 19.59 -20.90 36.79
N THR F 111 18.73 -21.83 37.20
CA THR F 111 18.92 -23.25 36.90
C THR F 111 18.17 -23.71 35.67
N SER F 112 17.27 -22.86 35.14
CA SER F 112 16.21 -23.24 34.21
C SER F 112 15.25 -24.22 34.87
N ARG F 113 14.15 -24.55 34.19
CA ARG F 113 13.13 -25.41 34.77
C ARG F 113 13.33 -26.88 34.48
N ALA F 114 14.37 -27.24 33.72
CA ALA F 114 14.77 -28.64 33.65
C ALA F 114 15.07 -29.21 35.03
N PHE F 115 15.48 -28.35 35.97
CA PHE F 115 15.73 -28.76 37.35
C PHE F 115 14.94 -27.87 38.30
N TYR F 116 14.83 -28.34 39.54
CA TYR F 116 14.24 -27.54 40.61
C TYR F 116 15.28 -26.58 41.22
N ASN F 117 14.81 -25.42 41.63
CA ASN F 117 15.55 -24.58 42.58
C ASN F 117 14.78 -24.49 43.90
N ASN F 118 15.46 -23.99 44.92
CA ASN F 118 14.91 -24.02 46.27
C ASN F 118 13.98 -22.86 46.59
N VAL F 119 14.06 -21.76 45.83
CA VAL F 119 13.31 -20.55 46.17
C VAL F 119 11.89 -20.58 45.61
N LEU F 120 11.71 -21.17 44.42
CA LEU F 120 10.46 -20.97 43.69
C LEU F 120 9.26 -21.46 44.48
N GLY F 121 9.34 -22.63 45.10
CA GLY F 121 8.23 -23.12 45.89
C GLY F 121 7.88 -22.20 47.06
N GLU F 122 8.89 -21.62 47.69
CA GLU F 122 8.67 -20.68 48.79
C GLU F 122 7.85 -19.48 48.31
N TYR F 123 8.30 -18.86 47.22
CA TYR F 123 7.56 -17.76 46.60
C TYR F 123 6.14 -18.17 46.24
N GLU F 124 5.99 -19.34 45.61
CA GLU F 124 4.67 -19.78 45.16
C GLU F 124 3.72 -19.93 46.34
N GLU F 125 4.17 -20.58 47.42
CA GLU F 125 3.30 -20.73 48.58
C GLU F 125 2.94 -19.38 49.17
N TYR F 126 3.92 -18.48 49.28
CA TYR F 126 3.66 -17.15 49.83
C TYR F 126 2.62 -16.42 49.00
N ILE F 127 2.84 -16.34 47.69
CA ILE F 127 1.97 -15.52 46.83
C ILE F 127 0.60 -16.16 46.66
N THR F 128 0.50 -17.51 46.63
CA THR F 128 -0.80 -18.15 46.51
C THR F 128 -1.60 -18.11 47.80
N LYS F 129 -0.96 -17.98 48.96
CA LYS F 129 -1.74 -17.76 50.17
C LYS F 129 -2.06 -16.28 50.41
N LEU F 130 -1.27 -15.37 49.83
CA LEU F 130 -1.51 -13.94 50.02
C LEU F 130 -2.81 -13.49 49.35
N PHE F 131 -3.03 -13.93 48.10
CA PHE F 131 -4.20 -13.61 47.30
C PHE F 131 -5.25 -14.71 47.30
N ASN F 132 -4.99 -15.85 47.94
CA ASN F 132 -5.98 -16.92 48.16
C ASN F 132 -6.35 -17.68 46.88
N TYR F 133 -5.36 -17.98 46.04
CA TYR F 133 -5.57 -18.91 44.94
C TYR F 133 -4.82 -20.21 45.19
N HIS F 134 -5.25 -21.27 44.50
CA HIS F 134 -4.57 -22.54 44.63
C HIS F 134 -3.14 -22.47 44.10
N LYS F 135 -2.94 -21.83 42.95
CA LYS F 135 -1.68 -21.99 42.26
C LYS F 135 -1.31 -20.74 41.47
N VAL F 136 -0.01 -20.65 41.17
CA VAL F 136 0.59 -19.57 40.41
C VAL F 136 1.47 -20.18 39.32
N LEU F 137 1.46 -19.56 38.15
CA LEU F 137 2.40 -19.85 37.08
C LEU F 137 3.28 -18.63 36.88
N PRO F 138 4.59 -18.76 37.11
CA PRO F 138 5.48 -17.61 37.00
C PRO F 138 5.95 -17.37 35.57
N MET F 139 5.93 -16.10 35.17
CA MET F 139 6.50 -15.63 33.91
C MET F 139 7.38 -14.43 34.22
N ASN F 140 7.92 -13.81 33.17
CA ASN F 140 8.82 -12.68 33.34
C ASN F 140 8.12 -11.33 33.13
N THR F 141 7.61 -11.08 31.92
CA THR F 141 7.01 -9.80 31.60
C THR F 141 5.48 -9.89 31.64
N GLY F 142 4.85 -8.72 31.73
CA GLY F 142 3.40 -8.66 31.80
C GLY F 142 2.71 -9.27 30.58
N VAL F 143 3.25 -9.01 29.39
CA VAL F 143 2.68 -9.59 28.17
C VAL F 143 2.75 -11.11 28.23
N GLU F 144 3.80 -11.66 28.83
CA GLU F 144 3.89 -13.11 28.99
C GLU F 144 2.81 -13.63 29.92
N ALA F 145 2.52 -12.90 31.01
CA ALA F 145 1.41 -13.28 31.87
C ALA F 145 0.10 -13.26 31.10
N GLY F 146 -0.06 -12.28 30.22
CA GLY F 146 -1.28 -12.22 29.40
C GLY F 146 -1.39 -13.39 28.44
N GLU F 147 -0.32 -13.67 27.69
CA GLU F 147 -0.28 -14.83 26.81
C GLU F 147 -0.60 -16.12 27.56
N THR F 148 0.03 -16.28 28.73
CA THR F 148 -0.25 -17.43 29.59
C THR F 148 -1.73 -17.50 29.95
N ALA F 149 -2.32 -16.35 30.33
CA ALA F 149 -3.74 -16.32 30.65
C ALA F 149 -4.59 -16.74 29.46
N CYS F 150 -4.22 -16.29 28.26
CA CYS F 150 -4.99 -16.65 27.07
C CYS F 150 -4.90 -18.13 26.79
N LYS F 151 -3.70 -18.71 26.89
CA LYS F 151 -3.56 -20.14 26.70
C LYS F 151 -4.32 -20.93 27.75
N LEU F 152 -4.25 -20.50 29.02
CA LEU F 152 -5.05 -21.12 30.06
C LEU F 152 -6.53 -21.08 29.74
N ALA F 153 -7.03 -19.91 29.32
CA ALA F 153 -8.43 -19.76 28.96
C ALA F 153 -8.81 -20.72 27.85
N ARG F 154 -8.00 -20.79 26.81
CA ARG F 154 -8.33 -21.68 25.68
C ARG F 154 -8.24 -23.15 26.10
N LYS F 155 -7.20 -23.52 26.86
CA LYS F 155 -7.07 -24.89 27.32
C LYS F 155 -8.26 -25.32 28.16
N TRP F 156 -8.66 -24.48 29.13
CA TRP F 156 -9.82 -24.79 29.94
C TRP F 156 -11.10 -24.85 29.10
N GLY F 157 -11.26 -23.94 28.15
CA GLY F 157 -12.44 -23.98 27.30
C GLY F 157 -12.55 -25.26 26.50
N TYR F 158 -11.47 -25.65 25.82
CA TYR F 158 -11.50 -26.86 25.01
C TYR F 158 -11.63 -28.12 25.88
N THR F 159 -10.93 -28.17 27.02
CA THR F 159 -10.81 -29.41 27.77
C THR F 159 -11.77 -29.53 28.95
N VAL F 160 -12.30 -28.42 29.47
CA VAL F 160 -13.26 -28.46 30.56
C VAL F 160 -14.65 -28.03 30.11
N LYS F 161 -14.73 -26.95 29.33
CA LYS F 161 -16.03 -26.46 28.86
C LYS F 161 -16.52 -27.20 27.62
N GLY F 162 -15.62 -27.89 26.93
CA GLY F 162 -15.98 -28.65 25.75
C GLY F 162 -16.05 -27.88 24.46
N ILE F 163 -15.52 -26.65 24.43
CA ILE F 163 -15.58 -25.86 23.21
C ILE F 163 -14.83 -26.57 22.09
N GLN F 164 -15.39 -26.53 20.90
CA GLN F 164 -14.80 -27.23 19.76
C GLN F 164 -13.48 -26.57 19.34
N LYS F 165 -12.51 -27.42 19.01
CA LYS F 165 -11.21 -26.97 18.53
C LYS F 165 -11.33 -26.61 17.05
N TYR F 166 -10.93 -25.38 16.69
CA TYR F 166 -10.43 -24.39 17.63
C TYR F 166 -11.26 -23.12 17.53
N LYS F 167 -12.43 -23.12 18.18
CA LYS F 167 -13.39 -22.03 18.05
C LYS F 167 -13.53 -21.24 19.35
N ALA F 168 -12.61 -21.40 20.29
CA ALA F 168 -12.67 -20.67 21.55
C ALA F 168 -12.47 -19.18 21.29
N LYS F 169 -13.31 -18.36 21.90
CA LYS F 169 -13.22 -16.91 21.82
C LYS F 169 -12.82 -16.34 23.17
N ILE F 170 -12.00 -15.29 23.14
CA ILE F 170 -11.73 -14.47 24.32
C ILE F 170 -12.20 -13.07 24.03
N VAL F 171 -12.92 -12.48 24.97
CA VAL F 171 -13.45 -11.13 24.81
C VAL F 171 -12.54 -10.15 25.55
N PHE F 172 -12.30 -9.00 24.92
CA PHE F 172 -11.53 -7.91 25.51
C PHE F 172 -12.37 -6.65 25.47
N ALA F 173 -11.92 -5.65 26.21
CA ALA F 173 -12.54 -4.33 26.23
C ALA F 173 -11.77 -3.39 25.33
N ALA F 174 -12.47 -2.56 24.57
CA ALA F 174 -11.82 -1.58 23.73
C ALA F 174 -10.93 -0.66 24.56
N GLY F 175 -9.78 -0.30 24.01
CA GLY F 175 -8.82 0.49 24.75
C GLY F 175 -7.90 -0.30 25.65
N ASN F 176 -8.07 -1.62 25.71
CA ASN F 176 -7.18 -2.47 26.48
C ASN F 176 -5.73 -2.30 26.03
N PHE F 177 -4.82 -2.49 26.98
CA PHE F 177 -3.40 -2.67 26.63
C PHE F 177 -2.81 -3.75 27.53
N TRP F 178 -2.27 -4.82 26.93
CA TRP F 178 -1.56 -5.81 27.73
C TRP F 178 -0.29 -6.31 27.07
N GLY F 179 0.27 -5.61 26.10
CA GLY F 179 1.59 -5.93 25.62
C GLY F 179 1.78 -5.55 24.17
N ARG F 180 2.87 -6.06 23.60
CA ARG F 180 3.30 -5.71 22.26
C ARG F 180 3.55 -6.94 21.39
N THR F 181 3.14 -8.12 21.83
CA THR F 181 3.18 -9.30 20.98
C THR F 181 2.10 -9.21 19.91
N LEU F 182 2.20 -10.10 18.91
CA LEU F 182 1.19 -10.12 17.84
C LEU F 182 -0.19 -10.41 18.41
N SER F 183 -0.26 -11.37 19.34
CA SER F 183 -1.50 -11.63 20.04
C SER F 183 -1.99 -10.38 20.74
N ALA F 184 -1.10 -9.74 21.49
CA ALA F 184 -1.47 -8.56 22.28
C ALA F 184 -2.07 -7.46 21.40
N ILE F 185 -1.39 -7.11 20.31
CA ILE F 185 -1.94 -6.07 19.44
C ILE F 185 -3.18 -6.53 18.68
N SER F 186 -3.39 -7.84 18.52
CA SER F 186 -4.60 -8.31 17.84
C SER F 186 -5.87 -8.02 18.62
N SER F 187 -5.78 -7.78 19.92
CA SER F 187 -6.95 -7.36 20.70
C SER F 187 -7.06 -5.85 20.81
N SER F 188 -6.10 -5.10 20.28
CA SER F 188 -6.02 -3.67 20.53
C SER F 188 -6.96 -2.89 19.60
N THR F 189 -7.49 -1.79 20.13
CA THR F 189 -8.23 -0.82 19.33
C THR F 189 -7.42 0.44 19.11
N ASP F 190 -6.13 0.43 19.42
CA ASP F 190 -5.26 1.57 19.21
C ASP F 190 -4.52 1.33 17.91
N PRO F 191 -4.82 2.08 16.84
CA PRO F 191 -4.18 1.83 15.54
C PRO F 191 -2.66 1.75 15.61
N THR F 192 -2.02 2.51 16.50
CA THR F 192 -0.56 2.46 16.58
C THR F 192 -0.06 1.12 17.10
N SER F 193 -0.89 0.38 17.85
CA SER F 193 -0.47 -0.95 18.27
C SER F 193 -0.51 -1.95 17.12
N TYR F 194 -1.58 -1.93 16.31
CA TYR F 194 -1.78 -3.00 15.34
C TYR F 194 -1.46 -2.61 13.90
N ASP F 195 -1.52 -1.33 13.54
CA ASP F 195 -1.39 -0.94 12.13
C ASP F 195 -0.05 -1.40 11.57
N GLY F 196 -0.10 -2.16 10.49
CA GLY F 196 1.12 -2.61 9.83
C GLY F 196 1.75 -3.83 10.47
N PHE F 197 1.06 -4.51 11.37
CA PHE F 197 1.59 -5.68 12.05
C PHE F 197 0.76 -6.93 11.83
N GLY F 198 -0.27 -6.87 10.99
CA GLY F 198 -1.09 -8.02 10.70
C GLY F 198 -0.42 -8.94 9.70
N PRO F 199 -1.06 -10.11 9.45
CA PRO F 199 -2.38 -10.53 9.91
C PRO F 199 -2.47 -10.81 11.41
N PHE F 200 -3.68 -10.94 11.92
CA PHE F 200 -3.94 -10.83 13.34
C PHE F 200 -4.52 -12.13 13.89
N MET F 201 -4.34 -12.31 15.19
CA MET F 201 -4.83 -13.50 15.87
C MET F 201 -6.36 -13.56 15.79
N PRO F 202 -6.93 -14.67 15.31
CA PRO F 202 -8.37 -14.85 15.38
C PRO F 202 -8.78 -15.31 16.78
N GLY F 203 -10.09 -15.29 17.02
CA GLY F 203 -10.61 -15.67 18.31
C GLY F 203 -10.65 -14.58 19.36
N PHE F 204 -10.31 -13.35 18.99
CA PHE F 204 -10.34 -12.21 19.91
C PHE F 204 -11.53 -11.32 19.56
N ASP F 205 -12.54 -11.31 20.43
CA ASP F 205 -13.69 -10.42 20.29
C ASP F 205 -13.43 -9.14 21.08
N ILE F 206 -13.97 -8.02 20.57
CA ILE F 206 -13.80 -6.72 21.20
C ILE F 206 -15.16 -6.13 21.52
N ILE F 207 -15.33 -5.67 22.76
CA ILE F 207 -16.54 -4.95 23.17
C ILE F 207 -16.11 -3.66 23.86
N PRO F 208 -17.01 -2.67 23.94
CA PRO F 208 -16.66 -1.45 24.67
C PRO F 208 -16.37 -1.72 26.14
N TYR F 209 -15.50 -0.89 26.70
CA TYR F 209 -15.21 -0.91 28.12
C TYR F 209 -16.40 -0.37 28.91
N ASN F 210 -16.47 -0.74 30.19
CA ASN F 210 -17.48 -0.22 31.11
C ASN F 210 -18.88 -0.35 30.52
N ASP F 211 -19.16 -1.54 29.97
CA ASP F 211 -20.42 -1.79 29.27
C ASP F 211 -20.88 -3.20 29.62
N LEU F 212 -21.68 -3.31 30.67
CA LEU F 212 -22.22 -4.60 31.08
C LEU F 212 -23.19 -5.18 30.04
N PRO F 213 -24.09 -4.38 29.44
CA PRO F 213 -24.96 -4.96 28.38
C PRO F 213 -24.19 -5.50 27.20
N ALA F 214 -23.13 -4.82 26.76
CA ALA F 214 -22.32 -5.35 25.66
C ALA F 214 -21.67 -6.66 26.06
N LEU F 215 -21.22 -6.77 27.31
CA LEU F 215 -20.63 -8.03 27.78
C LEU F 215 -21.65 -9.15 27.80
N GLU F 216 -22.84 -8.88 28.35
CA GLU F 216 -23.91 -9.88 28.34
C GLU F 216 -24.22 -10.33 26.93
N ARG F 217 -24.43 -9.39 26.00
CA ARG F 217 -24.63 -9.74 24.60
C ARG F 217 -23.49 -10.61 24.06
N ALA F 218 -22.24 -10.23 24.38
CA ALA F 218 -21.09 -10.98 23.89
C ALA F 218 -21.05 -12.40 24.45
N LEU F 219 -21.50 -12.60 25.68
CA LEU F 219 -21.39 -13.89 26.34
C LEU F 219 -22.51 -14.85 25.93
N GLN F 220 -23.31 -14.47 24.93
CA GLN F 220 -24.29 -15.41 24.38
C GLN F 220 -23.63 -16.49 23.55
N ASP F 221 -22.47 -16.19 22.96
CA ASP F 221 -21.73 -17.19 22.21
C ASP F 221 -21.17 -18.25 23.16
N PRO F 222 -21.60 -19.50 23.06
CA PRO F 222 -21.07 -20.53 23.98
C PRO F 222 -19.60 -20.83 23.78
N ASN F 223 -19.01 -20.43 22.66
CA ASN F 223 -17.59 -20.63 22.42
C ASN F 223 -16.71 -19.62 23.13
N VAL F 224 -17.29 -18.67 23.86
CA VAL F 224 -16.49 -17.75 24.66
C VAL F 224 -15.92 -18.50 25.85
N ALA F 225 -14.58 -18.48 25.98
CA ALA F 225 -13.91 -19.10 27.10
C ALA F 225 -13.61 -18.11 28.22
N ALA F 226 -13.31 -16.86 27.90
CA ALA F 226 -12.90 -15.93 28.94
C ALA F 226 -13.18 -14.49 28.51
N PHE F 227 -13.38 -13.64 29.50
CA PHE F 227 -13.37 -12.19 29.35
C PHE F 227 -12.21 -11.66 30.16
N MET F 228 -11.28 -10.98 29.51
CA MET F 228 -10.14 -10.43 30.21
C MET F 228 -10.24 -8.91 30.18
N VAL F 229 -10.01 -8.27 31.33
CA VAL F 229 -10.30 -6.85 31.49
C VAL F 229 -9.38 -6.27 32.55
N GLU F 230 -9.02 -4.99 32.37
CA GLU F 230 -8.29 -4.20 33.37
C GLU F 230 -9.29 -3.54 34.31
N PRO F 231 -9.12 -3.67 35.62
CA PRO F 231 -10.04 -2.97 36.54
C PRO F 231 -10.04 -1.47 36.33
N ILE F 232 -8.88 -0.89 35.99
CA ILE F 232 -8.79 0.46 35.46
C ILE F 232 -7.85 0.41 34.26
N GLN F 233 -8.24 1.04 33.17
CA GLN F 233 -7.47 0.96 31.94
C GLN F 233 -6.34 1.97 32.00
N GLY F 234 -5.12 1.48 32.17
CA GLY F 234 -3.96 2.33 32.30
C GLY F 234 -3.62 3.11 31.05
N GLU F 235 -3.00 2.45 30.07
CA GLU F 235 -2.48 3.18 28.91
C GLU F 235 -3.57 3.91 28.15
N ALA F 236 -4.83 3.54 28.31
CA ALA F 236 -5.90 4.29 27.69
C ALA F 236 -6.06 5.69 28.24
N GLY F 237 -5.49 5.96 29.40
CA GLY F 237 -5.60 7.27 30.03
C GLY F 237 -6.26 7.24 31.38
N VAL F 238 -5.98 6.20 32.17
CA VAL F 238 -6.58 6.00 33.49
C VAL F 238 -8.08 6.09 33.35
N VAL F 239 -8.69 5.12 32.68
CA VAL F 239 -10.13 5.10 32.51
C VAL F 239 -10.73 4.27 33.65
N VAL F 240 -11.44 4.92 34.55
CA VAL F 240 -12.07 4.24 35.69
C VAL F 240 -13.50 3.91 35.31
N PRO F 241 -13.88 2.63 35.27
CA PRO F 241 -15.26 2.29 34.92
C PRO F 241 -16.22 2.68 36.01
N ASP F 242 -17.50 2.44 35.79
CA ASP F 242 -18.50 2.92 36.73
C ASP F 242 -18.64 1.94 37.90
N PRO F 243 -19.04 2.44 39.07
CA PRO F 243 -19.28 1.56 40.22
C PRO F 243 -20.18 0.38 39.84
N GLY F 244 -19.79 -0.80 40.28
CA GLY F 244 -20.54 -2.00 39.99
C GLY F 244 -20.14 -2.71 38.72
N TYR F 245 -19.29 -2.10 37.90
CA TYR F 245 -18.86 -2.73 36.66
C TYR F 245 -18.18 -4.06 36.94
N LEU F 246 -17.23 -4.06 37.88
CA LEU F 246 -16.48 -5.27 38.19
C LEU F 246 -17.38 -6.35 38.78
N MET F 247 -18.30 -5.95 39.67
CA MET F 247 -19.29 -6.89 40.21
C MET F 247 -20.14 -7.49 39.08
N GLY F 248 -20.63 -6.64 38.17
CA GLY F 248 -21.43 -7.14 37.07
C GLY F 248 -20.66 -8.08 36.16
N VAL F 249 -19.38 -7.78 35.92
CA VAL F 249 -18.55 -8.66 35.11
C VAL F 249 -18.39 -10.01 35.77
N ARG F 250 -18.07 -10.01 37.07
CA ARG F 250 -18.01 -11.26 37.82
C ARG F 250 -19.30 -12.06 37.67
N GLU F 251 -20.45 -11.38 37.81
CA GLU F 251 -21.73 -12.08 37.79
C GLU F 251 -22.03 -12.63 36.41
N LEU F 252 -21.76 -11.86 35.35
CA LEU F 252 -22.02 -12.34 33.99
C LEU F 252 -21.08 -13.49 33.63
N CYS F 253 -19.81 -13.39 34.04
CA CYS F 253 -18.87 -14.48 33.78
C CYS F 253 -19.29 -15.76 34.49
N THR F 254 -19.72 -15.64 35.75
CA THR F 254 -20.19 -16.81 36.49
C THR F 254 -21.43 -17.42 35.85
N ARG F 255 -22.39 -16.57 35.43
CA ARG F 255 -23.64 -17.06 34.90
C ARG F 255 -23.45 -17.86 33.62
N HIS F 256 -22.49 -17.47 32.78
CA HIS F 256 -22.33 -18.08 31.46
C HIS F 256 -21.15 -19.05 31.39
N GLN F 257 -20.58 -19.42 32.54
CA GLN F 257 -19.41 -20.28 32.63
C GLN F 257 -18.26 -19.76 31.75
N VAL F 258 -17.88 -18.53 32.03
CA VAL F 258 -16.80 -17.84 31.34
C VAL F 258 -15.78 -17.40 32.36
N LEU F 259 -14.49 -17.56 32.04
CA LEU F 259 -13.44 -17.20 32.99
C LEU F 259 -13.23 -15.69 33.02
N PHE F 260 -13.24 -15.13 34.23
CA PHE F 260 -12.95 -13.73 34.45
C PHE F 260 -11.45 -13.58 34.66
N ILE F 261 -10.76 -12.99 33.69
CA ILE F 261 -9.36 -12.66 33.82
C ILE F 261 -9.24 -11.17 34.16
N ALA F 262 -8.66 -10.87 35.31
CA ALA F 262 -8.39 -9.51 35.72
C ALA F 262 -6.91 -9.22 35.52
N ASP F 263 -6.61 -8.28 34.62
CA ASP F 263 -5.23 -7.84 34.42
C ASP F 263 -4.95 -6.76 35.45
N GLU F 264 -4.30 -7.15 36.54
CA GLU F 264 -3.93 -6.24 37.61
C GLU F 264 -2.44 -5.95 37.58
N ILE F 265 -1.83 -6.12 36.40
CA ILE F 265 -0.40 -5.91 36.25
C ILE F 265 -0.05 -4.47 36.62
N GLN F 266 -0.86 -3.51 36.16
CA GLN F 266 -0.65 -2.10 36.50
C GLN F 266 -1.46 -1.66 37.72
N THR F 267 -2.68 -2.18 37.88
CA THR F 267 -3.57 -1.74 38.95
C THR F 267 -3.38 -2.50 40.25
N GLY F 268 -2.76 -3.68 40.22
CA GLY F 268 -2.58 -4.47 41.41
C GLY F 268 -1.45 -3.95 42.28
N LEU F 269 -1.32 -4.57 43.45
CA LEU F 269 -0.21 -4.33 44.37
C LEU F 269 -0.23 -2.90 44.90
N ALA F 270 -1.35 -2.53 45.53
CA ALA F 270 -1.49 -1.33 46.36
C ALA F 270 -1.65 -0.04 45.58
N ARG F 271 -1.34 -0.06 44.28
CA ARG F 271 -1.33 1.19 43.49
C ARG F 271 -2.66 1.94 43.58
N THR F 272 -3.78 1.23 43.50
CA THR F 272 -5.08 1.88 43.53
C THR F 272 -5.65 2.02 44.94
N GLY F 273 -4.90 1.65 45.97
CA GLY F 273 -5.37 1.72 47.34
C GLY F 273 -5.92 0.43 47.90
N ARG F 274 -5.79 -0.68 47.18
CA ARG F 274 -6.08 -2.01 47.68
C ARG F 274 -5.01 -2.95 47.14
N TRP F 275 -4.95 -4.17 47.71
CA TRP F 275 -4.06 -5.18 47.15
C TRP F 275 -4.36 -5.42 45.68
N LEU F 276 -5.65 -5.59 45.35
CA LEU F 276 -6.13 -5.66 43.98
C LEU F 276 -7.23 -4.62 43.81
N ALA F 277 -7.24 -3.96 42.66
CA ALA F 277 -8.30 -2.99 42.40
C ALA F 277 -9.68 -3.63 42.52
N VAL F 278 -9.82 -4.89 42.10
CA VAL F 278 -11.10 -5.58 42.20
C VAL F 278 -11.56 -5.71 43.64
N ASP F 279 -10.64 -5.59 44.61
CA ASP F 279 -11.02 -5.64 46.01
C ASP F 279 -12.01 -4.53 46.36
N TYR F 280 -11.98 -3.42 45.63
CA TYR F 280 -12.95 -2.35 45.89
C TYR F 280 -14.37 -2.85 45.78
N GLU F 281 -14.62 -3.85 44.94
CA GLU F 281 -15.97 -4.38 44.76
C GLU F 281 -16.11 -5.81 45.28
N ASN F 282 -15.12 -6.29 46.04
CA ASN F 282 -15.15 -7.61 46.65
C ASN F 282 -15.34 -8.70 45.59
N VAL F 283 -14.60 -8.56 44.49
CA VAL F 283 -14.74 -9.45 43.34
C VAL F 283 -13.56 -10.41 43.33
N ARG F 284 -13.85 -11.71 43.13
CA ARG F 284 -12.81 -12.72 43.02
C ARG F 284 -12.72 -13.17 41.57
N PRO F 285 -11.79 -12.64 40.77
CA PRO F 285 -11.64 -13.09 39.39
C PRO F 285 -11.21 -14.55 39.32
N ASP F 286 -11.43 -15.16 38.15
CA ASP F 286 -11.01 -16.54 37.96
C ASP F 286 -9.50 -16.64 37.74
N ILE F 287 -8.93 -15.66 37.03
CA ILE F 287 -7.49 -15.59 36.81
C ILE F 287 -7.05 -14.17 37.11
N VAL F 288 -5.92 -14.03 37.81
CA VAL F 288 -5.37 -12.73 38.18
C VAL F 288 -3.99 -12.59 37.58
N LEU F 289 -3.74 -11.46 36.90
CA LEU F 289 -2.46 -11.18 36.28
C LEU F 289 -1.69 -10.21 37.17
N LEU F 290 -0.43 -10.52 37.46
CA LEU F 290 0.42 -9.63 38.24
C LEU F 290 1.74 -9.39 37.52
N GLY F 291 2.25 -8.18 37.68
CA GLY F 291 3.62 -7.87 37.29
C GLY F 291 4.11 -6.57 37.88
N LYS F 292 5.09 -5.98 37.20
CA LYS F 292 5.52 -4.62 37.51
C LYS F 292 6.00 -4.45 38.94
N ALA F 293 5.13 -3.95 39.82
CA ALA F 293 5.48 -3.74 41.21
C ALA F 293 5.79 -5.04 41.94
N LEU F 294 5.55 -6.18 41.28
CA LEU F 294 5.85 -7.48 41.88
C LEU F 294 7.34 -7.64 42.17
N SER F 295 8.18 -6.86 41.51
CA SER F 295 9.62 -6.85 41.75
C SER F 295 10.15 -5.53 42.27
N GLY F 296 9.33 -4.49 42.34
CA GLY F 296 9.85 -3.17 42.66
C GLY F 296 10.75 -2.59 41.61
N GLY F 297 10.68 -3.10 40.38
CA GLY F 297 11.51 -2.61 39.29
C GLY F 297 12.86 -3.28 39.17
N LEU F 298 13.18 -4.24 40.03
CA LEU F 298 14.52 -4.82 40.07
C LEU F 298 14.70 -6.01 39.15
N TYR F 299 13.61 -6.58 38.64
CA TYR F 299 13.67 -7.82 37.86
C TYR F 299 12.34 -8.05 37.17
N PRO F 300 12.32 -8.37 35.87
CA PRO F 300 11.04 -8.67 35.22
C PRO F 300 10.41 -9.94 35.77
N VAL F 301 9.42 -9.79 36.65
CA VAL F 301 8.67 -10.91 37.22
C VAL F 301 7.18 -10.65 37.02
N SER F 302 6.49 -11.61 36.41
CA SER F 302 5.04 -11.60 36.32
C SER F 302 4.49 -12.92 36.86
N ALA F 303 3.21 -12.90 37.22
CA ALA F 303 2.56 -14.05 37.81
C ALA F 303 1.15 -14.21 37.23
N VAL F 304 0.72 -15.46 37.08
CA VAL F 304 -0.66 -15.78 36.75
C VAL F 304 -1.22 -16.61 37.90
N LEU F 305 -2.33 -16.18 38.48
CA LEU F 305 -2.89 -16.82 39.66
C LEU F 305 -4.25 -17.40 39.34
N CYS F 306 -4.47 -18.67 39.70
CA CYS F 306 -5.80 -19.27 39.56
C CYS F 306 -5.85 -20.57 40.37
N ASP F 307 -7.06 -21.11 40.48
CA ASP F 307 -7.30 -22.36 41.17
C ASP F 307 -6.93 -23.56 40.30
N ASP F 308 -7.03 -24.75 40.91
CA ASP F 308 -6.52 -25.97 40.29
C ASP F 308 -7.28 -26.32 39.01
N ASP F 309 -8.61 -26.17 39.03
CA ASP F 309 -9.41 -26.59 37.88
C ASP F 309 -9.06 -25.83 36.61
N ILE F 310 -8.48 -24.64 36.73
CA ILE F 310 -7.99 -23.90 35.57
C ILE F 310 -6.52 -24.17 35.32
N MET F 311 -5.70 -24.05 36.38
CA MET F 311 -4.25 -24.17 36.22
C MET F 311 -3.83 -25.54 35.69
N LEU F 312 -4.44 -26.61 36.20
CA LEU F 312 -3.99 -27.96 35.85
C LEU F 312 -4.48 -28.44 34.49
N THR F 313 -5.20 -27.61 33.73
CA THR F 313 -5.48 -27.96 32.35
C THR F 313 -4.23 -27.99 31.49
N ILE F 314 -3.16 -27.35 31.94
CA ILE F 314 -1.88 -27.34 31.23
C ILE F 314 -0.98 -28.40 31.86
N LYS F 315 -0.58 -29.38 31.05
CA LYS F 315 0.23 -30.52 31.50
C LYS F 315 1.71 -30.23 31.30
N PRO F 316 2.59 -31.03 31.91
CA PRO F 316 4.03 -30.81 31.74
C PRO F 316 4.45 -30.81 30.29
N GLY F 317 5.33 -29.86 29.95
CA GLY F 317 5.83 -29.72 28.61
C GLY F 317 5.01 -28.83 27.71
N GLU F 318 3.87 -28.33 28.18
CA GLU F 318 2.96 -27.57 27.34
C GLU F 318 3.06 -26.06 27.52
N HIS F 319 3.84 -25.58 28.49
CA HIS F 319 4.01 -24.13 28.67
C HIS F 319 5.18 -23.86 29.58
N GLY F 320 5.85 -22.73 29.33
CA GLY F 320 6.95 -22.32 30.19
C GLY F 320 7.68 -21.12 29.63
N SER F 321 8.92 -20.97 30.11
CA SER F 321 9.80 -19.83 29.81
C SER F 321 11.16 -20.13 30.43
N THR F 322 12.24 -19.76 29.73
CA THR F 322 13.58 -19.99 30.23
C THR F 322 13.76 -19.41 31.64
N TYR F 323 13.51 -18.11 31.79
CA TYR F 323 13.77 -17.42 33.05
C TYR F 323 12.60 -17.46 34.01
N GLY F 324 11.45 -17.98 33.59
CA GLY F 324 10.26 -18.00 34.43
C GLY F 324 10.46 -18.81 35.70
N GLY F 325 10.35 -18.16 36.85
CA GLY F 325 10.47 -18.85 38.12
C GLY F 325 11.89 -19.04 38.59
N ASN F 326 12.85 -18.34 37.99
CA ASN F 326 14.23 -18.41 38.44
C ASN F 326 14.34 -17.93 39.89
N PRO F 327 15.35 -18.39 40.63
CA PRO F 327 15.40 -18.09 42.07
C PRO F 327 15.63 -16.62 42.38
N LEU F 328 16.38 -15.91 41.54
CA LEU F 328 16.67 -14.51 41.81
C LEU F 328 15.41 -13.66 41.75
N GLY F 329 14.64 -13.81 40.67
CA GLY F 329 13.37 -13.11 40.58
C GLY F 329 12.43 -13.47 41.71
N CYS F 330 12.46 -14.73 42.16
CA CYS F 330 11.58 -15.16 43.24
C CYS F 330 11.96 -14.47 44.55
N ARG F 331 13.25 -14.37 44.86
CA ARG F 331 13.68 -13.65 46.05
C ARG F 331 13.23 -12.20 45.97
N VAL F 332 13.48 -11.55 44.82
CA VAL F 332 13.07 -10.17 44.61
C VAL F 332 11.56 -10.00 44.83
N ALA F 333 10.77 -10.93 44.28
CA ALA F 333 9.32 -10.83 44.39
C ALA F 333 8.85 -10.99 45.83
N ILE F 334 9.38 -11.99 46.56
CA ILE F 334 9.03 -12.14 47.97
C ILE F 334 9.31 -10.84 48.72
N ALA F 335 10.47 -10.23 48.45
CA ALA F 335 10.82 -8.99 49.15
C ALA F 335 9.88 -7.85 48.78
N ALA F 336 9.57 -7.68 47.49
CA ALA F 336 8.69 -6.60 47.05
C ALA F 336 7.31 -6.71 47.69
N LEU F 337 6.72 -7.90 47.66
CA LEU F 337 5.41 -8.08 48.29
C LEU F 337 5.49 -7.80 49.79
N GLU F 338 6.56 -8.29 50.43
CA GLU F 338 6.77 -8.02 51.85
C GLU F 338 6.81 -6.52 52.13
N VAL F 339 7.49 -5.75 51.27
CA VAL F 339 7.51 -4.30 51.43
C VAL F 339 6.09 -3.73 51.36
N LEU F 340 5.35 -4.12 50.32
CA LEU F 340 4.00 -3.57 50.17
C LEU F 340 3.14 -3.88 51.38
N GLU F 341 3.34 -5.05 52.00
CA GLU F 341 2.54 -5.40 53.18
C GLU F 341 3.00 -4.62 54.41
N GLU F 342 4.30 -4.65 54.70
CA GLU F 342 4.81 -4.13 55.96
C GLU F 342 4.57 -2.64 56.09
N GLU F 343 4.87 -1.88 55.04
CA GLU F 343 4.76 -0.42 55.09
C GLU F 343 3.36 0.08 54.74
N ASN F 344 2.39 -0.83 54.63
CA ASN F 344 0.97 -0.50 54.38
C ASN F 344 0.78 0.52 53.26
N LEU F 345 1.38 0.25 52.09
CA LEU F 345 1.28 1.19 50.97
C LEU F 345 -0.11 1.28 50.38
N ALA F 346 -0.97 0.27 50.55
CA ALA F 346 -2.32 0.35 50.01
C ALA F 346 -3.12 1.47 50.69
N GLU F 347 -3.09 1.50 52.02
CA GLU F 347 -3.77 2.57 52.75
C GLU F 347 -3.17 3.93 52.43
N ASN F 348 -1.83 3.99 52.35
CA ASN F 348 -1.16 5.24 51.98
C ASN F 348 -1.69 5.73 50.63
N ALA F 349 -1.72 4.83 49.65
CA ALA F 349 -2.22 5.20 48.33
C ALA F 349 -3.65 5.69 48.40
N ASP F 350 -4.50 5.03 49.18
CA ASP F 350 -5.90 5.43 49.23
C ASP F 350 -6.06 6.86 49.74
N LYS F 351 -5.53 7.13 50.94
CA LYS F 351 -5.69 8.46 51.53
C LYS F 351 -5.03 9.54 50.66
N LEU F 352 -3.79 9.28 50.23
CA LEU F 352 -3.05 10.31 49.50
C LEU F 352 -3.64 10.55 48.12
N GLY F 353 -4.24 9.53 47.50
CA GLY F 353 -4.94 9.74 46.25
C GLY F 353 -6.18 10.57 46.42
N ILE F 354 -6.92 10.33 47.51
CA ILE F 354 -8.01 11.24 47.86
C ILE F 354 -7.52 12.68 47.86
N ILE F 355 -6.43 12.93 48.58
CA ILE F 355 -5.89 14.28 48.68
C ILE F 355 -5.51 14.82 47.30
N LEU F 356 -4.82 14.00 46.50
CA LEU F 356 -4.31 14.46 45.21
C LEU F 356 -5.47 14.83 44.28
N ARG F 357 -6.48 13.97 44.18
CA ARG F 357 -7.61 14.27 43.32
C ARG F 357 -8.37 15.50 43.80
N ASN F 358 -8.56 15.62 45.12
CA ASN F 358 -9.22 16.82 45.65
C ASN F 358 -8.47 18.09 45.23
N GLU F 359 -7.16 18.11 45.42
CA GLU F 359 -6.39 19.30 45.04
C GLU F 359 -6.45 19.55 43.54
N LEU F 360 -6.45 18.49 42.74
CA LEU F 360 -6.46 18.66 41.28
C LEU F 360 -7.82 19.17 40.78
N MET F 361 -8.90 18.81 41.48
CA MET F 361 -10.23 19.30 41.14
C MET F 361 -10.38 20.80 41.35
N LYS F 362 -9.53 21.40 42.20
CA LYS F 362 -9.59 22.83 42.46
C LYS F 362 -9.09 23.65 41.29
N LEU F 363 -8.32 23.05 40.38
CA LEU F 363 -7.86 23.76 39.21
C LEU F 363 -9.05 24.15 38.33
N PRO F 364 -8.92 25.19 37.52
CA PRO F 364 -10.09 25.72 36.80
C PRO F 364 -10.58 24.77 35.71
N SER F 365 -11.89 24.50 35.74
CA SER F 365 -12.52 23.59 34.78
C SER F 365 -12.32 24.02 33.34
N ASP F 366 -11.98 25.29 33.10
CA ASP F 366 -11.78 25.77 31.75
C ASP F 366 -10.41 25.36 31.19
N VAL F 367 -9.53 24.81 32.02
CA VAL F 367 -8.21 24.38 31.60
C VAL F 367 -7.98 22.90 31.86
N VAL F 368 -8.44 22.39 32.99
CA VAL F 368 -8.46 20.96 33.29
C VAL F 368 -9.91 20.50 33.21
N THR F 369 -10.23 19.71 32.19
CA THR F 369 -11.61 19.31 32.01
C THR F 369 -11.99 18.13 32.88
N ALA F 370 -11.02 17.36 33.37
CA ALA F 370 -11.41 16.23 34.22
C ALA F 370 -10.24 15.76 35.06
N VAL F 371 -10.56 15.19 36.22
CA VAL F 371 -9.60 14.49 37.07
C VAL F 371 -10.22 13.16 37.46
N ARG F 372 -9.49 12.07 37.26
CA ARG F 372 -10.04 10.75 37.50
C ARG F 372 -8.97 9.82 38.02
N GLY F 373 -9.38 8.83 38.80
CA GLY F 373 -8.49 7.74 39.16
C GLY F 373 -8.90 7.14 40.48
N LYS F 374 -8.07 6.22 40.96
CA LYS F 374 -8.20 5.65 42.29
C LYS F 374 -6.82 5.48 42.89
N GLY F 375 -6.75 5.61 44.21
CA GLY F 375 -5.46 5.63 44.90
C GLY F 375 -4.52 6.62 44.25
N LEU F 376 -3.28 6.21 44.02
CA LEU F 376 -2.29 7.03 43.32
C LEU F 376 -2.15 6.66 41.86
N LEU F 377 -3.21 6.14 41.27
CA LEU F 377 -3.32 5.98 39.83
C LEU F 377 -4.34 7.04 39.40
N ASN F 378 -3.87 8.17 38.87
CA ASN F 378 -4.77 9.25 38.53
C ASN F 378 -4.33 9.86 37.22
N ALA F 379 -5.25 10.56 36.57
CA ALA F 379 -4.91 11.39 35.42
C ALA F 379 -5.79 12.63 35.41
N ILE F 380 -5.30 13.63 34.66
CA ILE F 380 -6.08 14.81 34.34
C ILE F 380 -6.25 14.89 32.83
N VAL F 381 -7.42 15.41 32.43
CA VAL F 381 -7.73 15.76 31.05
C VAL F 381 -7.76 17.27 30.97
N ILE F 382 -6.95 17.83 30.05
CA ILE F 382 -6.81 19.26 29.80
C ILE F 382 -7.57 19.64 28.54
N LYS F 383 -7.96 20.92 28.47
CA LYS F 383 -8.62 21.48 27.29
C LYS F 383 -7.56 21.76 26.23
N GLU F 384 -7.18 20.68 25.53
CA GLU F 384 -6.14 20.78 24.51
C GLU F 384 -6.51 21.81 23.45
N THR F 385 -5.50 22.53 22.97
CA THR F 385 -5.65 23.49 21.89
C THR F 385 -4.60 23.18 20.83
N LYS F 386 -4.63 23.95 19.73
CA LYS F 386 -3.63 23.77 18.69
C LYS F 386 -2.24 24.07 19.23
N ASP F 387 -2.13 25.05 20.11
CA ASP F 387 -0.86 25.53 20.64
C ASP F 387 -0.49 24.93 21.99
N TRP F 388 -1.44 24.35 22.73
CA TRP F 388 -1.23 23.91 24.10
C TRP F 388 -1.74 22.49 24.25
N ASP F 389 -0.83 21.55 24.55
CA ASP F 389 -1.17 20.13 24.67
C ASP F 389 -0.48 19.53 25.88
N ALA F 390 -0.73 18.25 26.13
CA ALA F 390 -0.19 17.59 27.31
C ALA F 390 1.32 17.42 27.22
N TRP F 391 1.87 17.30 26.01
CA TRP F 391 3.32 17.20 25.85
C TRP F 391 4.01 18.45 26.37
N LYS F 392 3.54 19.63 25.95
CA LYS F 392 4.14 20.88 26.41
C LYS F 392 4.05 21.01 27.93
N VAL F 393 2.90 20.61 28.50
CA VAL F 393 2.74 20.64 29.95
C VAL F 393 3.78 19.76 30.61
N CYS F 394 3.98 18.55 30.09
CA CYS F 394 4.99 17.67 30.69
C CYS F 394 6.40 18.23 30.53
N LEU F 395 6.68 18.91 29.41
CA LEU F 395 7.96 19.58 29.25
C LEU F 395 8.18 20.59 30.37
N ARG F 396 7.17 21.40 30.65
CA ARG F 396 7.34 22.43 31.67
C ARG F 396 7.33 21.83 33.07
N LEU F 397 6.55 20.77 33.30
CA LEU F 397 6.61 20.04 34.56
C LEU F 397 8.02 19.53 34.82
N ARG F 398 8.65 18.96 33.79
CA ARG F 398 10.05 18.58 33.87
C ARG F 398 10.91 19.78 34.26
N ASP F 399 10.73 20.89 33.55
CA ASP F 399 11.47 22.12 33.85
C ASP F 399 11.32 22.53 35.31
N ASN F 400 10.17 22.23 35.93
CA ASN F 400 9.94 22.54 37.33
C ASN F 400 10.12 21.32 38.24
N GLY F 401 10.91 20.34 37.79
CA GLY F 401 11.29 19.22 38.65
C GLY F 401 10.22 18.19 38.93
N LEU F 402 9.34 17.90 37.96
CA LEU F 402 8.35 16.85 38.11
C LEU F 402 8.20 16.12 36.78
N LEU F 403 8.34 14.80 36.81
CA LEU F 403 8.29 13.96 35.61
C LEU F 403 6.95 13.23 35.55
N ALA F 404 6.23 13.42 34.45
CA ALA F 404 4.94 12.77 34.23
C ALA F 404 4.85 12.36 32.77
N LYS F 405 3.88 11.51 32.45
CA LYS F 405 3.78 11.01 31.08
C LYS F 405 2.46 11.44 30.47
N PRO F 406 2.49 12.04 29.27
CA PRO F 406 1.25 12.34 28.55
C PRO F 406 0.80 11.18 27.67
N THR F 407 -0.48 10.84 27.76
CA THR F 407 -1.12 10.02 26.75
C THR F 407 -1.94 10.93 25.84
N HIS F 408 -1.78 10.71 24.54
CA HIS F 408 -2.37 11.50 23.46
C HIS F 408 -1.98 12.97 23.65
N GLY F 409 -2.82 13.89 23.22
CA GLY F 409 -2.56 15.30 23.38
C GLY F 409 -3.22 15.94 24.57
N ASP F 410 -4.02 15.19 25.33
CA ASP F 410 -4.88 15.79 26.33
C ASP F 410 -4.88 15.10 27.70
N ILE F 411 -4.18 13.98 27.87
CA ILE F 411 -4.23 13.27 29.14
C ILE F 411 -2.83 13.28 29.75
N ILE F 412 -2.74 13.67 31.02
CA ILE F 412 -1.49 13.60 31.77
C ILE F 412 -1.70 12.70 32.96
N ARG F 413 -0.88 11.65 33.08
CA ARG F 413 -0.99 10.77 34.22
C ARG F 413 -0.21 11.30 35.42
N PHE F 414 -0.77 11.12 36.61
CA PHE F 414 -0.12 11.40 37.88
C PHE F 414 -0.15 10.13 38.72
N ALA F 415 1.02 9.53 38.90
CA ALA F 415 1.16 8.26 39.62
C ALA F 415 2.52 8.21 40.28
N PRO F 416 2.67 8.83 41.45
CA PRO F 416 3.95 8.77 42.17
C PRO F 416 4.08 7.47 42.96
N PRO F 417 5.29 7.08 43.33
CA PRO F 417 5.47 5.89 44.17
C PRO F 417 4.66 5.99 45.45
N LEU F 418 4.19 4.84 45.92
CA LEU F 418 3.30 4.80 47.08
C LEU F 418 4.00 5.10 48.39
N VAL F 419 5.33 5.23 48.38
CA VAL F 419 6.08 5.60 49.58
C VAL F 419 6.11 7.11 49.78
N ILE F 420 5.60 7.88 48.82
CA ILE F 420 5.54 9.33 48.97
C ILE F 420 4.83 9.71 50.25
N LYS F 421 5.28 10.79 50.87
CA LYS F 421 4.71 11.34 52.09
C LYS F 421 3.77 12.49 51.74
N GLU F 422 2.93 12.86 52.70
CA GLU F 422 1.91 13.88 52.45
C GLU F 422 2.55 15.23 52.08
N ASP F 423 3.57 15.64 52.83
CA ASP F 423 4.22 16.91 52.54
C ASP F 423 4.85 16.90 51.15
N GLU F 424 5.46 15.77 50.77
CA GLU F 424 6.06 15.67 49.45
C GLU F 424 4.98 15.70 48.37
N LEU F 425 3.85 15.07 48.65
CA LEU F 425 2.72 15.07 47.73
C LEU F 425 2.22 16.49 47.49
N ARG F 426 2.03 17.26 48.58
CA ARG F 426 1.59 18.64 48.43
C ARG F 426 2.65 19.51 47.73
N GLU F 427 3.94 19.24 47.96
CA GLU F 427 4.98 19.98 47.24
C GLU F 427 4.88 19.73 45.74
N SER F 428 4.66 18.48 45.35
CA SER F 428 4.49 18.16 43.94
C SER F 428 3.21 18.77 43.38
N ILE F 429 2.14 18.78 44.18
CA ILE F 429 0.89 19.44 43.78
C ILE F 429 1.15 20.93 43.52
N GLU F 430 1.97 21.56 44.36
CA GLU F 430 2.35 22.95 44.10
C GLU F 430 3.03 23.07 42.74
N ILE F 431 3.96 22.16 42.45
CA ILE F 431 4.64 22.18 41.14
C ILE F 431 3.61 22.06 40.01
N ILE F 432 2.65 21.16 40.18
CA ILE F 432 1.64 20.93 39.15
C ILE F 432 0.79 22.18 38.92
N ASN F 433 0.24 22.74 40.00
CA ASN F 433 -0.53 23.98 39.89
C ASN F 433 0.28 25.08 39.20
N LYS F 434 1.50 25.33 39.68
CA LYS F 434 2.33 26.37 39.10
C LYS F 434 2.53 26.16 37.60
N THR F 435 2.77 24.91 37.19
CA THR F 435 3.01 24.65 35.78
C THR F 435 1.76 24.87 34.95
N ILE F 436 0.63 24.30 35.37
CA ILE F 436 -0.62 24.42 34.61
C ILE F 436 -1.06 25.88 34.50
N LEU F 437 -0.98 26.64 35.58
CA LEU F 437 -1.41 28.03 35.59
C LEU F 437 -0.37 28.98 34.97
N SER F 438 0.78 28.48 34.51
CA SER F 438 1.80 29.32 33.87
C SER F 438 1.53 29.61 32.39
N PHE F 439 0.95 28.67 31.65
CA PHE F 439 0.58 28.87 30.24
C PHE F 439 -0.28 30.10 29.93
#